data_6L64
# 
_entry.id   6L64 
# 
_audit_conform.dict_name       mmcif_pdbx.dic 
_audit_conform.dict_version    5.380 
_audit_conform.dict_location   http://mmcif.pdb.org/dictionaries/ascii/mmcif_pdbx.dic 
# 
loop_
_database_2.database_id 
_database_2.database_code 
_database_2.pdbx_database_accession 
_database_2.pdbx_DOI 
PDB   6L64         pdb_00006l64 10.2210/pdb6l64/pdb 
WWPDB D_1300014280 ?            ?                   
# 
_pdbx_database_status.status_code                     REL 
_pdbx_database_status.status_code_sf                  REL 
_pdbx_database_status.status_code_mr                  ? 
_pdbx_database_status.entry_id                        6L64 
_pdbx_database_status.recvd_initial_deposition_date   2019-10-28 
_pdbx_database_status.SG_entry                        N 
_pdbx_database_status.deposit_site                    PDBJ 
_pdbx_database_status.process_site                    PDBJ 
_pdbx_database_status.status_code_cs                  ? 
_pdbx_database_status.methods_development_category    ? 
_pdbx_database_status.pdb_format_compatible           Y 
_pdbx_database_status.status_code_nmr_data            ? 
# 
_audit_author.name               'Kamitori, S.' 
_audit_author.pdbx_ordinal       1 
_audit_author.identifier_ORCID   0000-0002-3950-3372 
# 
_citation.abstract                  ? 
_citation.abstract_id_CAS           ? 
_citation.book_id_ISBN              ? 
_citation.book_publisher            ? 
_citation.book_publisher_city       ? 
_citation.book_title                ? 
_citation.coordinate_linkage        ? 
_citation.country                   US 
_citation.database_id_Medline       ? 
_citation.details                   ? 
_citation.id                        primary 
_citation.journal_abbrev            Biochem.Biophys.Res.Commun. 
_citation.journal_id_ASTM           BBRCA9 
_citation.journal_id_CSD            0146 
_citation.journal_id_ISSN           1090-2104 
_citation.journal_full              ? 
_citation.journal_issue             ? 
_citation.journal_volume            ? 
_citation.language                  ? 
_citation.page_first                ? 
_citation.page_last                 ? 
_citation.title                     
;Structures of human galectin-10/monosaccharide complexes demonstrate potential of monosaccharides as effectors in forming Charcot-Leyden crystals.
;
_citation.year                      2020 
_citation.database_id_CSD           ? 
_citation.pdbx_database_id_DOI      10.1016/j.bbrc.2020.02.037 
_citation.pdbx_database_id_PubMed   32081418 
_citation.unpublished_flag          ? 
# 
loop_
_citation_author.citation_id 
_citation_author.name 
_citation_author.ordinal 
_citation_author.identifier_ORCID 
primary 'Itoh, A.'       1 ? 
primary 'Nonaka, Y.'     2 ? 
primary 'Nakakita, S.I.' 3 ? 
primary 'Yoshida, H.'    4 ? 
primary 'Nishi, N.'      5 ? 
primary 'Nakamura, T.'   6 ? 
primary 'Kamitori, S.'   7 ? 
# 
_cell.angle_alpha                  90.000 
_cell.angle_alpha_esd              ? 
_cell.angle_beta                   90.000 
_cell.angle_beta_esd               ? 
_cell.angle_gamma                  120.000 
_cell.angle_gamma_esd              ? 
_cell.entry_id                     6L64 
_cell.details                      ? 
_cell.formula_units_Z              ? 
_cell.length_a                     48.650 
_cell.length_a_esd                 ? 
_cell.length_b                     48.650 
_cell.length_b_esd                 ? 
_cell.length_c                     259.230 
_cell.length_c_esd                 ? 
_cell.volume                       ? 
_cell.volume_esd                   ? 
_cell.Z_PDB                        12 
_cell.reciprocal_angle_alpha       ? 
_cell.reciprocal_angle_beta        ? 
_cell.reciprocal_angle_gamma       ? 
_cell.reciprocal_angle_alpha_esd   ? 
_cell.reciprocal_angle_beta_esd    ? 
_cell.reciprocal_angle_gamma_esd   ? 
_cell.reciprocal_length_a          ? 
_cell.reciprocal_length_b          ? 
_cell.reciprocal_length_c          ? 
_cell.reciprocal_length_a_esd      ? 
_cell.reciprocal_length_b_esd      ? 
_cell.reciprocal_length_c_esd      ? 
_cell.pdbx_unique_axis             ? 
# 
_symmetry.entry_id                         6L64 
_symmetry.cell_setting                     ? 
_symmetry.Int_Tables_number                179 
_symmetry.space_group_name_Hall            ? 
_symmetry.space_group_name_H-M             'P 65 2 2' 
_symmetry.pdbx_full_space_group_name_H-M   ? 
# 
loop_
_entity.id 
_entity.type 
_entity.src_method 
_entity.pdbx_description 
_entity.formula_weight 
_entity.pdbx_number_of_molecules 
_entity.pdbx_ec 
_entity.pdbx_mutation 
_entity.pdbx_fragment 
_entity.details 
1 polymer     man Galectin-10          16644.016 1  ? ? ? ? 
2 non-polymer man beta-D-glucopyranose 180.156   3  ? ? ? ? 
3 water       nat water                18.015    30 ? ? ? ? 
# 
_entity_name_com.entity_id   1 
_entity_name_com.name        'Gal-10,Charcot-Leyden crystal protein,CLC,Eosinophil lysophospholipase,Lysolecithin acylhydrolase' 
# 
_entity_poly.entity_id                      1 
_entity_poly.type                           'polypeptide(L)' 
_entity_poly.nstd_linkage                   no 
_entity_poly.nstd_monomer                   no 
_entity_poly.pdbx_seq_one_letter_code       
;GSMSLLPVPYTEAASLSTGSTVTIKGRPLVCFLNEPYLQVDFHTEMKEESDIVFHFQVCFGRRVVMNSREYGAWKQQVES
KNMPFQDGQEFELSISVLPDKYQVMVNGQSSYTFDHRIKPEAVKMVQVWRDISLTKFNVSYLKR
;
_entity_poly.pdbx_seq_one_letter_code_can   
;GSMSLLPVPYTEAASLSTGSTVTIKGRPLVCFLNEPYLQVDFHTEMKEESDIVFHFQVCFGRRVVMNSREYGAWKQQVES
KNMPFQDGQEFELSISVLPDKYQVMVNGQSSYTFDHRIKPEAVKMVQVWRDISLTKFNVSYLKR
;
_entity_poly.pdbx_strand_id                 A 
_entity_poly.pdbx_target_identifier         ? 
# 
loop_
_entity_poly_seq.entity_id 
_entity_poly_seq.num 
_entity_poly_seq.mon_id 
_entity_poly_seq.hetero 
1 1   GLY n 
1 2   SER n 
1 3   MET n 
1 4   SER n 
1 5   LEU n 
1 6   LEU n 
1 7   PRO n 
1 8   VAL n 
1 9   PRO n 
1 10  TYR n 
1 11  THR n 
1 12  GLU n 
1 13  ALA n 
1 14  ALA n 
1 15  SER n 
1 16  LEU n 
1 17  SER n 
1 18  THR n 
1 19  GLY n 
1 20  SER n 
1 21  THR n 
1 22  VAL n 
1 23  THR n 
1 24  ILE n 
1 25  LYS n 
1 26  GLY n 
1 27  ARG n 
1 28  PRO n 
1 29  LEU n 
1 30  VAL n 
1 31  CYS n 
1 32  PHE n 
1 33  LEU n 
1 34  ASN n 
1 35  GLU n 
1 36  PRO n 
1 37  TYR n 
1 38  LEU n 
1 39  GLN n 
1 40  VAL n 
1 41  ASP n 
1 42  PHE n 
1 43  HIS n 
1 44  THR n 
1 45  GLU n 
1 46  MET n 
1 47  LYS n 
1 48  GLU n 
1 49  GLU n 
1 50  SER n 
1 51  ASP n 
1 52  ILE n 
1 53  VAL n 
1 54  PHE n 
1 55  HIS n 
1 56  PHE n 
1 57  GLN n 
1 58  VAL n 
1 59  CYS n 
1 60  PHE n 
1 61  GLY n 
1 62  ARG n 
1 63  ARG n 
1 64  VAL n 
1 65  VAL n 
1 66  MET n 
1 67  ASN n 
1 68  SER n 
1 69  ARG n 
1 70  GLU n 
1 71  TYR n 
1 72  GLY n 
1 73  ALA n 
1 74  TRP n 
1 75  LYS n 
1 76  GLN n 
1 77  GLN n 
1 78  VAL n 
1 79  GLU n 
1 80  SER n 
1 81  LYS n 
1 82  ASN n 
1 83  MET n 
1 84  PRO n 
1 85  PHE n 
1 86  GLN n 
1 87  ASP n 
1 88  GLY n 
1 89  GLN n 
1 90  GLU n 
1 91  PHE n 
1 92  GLU n 
1 93  LEU n 
1 94  SER n 
1 95  ILE n 
1 96  SER n 
1 97  VAL n 
1 98  LEU n 
1 99  PRO n 
1 100 ASP n 
1 101 LYS n 
1 102 TYR n 
1 103 GLN n 
1 104 VAL n 
1 105 MET n 
1 106 VAL n 
1 107 ASN n 
1 108 GLY n 
1 109 GLN n 
1 110 SER n 
1 111 SER n 
1 112 TYR n 
1 113 THR n 
1 114 PHE n 
1 115 ASP n 
1 116 HIS n 
1 117 ARG n 
1 118 ILE n 
1 119 LYS n 
1 120 PRO n 
1 121 GLU n 
1 122 ALA n 
1 123 VAL n 
1 124 LYS n 
1 125 MET n 
1 126 VAL n 
1 127 GLN n 
1 128 VAL n 
1 129 TRP n 
1 130 ARG n 
1 131 ASP n 
1 132 ILE n 
1 133 SER n 
1 134 LEU n 
1 135 THR n 
1 136 LYS n 
1 137 PHE n 
1 138 ASN n 
1 139 VAL n 
1 140 SER n 
1 141 TYR n 
1 142 LEU n 
1 143 LYS n 
1 144 ARG n 
# 
_entity_src_gen.entity_id                          1 
_entity_src_gen.pdbx_src_id                        1 
_entity_src_gen.pdbx_alt_source_flag               sample 
_entity_src_gen.pdbx_seq_type                      'Biological sequence' 
_entity_src_gen.pdbx_beg_seq_num                   1 
_entity_src_gen.pdbx_end_seq_num                   144 
_entity_src_gen.gene_src_common_name               Human 
_entity_src_gen.gene_src_genus                     ? 
_entity_src_gen.pdbx_gene_src_gene                 'CLC, LGALS10, LGALS10A' 
_entity_src_gen.gene_src_species                   ? 
_entity_src_gen.gene_src_strain                    ? 
_entity_src_gen.gene_src_tissue                    ? 
_entity_src_gen.gene_src_tissue_fraction           ? 
_entity_src_gen.gene_src_details                   ? 
_entity_src_gen.pdbx_gene_src_fragment             ? 
_entity_src_gen.pdbx_gene_src_scientific_name      'Homo sapiens' 
_entity_src_gen.pdbx_gene_src_ncbi_taxonomy_id     9606 
_entity_src_gen.pdbx_gene_src_variant              ? 
_entity_src_gen.pdbx_gene_src_cell_line            ? 
_entity_src_gen.pdbx_gene_src_atcc                 ? 
_entity_src_gen.pdbx_gene_src_organ                ? 
_entity_src_gen.pdbx_gene_src_organelle            ? 
_entity_src_gen.pdbx_gene_src_cell                 ? 
_entity_src_gen.pdbx_gene_src_cellular_location    ? 
_entity_src_gen.host_org_common_name               ? 
_entity_src_gen.pdbx_host_org_scientific_name      'Escherichia coli' 
_entity_src_gen.pdbx_host_org_ncbi_taxonomy_id     562 
_entity_src_gen.host_org_genus                     ? 
_entity_src_gen.pdbx_host_org_gene                 ? 
_entity_src_gen.pdbx_host_org_organ                ? 
_entity_src_gen.host_org_species                   ? 
_entity_src_gen.pdbx_host_org_tissue               ? 
_entity_src_gen.pdbx_host_org_tissue_fraction      ? 
_entity_src_gen.pdbx_host_org_strain               ? 
_entity_src_gen.pdbx_host_org_variant              ? 
_entity_src_gen.pdbx_host_org_cell_line            ? 
_entity_src_gen.pdbx_host_org_atcc                 ? 
_entity_src_gen.pdbx_host_org_culture_collection   ? 
_entity_src_gen.pdbx_host_org_cell                 ? 
_entity_src_gen.pdbx_host_org_organelle            ? 
_entity_src_gen.pdbx_host_org_cellular_location    ? 
_entity_src_gen.pdbx_host_org_vector_type          ? 
_entity_src_gen.pdbx_host_org_vector               ? 
_entity_src_gen.host_org_details                   ? 
_entity_src_gen.expression_system_id               ? 
_entity_src_gen.plasmid_name                       ? 
_entity_src_gen.plasmid_details                    ? 
_entity_src_gen.pdbx_description                   ? 
# 
_struct_ref.id                         1 
_struct_ref.db_name                    UNP 
_struct_ref.db_code                    LEG10_HUMAN 
_struct_ref.pdbx_db_accession          Q05315 
_struct_ref.pdbx_db_isoform            ? 
_struct_ref.entity_id                  1 
_struct_ref.pdbx_seq_one_letter_code   
;MSLLPVPYTEAASLSTGSTVTIKGRPLACFLNEPYLQVDFHTEMKEESDIVFHFQVCFGRRVVMNSREYGAWKQQVESKN
MPFQDGQEFELSISVLPDKYQVMVNGQSSYTFDHRIKPEAVKMVQVWRDISLTKFNVSYLKR
;
_struct_ref.pdbx_align_begin           1 
# 
_struct_ref_seq.align_id                      1 
_struct_ref_seq.ref_id                        1 
_struct_ref_seq.pdbx_PDB_id_code              6L64 
_struct_ref_seq.pdbx_strand_id                A 
_struct_ref_seq.seq_align_beg                 3 
_struct_ref_seq.pdbx_seq_align_beg_ins_code   ? 
_struct_ref_seq.seq_align_end                 144 
_struct_ref_seq.pdbx_seq_align_end_ins_code   ? 
_struct_ref_seq.pdbx_db_accession             Q05315 
_struct_ref_seq.db_align_beg                  1 
_struct_ref_seq.pdbx_db_align_beg_ins_code    ? 
_struct_ref_seq.db_align_end                  142 
_struct_ref_seq.pdbx_db_align_end_ins_code    ? 
_struct_ref_seq.pdbx_auth_seq_align_beg       1 
_struct_ref_seq.pdbx_auth_seq_align_end       142 
# 
loop_
_struct_ref_seq_dif.align_id 
_struct_ref_seq_dif.pdbx_pdb_id_code 
_struct_ref_seq_dif.mon_id 
_struct_ref_seq_dif.pdbx_pdb_strand_id 
_struct_ref_seq_dif.seq_num 
_struct_ref_seq_dif.pdbx_pdb_ins_code 
_struct_ref_seq_dif.pdbx_seq_db_name 
_struct_ref_seq_dif.pdbx_seq_db_accession_code 
_struct_ref_seq_dif.db_mon_id 
_struct_ref_seq_dif.pdbx_seq_db_seq_num 
_struct_ref_seq_dif.details 
_struct_ref_seq_dif.pdbx_auth_seq_num 
_struct_ref_seq_dif.pdbx_ordinal 
1 6L64 GLY A 1  ? UNP Q05315 ?   ?  'expression tag' -1 1 
1 6L64 SER A 2  ? UNP Q05315 ?   ?  'expression tag' 0  2 
1 6L64 VAL A 30 ? UNP Q05315 ALA 28 variant          28 3 
# 
loop_
_chem_comp.id 
_chem_comp.type 
_chem_comp.mon_nstd_flag 
_chem_comp.name 
_chem_comp.pdbx_synonyms 
_chem_comp.formula 
_chem_comp.formula_weight 
ALA 'L-peptide linking'          y ALANINE              ?                                    'C3 H7 N O2'     89.093  
ARG 'L-peptide linking'          y ARGININE             ?                                    'C6 H15 N4 O2 1' 175.209 
ASN 'L-peptide linking'          y ASPARAGINE           ?                                    'C4 H8 N2 O3'    132.118 
ASP 'L-peptide linking'          y 'ASPARTIC ACID'      ?                                    'C4 H7 N O4'     133.103 
BGC 'D-saccharide, beta linking' . beta-D-glucopyranose 'beta-D-glucose; D-glucose; glucose' 'C6 H12 O6'      180.156 
CYS 'L-peptide linking'          y CYSTEINE             ?                                    'C3 H7 N O2 S'   121.158 
GLN 'L-peptide linking'          y GLUTAMINE            ?                                    'C5 H10 N2 O3'   146.144 
GLU 'L-peptide linking'          y 'GLUTAMIC ACID'      ?                                    'C5 H9 N O4'     147.129 
GLY 'peptide linking'            y GLYCINE              ?                                    'C2 H5 N O2'     75.067  
HIS 'L-peptide linking'          y HISTIDINE            ?                                    'C6 H10 N3 O2 1' 156.162 
HOH non-polymer                  . WATER                ?                                    'H2 O'           18.015  
ILE 'L-peptide linking'          y ISOLEUCINE           ?                                    'C6 H13 N O2'    131.173 
LEU 'L-peptide linking'          y LEUCINE              ?                                    'C6 H13 N O2'    131.173 
LYS 'L-peptide linking'          y LYSINE               ?                                    'C6 H15 N2 O2 1' 147.195 
MET 'L-peptide linking'          y METHIONINE           ?                                    'C5 H11 N O2 S'  149.211 
PHE 'L-peptide linking'          y PHENYLALANINE        ?                                    'C9 H11 N O2'    165.189 
PRO 'L-peptide linking'          y PROLINE              ?                                    'C5 H9 N O2'     115.130 
SER 'L-peptide linking'          y SERINE               ?                                    'C3 H7 N O3'     105.093 
THR 'L-peptide linking'          y THREONINE            ?                                    'C4 H9 N O3'     119.119 
TRP 'L-peptide linking'          y TRYPTOPHAN           ?                                    'C11 H12 N2 O2'  204.225 
TYR 'L-peptide linking'          y TYROSINE             ?                                    'C9 H11 N O3'    181.189 
VAL 'L-peptide linking'          y VALINE               ?                                    'C5 H11 N O2'    117.146 
# 
_exptl.absorpt_coefficient_mu     ? 
_exptl.absorpt_correction_T_max   ? 
_exptl.absorpt_correction_T_min   ? 
_exptl.absorpt_correction_type    ? 
_exptl.absorpt_process_details    ? 
_exptl.entry_id                   6L64 
_exptl.crystals_number            1 
_exptl.details                    ? 
_exptl.method                     'X-RAY DIFFRACTION' 
_exptl.method_details             ? 
# 
_exptl_crystal.colour                      ? 
_exptl_crystal.density_diffrn              ? 
_exptl_crystal.density_Matthews            2.66 
_exptl_crystal.density_method              ? 
_exptl_crystal.density_percent_sol         53.77 
_exptl_crystal.description                 ? 
_exptl_crystal.F_000                       ? 
_exptl_crystal.id                          1 
_exptl_crystal.preparation                 ? 
_exptl_crystal.size_max                    ? 
_exptl_crystal.size_mid                    ? 
_exptl_crystal.size_min                    ? 
_exptl_crystal.size_rad                    ? 
_exptl_crystal.colour_lustre               ? 
_exptl_crystal.colour_modifier             ? 
_exptl_crystal.colour_primary              ? 
_exptl_crystal.density_meas                ? 
_exptl_crystal.density_meas_esd            ? 
_exptl_crystal.density_meas_gt             ? 
_exptl_crystal.density_meas_lt             ? 
_exptl_crystal.density_meas_temp           ? 
_exptl_crystal.density_meas_temp_esd       ? 
_exptl_crystal.density_meas_temp_gt        ? 
_exptl_crystal.density_meas_temp_lt        ? 
_exptl_crystal.pdbx_crystal_image_url      ? 
_exptl_crystal.pdbx_crystal_image_format   ? 
_exptl_crystal.pdbx_mosaicity              ? 
_exptl_crystal.pdbx_mosaicity_esd          ? 
# 
_exptl_crystal_grow.apparatus       ? 
_exptl_crystal_grow.atmosphere      ? 
_exptl_crystal_grow.crystal_id      1 
_exptl_crystal_grow.details         ? 
_exptl_crystal_grow.method          'VAPOR DIFFUSION, SITTING DROP' 
_exptl_crystal_grow.method_ref      ? 
_exptl_crystal_grow.pH              ? 
_exptl_crystal_grow.pressure        ? 
_exptl_crystal_grow.pressure_esd    ? 
_exptl_crystal_grow.seeding         ? 
_exptl_crystal_grow.seeding_ref     ? 
_exptl_crystal_grow.temp            293 
_exptl_crystal_grow.temp_details    ? 
_exptl_crystal_grow.temp_esd        ? 
_exptl_crystal_grow.time            ? 
_exptl_crystal_grow.pdbx_details    '1.6 M ammonium sulfate, 0.1 M MES monohydrate pH 6.5, 10 % (v/v) 1,4-dioxane' 
_exptl_crystal_grow.pdbx_pH_range   ? 
# 
_diffrn.ambient_environment              ? 
_diffrn.ambient_temp                     100 
_diffrn.ambient_temp_details             ? 
_diffrn.ambient_temp_esd                 ? 
_diffrn.crystal_id                       1 
_diffrn.crystal_support                  ? 
_diffrn.crystal_treatment                ? 
_diffrn.details                          ? 
_diffrn.id                               1 
_diffrn.ambient_pressure                 ? 
_diffrn.ambient_pressure_esd             ? 
_diffrn.ambient_pressure_gt              ? 
_diffrn.ambient_pressure_lt              ? 
_diffrn.ambient_temp_gt                  ? 
_diffrn.ambient_temp_lt                  ? 
_diffrn.pdbx_serial_crystal_experiment   N 
# 
_diffrn_detector.details                      ? 
_diffrn_detector.detector                     'IMAGE PLATE' 
_diffrn_detector.diffrn_id                    1 
_diffrn_detector.type                         RIGAKU 
_diffrn_detector.area_resol_mean              ? 
_diffrn_detector.dtime                        ? 
_diffrn_detector.pdbx_frames_total            ? 
_diffrn_detector.pdbx_collection_time_total   ? 
_diffrn_detector.pdbx_collection_date         2018-12-06 
_diffrn_detector.pdbx_frequency               ? 
# 
_diffrn_radiation.collimation                      ? 
_diffrn_radiation.diffrn_id                        1 
_diffrn_radiation.filter_edge                      ? 
_diffrn_radiation.inhomogeneity                    ? 
_diffrn_radiation.monochromator                    ? 
_diffrn_radiation.polarisn_norm                    ? 
_diffrn_radiation.polarisn_ratio                   ? 
_diffrn_radiation.probe                            ? 
_diffrn_radiation.type                             ? 
_diffrn_radiation.xray_symbol                      ? 
_diffrn_radiation.wavelength_id                    1 
_diffrn_radiation.pdbx_monochromatic_or_laue_m_l   M 
_diffrn_radiation.pdbx_wavelength_list             ? 
_diffrn_radiation.pdbx_wavelength                  ? 
_diffrn_radiation.pdbx_diffrn_protocol             'SINGLE WAVELENGTH' 
_diffrn_radiation.pdbx_analyzer                    ? 
_diffrn_radiation.pdbx_scattering_type             x-ray 
# 
_diffrn_radiation_wavelength.id           1 
_diffrn_radiation_wavelength.wavelength   1.5418 
_diffrn_radiation_wavelength.wt           1.0 
# 
_diffrn_source.current                     ? 
_diffrn_source.details                     ? 
_diffrn_source.diffrn_id                   1 
_diffrn_source.power                       ? 
_diffrn_source.size                        ? 
_diffrn_source.source                      'ROTATING ANODE' 
_diffrn_source.target                      ? 
_diffrn_source.type                        'RIGAKU MICROMAX-007 HF' 
_diffrn_source.voltage                     ? 
_diffrn_source.take-off_angle              ? 
_diffrn_source.pdbx_wavelength_list        1.5418 
_diffrn_source.pdbx_wavelength             ? 
_diffrn_source.pdbx_synchrotron_beamline   ? 
_diffrn_source.pdbx_synchrotron_site       ? 
# 
_reflns.B_iso_Wilson_estimate            ? 
_reflns.entry_id                         6L64 
_reflns.data_reduction_details           ? 
_reflns.data_reduction_method            ? 
_reflns.d_resolution_high                2.08 
_reflns.d_resolution_low                 19.52 
_reflns.details                          ? 
_reflns.limit_h_max                      ? 
_reflns.limit_h_min                      ? 
_reflns.limit_k_max                      ? 
_reflns.limit_k_min                      ? 
_reflns.limit_l_max                      ? 
_reflns.limit_l_min                      ? 
_reflns.number_all                       ? 
_reflns.number_obs                       11869 
_reflns.observed_criterion               ? 
_reflns.observed_criterion_F_max         ? 
_reflns.observed_criterion_F_min         ? 
_reflns.observed_criterion_I_max         ? 
_reflns.observed_criterion_I_min         ? 
_reflns.observed_criterion_sigma_F       ? 
_reflns.observed_criterion_sigma_I       ? 
_reflns.percent_possible_obs             99.8 
_reflns.R_free_details                   ? 
_reflns.Rmerge_F_all                     ? 
_reflns.Rmerge_F_obs                     ? 
_reflns.Friedel_coverage                 ? 
_reflns.number_gt                        ? 
_reflns.threshold_expression             ? 
_reflns.pdbx_redundancy                  19.4 
_reflns.pdbx_Rmerge_I_obs                ? 
_reflns.pdbx_Rmerge_I_all                ? 
_reflns.pdbx_Rsym_value                  ? 
_reflns.pdbx_netI_over_av_sigmaI         ? 
_reflns.pdbx_netI_over_sigmaI            15.1 
_reflns.pdbx_res_netI_over_av_sigmaI_2   ? 
_reflns.pdbx_res_netI_over_sigmaI_2      ? 
_reflns.pdbx_chi_squared                 ? 
_reflns.pdbx_scaling_rejects             ? 
_reflns.pdbx_d_res_high_opt              ? 
_reflns.pdbx_d_res_low_opt               ? 
_reflns.pdbx_d_res_opt_method            ? 
_reflns.phase_calculation_details        ? 
_reflns.pdbx_Rrim_I_all                  ? 
_reflns.pdbx_Rpim_I_all                  ? 
_reflns.pdbx_d_opt                       ? 
_reflns.pdbx_number_measured_all         ? 
_reflns.pdbx_diffrn_id                   1 
_reflns.pdbx_ordinal                     1 
_reflns.pdbx_CC_half                     0.998 
_reflns.pdbx_CC_star                     ? 
_reflns.pdbx_R_split                     ? 
# 
_reflns_shell.d_res_high                  2.08 
_reflns_shell.d_res_low                   2.13 
_reflns_shell.meanI_over_sigI_all         ? 
_reflns_shell.meanI_over_sigI_obs         4.1 
_reflns_shell.number_measured_all         ? 
_reflns_shell.number_measured_obs         ? 
_reflns_shell.number_possible             ? 
_reflns_shell.number_unique_all           ? 
_reflns_shell.number_unique_obs           832 
_reflns_shell.percent_possible_all        ? 
_reflns_shell.percent_possible_obs        ? 
_reflns_shell.Rmerge_F_all                ? 
_reflns_shell.Rmerge_F_obs                ? 
_reflns_shell.Rmerge_I_all                ? 
_reflns_shell.Rmerge_I_obs                ? 
_reflns_shell.meanI_over_sigI_gt          ? 
_reflns_shell.meanI_over_uI_all           ? 
_reflns_shell.meanI_over_uI_gt            ? 
_reflns_shell.number_measured_gt          ? 
_reflns_shell.number_unique_gt            ? 
_reflns_shell.percent_possible_gt         ? 
_reflns_shell.Rmerge_F_gt                 ? 
_reflns_shell.Rmerge_I_gt                 ? 
_reflns_shell.pdbx_redundancy             ? 
_reflns_shell.pdbx_Rsym_value             ? 
_reflns_shell.pdbx_chi_squared            ? 
_reflns_shell.pdbx_netI_over_sigmaI_all   ? 
_reflns_shell.pdbx_netI_over_sigmaI_obs   ? 
_reflns_shell.pdbx_Rrim_I_all             ? 
_reflns_shell.pdbx_Rpim_I_all             ? 
_reflns_shell.pdbx_rejects                ? 
_reflns_shell.pdbx_ordinal                1 
_reflns_shell.pdbx_diffrn_id              1 
_reflns_shell.pdbx_CC_half                0.903 
_reflns_shell.pdbx_CC_star                ? 
_reflns_shell.pdbx_R_split                ? 
# 
_refine.aniso_B[1][1]                            0.001 
_refine.aniso_B[1][2]                            0.000 
_refine.aniso_B[1][3]                            0.000 
_refine.aniso_B[2][2]                            0.001 
_refine.aniso_B[2][3]                            0.000 
_refine.aniso_B[3][3]                            -0.003 
_refine.B_iso_max                                ? 
_refine.B_iso_mean                               22.369 
_refine.B_iso_min                                ? 
_refine.correlation_coeff_Fo_to_Fc               0.946 
_refine.correlation_coeff_Fo_to_Fc_free          0.917 
_refine.details                                  'Hydrogens have been added in their riding positions' 
_refine.diff_density_max                         ? 
_refine.diff_density_max_esd                     ? 
_refine.diff_density_min                         ? 
_refine.diff_density_min_esd                     ? 
_refine.diff_density_rms                         ? 
_refine.diff_density_rms_esd                     ? 
_refine.entry_id                                 6L64 
_refine.pdbx_refine_id                           'X-RAY DIFFRACTION' 
_refine.ls_abs_structure_details                 ? 
_refine.ls_abs_structure_Flack                   ? 
_refine.ls_abs_structure_Flack_esd               ? 
_refine.ls_abs_structure_Rogers                  ? 
_refine.ls_abs_structure_Rogers_esd              ? 
_refine.ls_d_res_high                            2.080 
_refine.ls_d_res_low                             19.517 
_refine.ls_extinction_coef                       ? 
_refine.ls_extinction_coef_esd                   ? 
_refine.ls_extinction_expression                 ? 
_refine.ls_extinction_method                     ? 
_refine.ls_goodness_of_fit_all                   ? 
_refine.ls_goodness_of_fit_all_esd               ? 
_refine.ls_goodness_of_fit_obs                   ? 
_refine.ls_goodness_of_fit_obs_esd               ? 
_refine.ls_hydrogen_treatment                    ? 
_refine.ls_matrix_type                           ? 
_refine.ls_number_constraints                    ? 
_refine.ls_number_parameters                     ? 
_refine.ls_number_reflns_all                     ? 
_refine.ls_number_reflns_obs                     11869 
_refine.ls_number_reflns_R_free                  564 
_refine.ls_number_reflns_R_work                  ? 
_refine.ls_number_restraints                     ? 
_refine.ls_percent_reflns_obs                    99.773 
_refine.ls_percent_reflns_R_free                 4.752 
_refine.ls_R_factor_all                          0.200 
_refine.ls_R_factor_obs                          ? 
_refine.ls_R_factor_R_free                       0.2357 
_refine.ls_R_factor_R_free_error                 ? 
_refine.ls_R_factor_R_free_error_details         ? 
_refine.ls_R_factor_R_work                       0.1987 
_refine.ls_R_Fsqd_factor_obs                     ? 
_refine.ls_R_I_factor_obs                        ? 
_refine.ls_redundancy_reflns_all                 ? 
_refine.ls_redundancy_reflns_obs                 ? 
_refine.ls_restrained_S_all                      ? 
_refine.ls_restrained_S_obs                      ? 
_refine.ls_shift_over_esd_max                    ? 
_refine.ls_shift_over_esd_mean                   ? 
_refine.ls_structure_factor_coef                 ? 
_refine.ls_weighting_details                     ? 
_refine.ls_weighting_scheme                      ? 
_refine.ls_wR_factor_all                         ? 
_refine.ls_wR_factor_obs                         ? 
_refine.ls_wR_factor_R_free                      ? 
_refine.ls_wR_factor_R_work                      ? 
_refine.occupancy_max                            ? 
_refine.occupancy_min                            ? 
_refine.solvent_model_details                    ? 
_refine.solvent_model_param_bsol                 ? 
_refine.solvent_model_param_ksol                 ? 
_refine.pdbx_R_complete                          ? 
_refine.ls_R_factor_gt                           ? 
_refine.ls_goodness_of_fit_gt                    ? 
_refine.ls_goodness_of_fit_ref                   ? 
_refine.ls_shift_over_su_max                     ? 
_refine.ls_shift_over_su_max_lt                  ? 
_refine.ls_shift_over_su_mean                    ? 
_refine.ls_shift_over_su_mean_lt                 ? 
_refine.pdbx_ls_sigma_I                          ? 
_refine.pdbx_ls_sigma_F                          ? 
_refine.pdbx_ls_sigma_Fsqd                       ? 
_refine.pdbx_data_cutoff_high_absF               ? 
_refine.pdbx_data_cutoff_high_rms_absF           ? 
_refine.pdbx_data_cutoff_low_absF                ? 
_refine.pdbx_isotropic_thermal_model             ? 
_refine.pdbx_ls_cross_valid_method               'FREE R-VALUE' 
_refine.pdbx_method_to_determine_struct          'MOLECULAR REPLACEMENT' 
_refine.pdbx_starting_model                      1QKQ 
_refine.pdbx_stereochemistry_target_values       ? 
_refine.pdbx_R_Free_selection_details            ? 
_refine.pdbx_stereochem_target_val_spec_case     ? 
_refine.pdbx_overall_ESU_R                       0.179 
_refine.pdbx_overall_ESU_R_Free                  0.162 
_refine.pdbx_solvent_vdw_probe_radii             1.200 
_refine.pdbx_solvent_ion_probe_radii             0.800 
_refine.pdbx_solvent_shrinkage_radii             0.800 
_refine.pdbx_real_space_R                        ? 
_refine.pdbx_density_correlation                 ? 
_refine.pdbx_pd_number_of_powder_patterns        ? 
_refine.pdbx_pd_number_of_points                 ? 
_refine.pdbx_pd_meas_number_of_points            ? 
_refine.pdbx_pd_proc_ls_prof_R_factor            ? 
_refine.pdbx_pd_proc_ls_prof_wR_factor           ? 
_refine.pdbx_pd_Marquardt_correlation_coeff      ? 
_refine.pdbx_pd_Fsqrd_R_factor                   ? 
_refine.pdbx_pd_ls_matrix_band_width             ? 
_refine.pdbx_overall_phase_error                 ? 
_refine.pdbx_overall_SU_R_free_Cruickshank_DPI   ? 
_refine.pdbx_overall_SU_R_free_Blow_DPI          ? 
_refine.pdbx_overall_SU_R_Blow_DPI               ? 
_refine.pdbx_TLS_residual_ADP_flag               ? 
_refine.pdbx_diffrn_id                           1 
_refine.overall_SU_B                             4.326 
_refine.overall_SU_ML                            0.114 
_refine.overall_SU_R_Cruickshank_DPI             ? 
_refine.overall_SU_R_free                        ? 
_refine.overall_FOM_free_R_set                   ? 
_refine.overall_FOM_work_R_set                   ? 
_refine.pdbx_average_fsc_overall                 ? 
_refine.pdbx_average_fsc_work                    ? 
_refine.pdbx_average_fsc_free                    ? 
# 
_refine_hist.pdbx_refine_id                   'X-RAY DIFFRACTION' 
_refine_hist.cycle_id                         LAST 
_refine_hist.pdbx_number_atoms_protein        1124 
_refine_hist.pdbx_number_atoms_nucleic_acid   0 
_refine_hist.pdbx_number_atoms_ligand         36 
_refine_hist.number_atoms_solvent             30 
_refine_hist.number_atoms_total               1190 
_refine_hist.d_res_high                       2.080 
_refine_hist.d_res_low                        19.517 
# 
loop_
_refine_ls_restr.pdbx_refine_id 
_refine_ls_restr.criterion 
_refine_ls_restr.dev_ideal 
_refine_ls_restr.dev_ideal_target 
_refine_ls_restr.number 
_refine_ls_restr.rejects 
_refine_ls_restr.type 
_refine_ls_restr.weight 
_refine_ls_restr.pdbx_restraint_function 
'X-RAY DIFFRACTION' ? 0.006  0.013  1188 ? r_bond_refined_d               ? ? 
'X-RAY DIFFRACTION' ? 0.002  0.017  1072 ? r_bond_other_d                 ? ? 
'X-RAY DIFFRACTION' ? 1.539  1.687  1611 ? r_angle_refined_deg            ? ? 
'X-RAY DIFFRACTION' ? 1.159  1.606  2502 ? r_angle_other_deg              ? ? 
'X-RAY DIFFRACTION' ? 9.395  5.000  137  ? r_dihedral_angle_1_deg         ? ? 
'X-RAY DIFFRACTION' ? 41.897 22.903 62   ? r_dihedral_angle_2_deg         ? ? 
'X-RAY DIFFRACTION' ? 16.116 15.000 201  ? r_dihedral_angle_3_deg         ? ? 
'X-RAY DIFFRACTION' ? 20.076 15.000 6    ? r_dihedral_angle_4_deg         ? ? 
'X-RAY DIFFRACTION' ? 0.058  0.200  159  ? r_chiral_restr                 ? ? 
'X-RAY DIFFRACTION' ? 0.006  0.020  1271 ? r_gen_planes_refined           ? ? 
'X-RAY DIFFRACTION' ? 0.002  0.020  247  ? r_gen_planes_other             ? ? 
'X-RAY DIFFRACTION' ? 0.185  0.150  152  ? r_nbd_refined                  ? ? 
'X-RAY DIFFRACTION' ? 0.162  0.150  971  ? r_symmetry_nbd_other           ? ? 
'X-RAY DIFFRACTION' ? 0.162  0.150  524  ? r_nbtor_refined                ? ? 
'X-RAY DIFFRACTION' ? 0.073  0.150  580  ? r_symmetry_nbtor_other         ? ? 
'X-RAY DIFFRACTION' ? 0.100  0.150  41   ? r_xyhbond_nbd_refined          ? ? 
'X-RAY DIFFRACTION' ? 0.106  0.150  9    ? r_symmetry_nbd_refined         ? ? 
'X-RAY DIFFRACTION' ? 0.184  0.150  34   ? r_nbd_other                    ? ? 
'X-RAY DIFFRACTION' ? 0.150  0.150  8    ? r_symmetry_xyhbond_nbd_refined ? ? 
'X-RAY DIFFRACTION' ? 1.263  2.158  551  ? r_mcbond_it                    ? ? 
'X-RAY DIFFRACTION' ? 1.263  2.152  550  ? r_mcbond_other                 ? ? 
'X-RAY DIFFRACTION' ? 1.965  3.222  687  ? r_mcangle_it                   ? ? 
'X-RAY DIFFRACTION' ? 1.964  3.229  688  ? r_mcangle_other                ? ? 
'X-RAY DIFFRACTION' ? 2.105  2.571  637  ? r_scbond_it                    ? ? 
'X-RAY DIFFRACTION' ? 2.104  2.570  637  ? r_scbond_other                 ? ? 
'X-RAY DIFFRACTION' ? 3.321  3.750  924  ? r_scangle_it                   ? ? 
'X-RAY DIFFRACTION' ? 3.320  3.756  925  ? r_scangle_other                ? ? 
'X-RAY DIFFRACTION' ? 4.742  24.132 1166 ? r_lrange_it                    ? ? 
'X-RAY DIFFRACTION' ? 4.568  24.111 1165 ? r_lrange_other                 ? ? 
# 
loop_
_refine_ls_shell.pdbx_refine_id 
_refine_ls_shell.d_res_high 
_refine_ls_shell.d_res_low 
_refine_ls_shell.number_reflns_all 
_refine_ls_shell.number_reflns_obs 
_refine_ls_shell.number_reflns_R_free 
_refine_ls_shell.number_reflns_R_work 
_refine_ls_shell.percent_reflns_obs 
_refine_ls_shell.percent_reflns_R_free 
_refine_ls_shell.R_factor_all 
_refine_ls_shell.R_factor_obs 
_refine_ls_shell.R_factor_R_free 
_refine_ls_shell.R_factor_R_free_error 
_refine_ls_shell.R_factor_R_work 
_refine_ls_shell.redundancy_reflns_all 
_refine_ls_shell.redundancy_reflns_obs 
_refine_ls_shell.wR_factor_all 
_refine_ls_shell.wR_factor_obs 
_refine_ls_shell.wR_factor_R_free 
_refine_ls_shell.wR_factor_R_work 
_refine_ls_shell.pdbx_R_complete 
_refine_ls_shell.pdbx_total_number_of_bins_used 
_refine_ls_shell.pdbx_phase_error 
_refine_ls_shell.pdbx_fsc_work 
_refine_ls_shell.pdbx_fsc_free 
'X-RAY DIFFRACTION' 2.080 2.133  832 . 41 791 100.0000 . 0.237 . 0.225 . 0.238 . . . . . 0.204 . 20 . 0.905 0.915 
'X-RAY DIFFRACTION' 2.133 2.191  819 . 40 779 100.0000 . 0.227 . 0.303 . 0.224 . . . . . 0.189 . 20 . 0.922 0.894 
'X-RAY DIFFRACTION' 2.191 2.254  800 . 42 758 100.0000 . 0.215 . 0.203 . 0.215 . . . . . 0.183 . 20 . 0.929 0.923 
'X-RAY DIFFRACTION' 2.254 2.322  777 . 42 735 100.0000 . 0.214 . 0.298 . 0.209 . . . . . 0.176 . 20 . 0.928 0.910 
'X-RAY DIFFRACTION' 2.322 2.397  748 . 38 710 100.0000 . 0.217 . 0.260 . 0.215 . . . . . 0.181 . 20 . 0.921 0.895 
'X-RAY DIFFRACTION' 2.397 2.480  739 . 36 703 100.0000 . 0.229 . 0.262 . 0.227 . . . . . 0.187 . 20 . 0.921 0.918 
'X-RAY DIFFRACTION' 2.480 2.572  710 . 37 673 100.0000 . 0.210 . 0.248 . 0.208 . . . . . 0.175 . 20 . 0.928 0.912 
'X-RAY DIFFRACTION' 2.572 2.675  676 . 33 643 100.0000 . 0.214 . 0.223 . 0.213 . . . . . 0.183 . 20 . 0.930 0.921 
'X-RAY DIFFRACTION' 2.675 2.792  662 . 26 636 100.0000 . 0.212 . 0.272 . 0.209 . . . . . 0.176 . 20 . 0.935 0.918 
'X-RAY DIFFRACTION' 2.792 2.925  633 . 35 598 100.0000 . 0.219 . 0.296 . 0.214 . . . . . 0.177 . 20 . 0.930 0.918 
'X-RAY DIFFRACTION' 2.925 3.079  615 . 32 583 100.0000 . 0.206 . 0.215 . 0.206 . . . . . 0.173 . 20 . 0.945 0.921 
'X-RAY DIFFRACTION' 3.079 3.261  586 . 29 557 100.0000 . 0.196 . 0.201 . 0.196 . . . . . 0.162 . 20 . 0.955 0.959 
'X-RAY DIFFRACTION' 3.261 3.479  559 . 19 540 100.0000 . 0.177 . 0.150 . 0.178 . . . . . 0.155 . 20 . 0.961 0.961 
'X-RAY DIFFRACTION' 3.479 3.748  503 . 21 482 100.0000 . 0.181 . 0.246 . 0.179 . . . . . 0.161 . 20 . 0.962 0.942 
'X-RAY DIFFRACTION' 3.748 4.091  488 . 19 469 100.0000 . 0.174 . 0.207 . 0.172 . . . . . 0.156 . 20 . 0.971 0.975 
'X-RAY DIFFRACTION' 4.091 4.549  438 . 22 416 100.0000 . 0.148 . 0.138 . 0.148 . . . . . 0.136 . 20 . 0.981 0.984 
'X-RAY DIFFRACTION' 4.549 5.206  409 . 12 397 100.0000 . 0.155 . 0.267 . 0.152 . . . . . 0.146 . 20 . 0.981 0.964 
'X-RAY DIFFRACTION' 5.206 6.265  362 . 18 344 100.0000 . 0.226 . 0.261 . 0.224 . . . . . 0.198 . 20 . 0.957 0.956 
'X-RAY DIFFRACTION' 6.265 8.436  302 . 9  293 100.0000 . 0.245 . 0.386 . 0.242 . . . . . 0.211 . 20 . 0.944 0.913 
'X-RAY DIFFRACTION' 8.436 19.517 211 . 13 198 100.0000 . 0.253 . 0.262 . 0.252 . . . . . 0.232 . 20 . 0.958 0.962 
# 
_struct.entry_id                     6L64 
_struct.title                        'X-ray structure of human galectin-10 in complex with D-glucose' 
_struct.pdbx_model_details           ? 
_struct.pdbx_formula_weight          ? 
_struct.pdbx_formula_weight_method   ? 
_struct.pdbx_model_type_details      ? 
_struct.pdbx_CASP_flag               N 
# 
_struct_keywords.entry_id        6L64 
_struct_keywords.text            'beta-sandwich structure, lectin, SUGAR BINDING PROTEIN' 
_struct_keywords.pdbx_keywords   'SUGAR BINDING PROTEIN' 
# 
loop_
_struct_asym.id 
_struct_asym.pdbx_blank_PDB_chainid_flag 
_struct_asym.pdbx_modified 
_struct_asym.entity_id 
_struct_asym.details 
A N N 1 ? 
B N N 2 ? 
C N N 2 ? 
D N N 2 ? 
E N N 3 ? 
# 
loop_
_struct_conf.conf_type_id 
_struct_conf.id 
_struct_conf.pdbx_PDB_helix_id 
_struct_conf.beg_label_comp_id 
_struct_conf.beg_label_asym_id 
_struct_conf.beg_label_seq_id 
_struct_conf.pdbx_beg_PDB_ins_code 
_struct_conf.end_label_comp_id 
_struct_conf.end_label_asym_id 
_struct_conf.end_label_seq_id 
_struct_conf.pdbx_end_PDB_ins_code 
_struct_conf.beg_auth_comp_id 
_struct_conf.beg_auth_asym_id 
_struct_conf.beg_auth_seq_id 
_struct_conf.end_auth_comp_id 
_struct_conf.end_auth_asym_id 
_struct_conf.end_auth_seq_id 
_struct_conf.pdbx_PDB_helix_class 
_struct_conf.details 
_struct_conf.pdbx_PDB_helix_length 
HELX_P HELX_P1 AA1 CYS A 31  ? GLU A 35  ? CYS A 29  GLU A 33  5 ? 5 
HELX_P HELX_P2 AA2 LYS A 119 ? VAL A 123 ? LYS A 117 VAL A 121 5 ? 5 
# 
_struct_conf_type.id          HELX_P 
_struct_conf_type.criteria    ? 
_struct_conf_type.reference   ? 
# 
_struct_mon_prot_cis.pdbx_id                1 
_struct_mon_prot_cis.label_comp_id          VAL 
_struct_mon_prot_cis.label_seq_id           8 
_struct_mon_prot_cis.label_asym_id          A 
_struct_mon_prot_cis.label_alt_id           . 
_struct_mon_prot_cis.pdbx_PDB_ins_code      ? 
_struct_mon_prot_cis.auth_comp_id           VAL 
_struct_mon_prot_cis.auth_seq_id            6 
_struct_mon_prot_cis.auth_asym_id           A 
_struct_mon_prot_cis.pdbx_label_comp_id_2   PRO 
_struct_mon_prot_cis.pdbx_label_seq_id_2    9 
_struct_mon_prot_cis.pdbx_label_asym_id_2   A 
_struct_mon_prot_cis.pdbx_PDB_ins_code_2    ? 
_struct_mon_prot_cis.pdbx_auth_comp_id_2    PRO 
_struct_mon_prot_cis.pdbx_auth_seq_id_2     7 
_struct_mon_prot_cis.pdbx_auth_asym_id_2    A 
_struct_mon_prot_cis.pdbx_PDB_model_num     1 
_struct_mon_prot_cis.pdbx_omega_angle       -4.89 
# 
loop_
_struct_sheet.id 
_struct_sheet.type 
_struct_sheet.number_strands 
_struct_sheet.details 
AA1 ? 6 ? 
AA2 ? 6 ? 
AA3 ? 5 ? 
# 
loop_
_struct_sheet_order.sheet_id 
_struct_sheet_order.range_id_1 
_struct_sheet_order.range_id_2 
_struct_sheet_order.offset 
_struct_sheet_order.sense 
AA1 1 2 ? anti-parallel 
AA1 2 3 ? anti-parallel 
AA1 3 4 ? anti-parallel 
AA1 4 5 ? anti-parallel 
AA1 5 6 ? anti-parallel 
AA2 1 2 ? anti-parallel 
AA2 2 3 ? anti-parallel 
AA2 3 4 ? anti-parallel 
AA2 4 5 ? anti-parallel 
AA2 5 6 ? anti-parallel 
AA3 1 2 ? anti-parallel 
AA3 2 3 ? anti-parallel 
AA3 3 4 ? anti-parallel 
AA3 4 5 ? anti-parallel 
# 
loop_
_struct_sheet_range.sheet_id 
_struct_sheet_range.id 
_struct_sheet_range.beg_label_comp_id 
_struct_sheet_range.beg_label_asym_id 
_struct_sheet_range.beg_label_seq_id 
_struct_sheet_range.pdbx_beg_PDB_ins_code 
_struct_sheet_range.end_label_comp_id 
_struct_sheet_range.end_label_asym_id 
_struct_sheet_range.end_label_seq_id 
_struct_sheet_range.pdbx_end_PDB_ins_code 
_struct_sheet_range.beg_auth_comp_id 
_struct_sheet_range.beg_auth_asym_id 
_struct_sheet_range.beg_auth_seq_id 
_struct_sheet_range.end_auth_comp_id 
_struct_sheet_range.end_auth_asym_id 
_struct_sheet_range.end_auth_seq_id 
AA1 1 TYR A 10  ? ALA A 13  ? TYR A 8   ALA A 11  
AA1 2 MET A 125 ? ARG A 130 ? MET A 123 ARG A 128 
AA1 3 TYR A 37  ? HIS A 43  ? TYR A 35  HIS A 41  
AA1 4 ILE A 52  ? CYS A 59  ? ILE A 50  CYS A 57  
AA1 5 ARG A 63  ? GLU A 70  ? ARG A 61  GLU A 68  
AA1 6 ALA A 73  ? TRP A 74  ? ALA A 71  TRP A 72  
AA2 1 TYR A 10  ? ALA A 13  ? TYR A 8   ALA A 11  
AA2 2 MET A 125 ? ARG A 130 ? MET A 123 ARG A 128 
AA2 3 TYR A 37  ? HIS A 43  ? TYR A 35  HIS A 41  
AA2 4 ILE A 52  ? CYS A 59  ? ILE A 50  CYS A 57  
AA2 5 ARG A 63  ? GLU A 70  ? ARG A 61  GLU A 68  
AA2 6 VAL A 78  ? SER A 80  ? VAL A 76  SER A 78  
AA3 1 GLN A 109 ? ASP A 115 ? GLN A 107 ASP A 113 
AA3 2 LYS A 101 ? VAL A 106 ? LYS A 99  VAL A 104 
AA3 3 PHE A 91  ? VAL A 97  ? PHE A 89  VAL A 95  
AA3 4 SER A 20  ? PRO A 28  ? SER A 18  PRO A 26  
AA3 5 ILE A 132 ? TYR A 141 ? ILE A 130 TYR A 139 
# 
loop_
_pdbx_struct_sheet_hbond.sheet_id 
_pdbx_struct_sheet_hbond.range_id_1 
_pdbx_struct_sheet_hbond.range_id_2 
_pdbx_struct_sheet_hbond.range_1_label_atom_id 
_pdbx_struct_sheet_hbond.range_1_label_comp_id 
_pdbx_struct_sheet_hbond.range_1_label_asym_id 
_pdbx_struct_sheet_hbond.range_1_label_seq_id 
_pdbx_struct_sheet_hbond.range_1_PDB_ins_code 
_pdbx_struct_sheet_hbond.range_1_auth_atom_id 
_pdbx_struct_sheet_hbond.range_1_auth_comp_id 
_pdbx_struct_sheet_hbond.range_1_auth_asym_id 
_pdbx_struct_sheet_hbond.range_1_auth_seq_id 
_pdbx_struct_sheet_hbond.range_2_label_atom_id 
_pdbx_struct_sheet_hbond.range_2_label_comp_id 
_pdbx_struct_sheet_hbond.range_2_label_asym_id 
_pdbx_struct_sheet_hbond.range_2_label_seq_id 
_pdbx_struct_sheet_hbond.range_2_PDB_ins_code 
_pdbx_struct_sheet_hbond.range_2_auth_atom_id 
_pdbx_struct_sheet_hbond.range_2_auth_comp_id 
_pdbx_struct_sheet_hbond.range_2_auth_asym_id 
_pdbx_struct_sheet_hbond.range_2_auth_seq_id 
AA1 1 2 N TYR A 10  ? N TYR A 8   O VAL A 128 ? O VAL A 126 
AA1 2 3 O MET A 125 ? O MET A 123 N HIS A 43  ? N HIS A 41  
AA1 3 4 N LEU A 38  ? N LEU A 36  O VAL A 58  ? O VAL A 56  
AA1 4 5 N CYS A 59  ? N CYS A 57  O ARG A 63  ? O ARG A 61  
AA1 5 6 N GLU A 70  ? N GLU A 68  O ALA A 73  ? O ALA A 71  
AA2 1 2 N TYR A 10  ? N TYR A 8   O VAL A 128 ? O VAL A 126 
AA2 2 3 O MET A 125 ? O MET A 123 N HIS A 43  ? N HIS A 41  
AA2 3 4 N LEU A 38  ? N LEU A 36  O VAL A 58  ? O VAL A 56  
AA2 4 5 N CYS A 59  ? N CYS A 57  O ARG A 63  ? O ARG A 61  
AA2 5 6 N MET A 66  ? N MET A 64  O VAL A 78  ? O VAL A 76  
AA3 1 2 O TYR A 112 ? O TYR A 110 N VAL A 104 ? N VAL A 102 
AA3 2 3 O MET A 105 ? O MET A 103 N SER A 94  ? N SER A 92  
AA3 3 4 O LEU A 93  ? O LEU A 91  N ILE A 24  ? N ILE A 22  
AA3 4 5 N THR A 21  ? N THR A 19  O SER A 140 ? O SER A 138 
# 
_atom_sites.entry_id                    6L64 
_atom_sites.Cartn_transf_matrix[1][1]   ? 
_atom_sites.Cartn_transf_matrix[1][2]   ? 
_atom_sites.Cartn_transf_matrix[1][3]   ? 
_atom_sites.Cartn_transf_matrix[2][1]   ? 
_atom_sites.Cartn_transf_matrix[2][2]   ? 
_atom_sites.Cartn_transf_matrix[2][3]   ? 
_atom_sites.Cartn_transf_matrix[3][1]   ? 
_atom_sites.Cartn_transf_matrix[3][2]   ? 
_atom_sites.Cartn_transf_matrix[3][3]   ? 
_atom_sites.Cartn_transf_vector[1]      ? 
_atom_sites.Cartn_transf_vector[2]      ? 
_atom_sites.Cartn_transf_vector[3]      ? 
_atom_sites.fract_transf_matrix[1][1]   0.00018803 
_atom_sites.fract_transf_matrix[1][2]   0.01721037 
_atom_sites.fract_transf_matrix[1][3]   0.01634324 
_atom_sites.fract_transf_matrix[2][1]   -0.01356807 
_atom_sites.fract_transf_matrix[2][2]   -0.00189174 
_atom_sites.fract_transf_matrix[2][3]   0.01938244 
_atom_sites.fract_transf_matrix[3][1]   0.00288236 
_atom_sites.fract_transf_matrix[3][2]   -0.00178234 
_atom_sites.fract_transf_matrix[3][3]   0.00184375 
_atom_sites.fract_transf_vector[1]      0.266248 
_atom_sites.fract_transf_vector[2]      0.688328 
_atom_sites.fract_transf_vector[3]      0.302114 
_atom_sites.solution_primary            ? 
_atom_sites.solution_secondary          ? 
_atom_sites.solution_hydrogens          ? 
_atom_sites.special_details             ? 
# 
loop_
_atom_type.symbol 
_atom_type.pdbx_scat_Z 
_atom_type.pdbx_N_electrons 
_atom_type.scat_Cromer_Mann_a1 
_atom_type.scat_Cromer_Mann_b1 
_atom_type.scat_Cromer_Mann_a2 
_atom_type.scat_Cromer_Mann_b2 
_atom_type.scat_Cromer_Mann_a3 
_atom_type.scat_Cromer_Mann_b3 
_atom_type.scat_Cromer_Mann_a4 
_atom_type.scat_Cromer_Mann_b4 
_atom_type.scat_Cromer_Mann_c 
C 6  6  2.310  20.844 1.020 10.208 1.589 0.569  0.865 51.651 0.216   
H 1  1  0.493  10.511 0.323 26.126 0.140 3.142  0.041 57.800 0.003   
N 7  7  12.222 0.006  3.135 9.893  2.014 28.997 1.167 0.583  -11.538 
O 8  8  3.049  13.277 2.287 5.701  1.546 0.324  0.867 32.909 0.251   
S 16 16 6.905  1.468  5.203 22.215 1.438 0.254  1.586 56.172 1.184   
# 
loop_
_atom_site.group_PDB 
_atom_site.id 
_atom_site.type_symbol 
_atom_site.label_atom_id 
_atom_site.label_alt_id 
_atom_site.label_comp_id 
_atom_site.label_asym_id 
_atom_site.label_entity_id 
_atom_site.label_seq_id 
_atom_site.pdbx_PDB_ins_code 
_atom_site.Cartn_x 
_atom_site.Cartn_y 
_atom_site.Cartn_z 
_atom_site.occupancy 
_atom_site.B_iso_or_equiv 
_atom_site.pdbx_formal_charge 
_atom_site.auth_seq_id 
_atom_site.auth_comp_id 
_atom_site.auth_asym_id 
_atom_site.auth_atom_id 
_atom_site.pdbx_PDB_model_num 
ATOM   1    N N   . LEU A 1 5   ? -16.375 -1.214  9.869   1.000 41.578 ? 3   LEU A N   1 
ATOM   2    C CA  . LEU A 1 5   ? -15.532 -0.300  9.037   1.000 38.906 ? 3   LEU A CA  1 
ATOM   3    C C   . LEU A 1 5   ? -14.524 0.419   9.942   1.000 36.398 ? 3   LEU A C   1 
ATOM   4    O O   . LEU A 1 5   ? -14.930 0.903   11.007  1.000 38.415 ? 3   LEU A O   1 
ATOM   5    C CB  . LEU A 1 5   ? -16.413 0.719   8.298   1.000 39.312 ? 3   LEU A CB  1 
ATOM   6    C CG  . LEU A 1 5   ? -17.382 0.184   7.238   1.000 39.722 ? 3   LEU A CG  1 
ATOM   7    C CD1 . LEU A 1 5   ? -17.649 1.248   6.179   1.000 39.422 ? 3   LEU A CD1 1 
ATOM   8    C CD2 . LEU A 1 5   ? -16.888 -1.096  6.579   1.000 39.779 ? 3   LEU A CD2 1 
ATOM   9    N N   . LEU A 1 6   ? -13.262 0.499   9.520   1.000 31.715 ? 4   LEU A N   1 
ATOM   10   C CA  . LEU A 1 6   ? -12.249 1.415   10.105  1.000 29.724 ? 4   LEU A CA  1 
ATOM   11   C C   . LEU A 1 6   ? -12.377 2.774   9.428   1.000 29.602 ? 4   LEU A C   1 
ATOM   12   O O   . LEU A 1 6   ? -12.681 2.831   8.239   1.000 29.722 ? 4   LEU A O   1 
ATOM   13   C CB  . LEU A 1 6   ? -10.856 0.818   9.895   1.000 29.582 ? 4   LEU A CB  1 
ATOM   14   C CG  . LEU A 1 6   ? -10.601 -0.501  10.629  1.000 29.691 ? 4   LEU A CG  1 
ATOM   15   C CD1 . LEU A 1 6   ? -9.429  -1.255  10.020  1.000 29.569 ? 4   LEU A CD1 1 
ATOM   16   C CD2 . LEU A 1 6   ? -10.381 -0.255  12.112  1.000 29.081 ? 4   LEU A CD2 1 
ATOM   17   N N   . PRO A 1 7   ? -12.116 3.904   10.132  1.000 29.814 ? 5   PRO A N   1 
ATOM   18   C CA  . PRO A 1 7   ? -12.106 5.220   9.489   1.000 28.652 ? 5   PRO A CA  1 
ATOM   19   C C   . PRO A 1 7   ? -11.115 5.284   8.313   1.000 27.820 ? 5   PRO A C   1 
ATOM   20   O O   . PRO A 1 7   ? -10.085 4.640   8.368   1.000 27.723 ? 5   PRO A O   1 
ATOM   21   C CB  . PRO A 1 7   ? -11.684 6.199   10.596  1.000 31.132 ? 5   PRO A CB  1 
ATOM   22   C CG  . PRO A 1 7   ? -11.103 5.321   11.704  1.000 31.651 ? 5   PRO A CG  1 
ATOM   23   C CD  . PRO A 1 7   ? -11.780 3.971   11.564  1.000 30.966 ? 5   PRO A CD  1 
ATOM   24   N N   . VAL A 1 8   ? -11.467 6.026   7.264   1.000 25.606 ? 6   VAL A N   1 
ATOM   25   C CA  . VAL A 1 8   ? -10.616 6.275   6.060   1.000 25.030 ? 6   VAL A CA  1 
ATOM   26   C C   . VAL A 1 8   ? -10.585 7.782   5.835   1.000 25.181 ? 6   VAL A C   1 
ATOM   27   O O   . VAL A 1 8   ? -11.646 8.390   5.755   1.000 26.919 ? 6   VAL A O   1 
ATOM   28   C CB  . VAL A 1 8   ? -11.165 5.544   4.823   1.000 24.979 ? 6   VAL A CB  1 
ATOM   29   C CG1 . VAL A 1 8   ? -10.356 5.863   3.573   1.000 25.683 ? 6   VAL A CG1 1 
ATOM   30   C CG2 . VAL A 1 8   ? -11.239 4.040   5.044   1.000 25.944 ? 6   VAL A CG2 1 
ATOM   31   N N   . PRO A 1 9   ? -9.423  8.459   5.677   1.000 24.176 ? 7   PRO A N   1 
ATOM   32   C CA  . PRO A 1 9   ? -8.086  7.870   5.802   1.000 24.331 ? 7   PRO A CA  1 
ATOM   33   C C   . PRO A 1 9   ? -7.763  7.173   7.131   1.000 24.522 ? 7   PRO A C   1 
ATOM   34   O O   . PRO A 1 9   ? -8.064  7.717   8.166   1.000 25.154 ? 7   PRO A O   1 
ATOM   35   C CB  . PRO A 1 9   ? -7.151  9.082   5.671   1.000 24.178 ? 7   PRO A CB  1 
ATOM   36   C CG  . PRO A 1 9   ? -7.937  10.079  4.844   1.000 24.303 ? 7   PRO A CG  1 
ATOM   37   C CD  . PRO A 1 9   ? -9.371  9.867   5.262   1.000 24.203 ? 7   PRO A CD  1 
ATOM   38   N N   . TYR A 1 10  ? -7.163  5.982   7.055   1.000 23.813 ? 8   TYR A N   1 
ATOM   39   C CA  . TYR A 1 10  ? -6.721  5.183   8.221   1.000 21.831 ? 8   TYR A CA  1 
ATOM   40   C C   . TYR A 1 10  ? -5.210  5.352   8.407   1.000 21.667 ? 8   TYR A C   1 
ATOM   41   O O   . TYR A 1 10  ? -4.457  4.986   7.502   1.000 18.759 ? 8   TYR A O   1 
ATOM   42   C CB  . TYR A 1 10  ? -7.072  3.698   8.080   1.000 22.584 ? 8   TYR A CB  1 
ATOM   43   C CG  . TYR A 1 10  ? -6.767  2.944   9.349   1.000 25.117 ? 8   TYR A CG  1 
ATOM   44   C CD1 . TYR A 1 10  ? -7.461  3.239   10.516  1.000 24.584 ? 8   TYR A CD1 1 
ATOM   45   C CD2 . TYR A 1 10  ? -5.717  2.031   9.429   1.000 25.273 ? 8   TYR A CD2 1 
ATOM   46   C CE1 . TYR A 1 10  ? -7.158  2.616   11.714  1.000 25.194 ? 8   TYR A CE1 1 
ATOM   47   C CE2 . TYR A 1 10  ? -5.412  1.386   10.623  1.000 25.575 ? 8   TYR A CE2 1 
ATOM   48   C CZ  . TYR A 1 10  ? -6.133  1.686   11.773  1.000 26.748 ? 8   TYR A CZ  1 
ATOM   49   O OH  . TYR A 1 10  ? -5.869  1.086   12.978  1.000 29.401 ? 8   TYR A OH  1 
ATOM   50   N N   . THR A 1 11  ? -4.801  5.820   9.588   1.000 20.733 ? 9   THR A N   1 
ATOM   51   C CA  . THR A 1 11  ? -3.388  6.030   9.997   1.000 22.272 ? 9   THR A CA  1 
ATOM   52   C C   . THR A 1 11  ? -3.080  5.130   11.201  1.000 22.335 ? 9   THR A C   1 
ATOM   53   O O   . THR A 1 11  ? -3.814  5.205   12.190  1.000 22.220 ? 9   THR A O   1 
ATOM   54   C CB  . THR A 1 11  ? -3.152  7.516   10.291  1.000 21.777 ? 9   THR A CB  1 
ATOM   55   O OG1 . THR A 1 11  ? -3.496  8.212   9.097   1.000 22.448 ? 9   THR A OG1 1 
ATOM   56   C CG2 . THR A 1 11  ? -1.730  7.837   10.682  1.000 22.379 ? 9   THR A CG2 1 
ATOM   57   N N   . GLU A 1 12  ? -2.036  4.309   11.113  1.000 23.066 ? 10  GLU A N   1 
ATOM   58   C CA  . GLU A 1 12  ? -1.533  3.470   12.235  1.000 22.472 ? 10  GLU A CA  1 
ATOM   59   C C   . GLU A 1 12  ? -0.003  3.605   12.294  1.000 22.228 ? 10  GLU A C   1 
ATOM   60   O O   . GLU A 1 12  ? 0.676   3.416   11.245  1.000 20.432 ? 10  GLU A O   1 
ATOM   61   C CB  . GLU A 1 12  ? -2.016  2.026   12.060  1.000 23.352 ? 10  GLU A CB  1 
ATOM   62   C CG  . GLU A 1 12  ? -1.839  1.170   13.304  1.000 24.842 ? 10  GLU A CG  1 
ATOM   63   C CD  . GLU A 1 12  ? -2.404  -0.240  13.243  1.000 25.069 ? 10  GLU A CD  1 
ATOM   64   O OE1 . GLU A 1 12  ? -3.644  -0.377  13.105  1.000 24.948 ? 10  GLU A OE1 1 
ATOM   65   O OE2 . GLU A 1 12  ? -1.612  -1.207  13.354  1.000 25.794 ? 10  GLU A OE2 1 
ATOM   66   N N   . ALA A 1 13  ? 0.520   3.934   13.477  1.000 22.160 ? 11  ALA A N   1 
ATOM   67   C CA  . ALA A 1 13  ? 1.947   3.783   13.856  1.000 21.702 ? 11  ALA A CA  1 
ATOM   68   C C   . ALA A 1 13  ? 2.389   2.333   13.620  1.000 21.091 ? 11  ALA A C   1 
ATOM   69   O O   . ALA A 1 13  ? 1.604   1.406   13.876  1.000 22.291 ? 11  ALA A O   1 
ATOM   70   C CB  . ALA A 1 13  ? 2.149   4.202   15.292  1.000 21.421 ? 11  ALA A CB  1 
ATOM   71   N N   . ALA A 1 14  ? 3.604   2.140   13.124  1.000 21.542 ? 12  ALA A N   1 
ATOM   72   C CA  . ALA A 1 14  ? 4.095   0.823   12.656  1.000 21.846 ? 12  ALA A CA  1 
ATOM   73   C C   . ALA A 1 14  ? 5.623   0.808   12.665  1.000 21.861 ? 12  ALA A C   1 
ATOM   74   O O   . ALA A 1 14  ? 6.230   1.857   12.441  1.000 22.473 ? 12  ALA A O   1 
ATOM   75   C CB  . ALA A 1 14  ? 3.546   0.518   11.283  1.000 22.620 ? 12  ALA A CB  1 
ATOM   76   N N   . SER A 1 15  ? 6.197   -0.355  12.956  1.000 22.825 ? 13  SER A N   1 
ATOM   77   C CA  . SER A 1 15  ? 7.622   -0.708  12.755  1.000 22.852 ? 13  SER A CA  1 
ATOM   78   C C   . SER A 1 15  ? 7.686   -1.926  11.835  1.000 22.120 ? 13  SER A C   1 
ATOM   79   O O   . SER A 1 15  ? 6.908   -2.891  12.063  1.000 21.126 ? 13  SER A O   1 
ATOM   80   C CB  . SER A 1 15  ? 8.291   -0.992  14.063  1.000 23.774 ? 13  SER A CB  1 
ATOM   81   O OG  . SER A 1 15  ? 8.397   0.199   14.813  1.000 29.366 ? 13  SER A OG  1 
ATOM   82   N N   . LEU A 1 16  ? 8.562   -1.865  10.834  1.000 20.380 ? 14  LEU A N   1 
ATOM   83   C CA  . LEU A 1 16  ? 8.733   -2.915  9.803   1.000 19.762 ? 14  LEU A CA  1 
ATOM   84   C C   . LEU A 1 16  ? 10.185  -3.357  9.838   1.000 20.756 ? 14  LEU A C   1 
ATOM   85   O O   . LEU A 1 16  ? 11.069  -2.496  10.028  1.000 21.463 ? 14  LEU A O   1 
ATOM   86   C CB  . LEU A 1 16  ? 8.360   -2.361  8.426   1.000 18.817 ? 14  LEU A CB  1 
ATOM   87   C CG  . LEU A 1 16  ? 6.932   -1.829  8.291   1.000 18.309 ? 14  LEU A CG  1 
ATOM   88   C CD1 . LEU A 1 16  ? 6.667   -1.343  6.877   1.000 17.714 ? 14  LEU A CD1 1 
ATOM   89   C CD2 . LEU A 1 16  ? 5.913   -2.884  8.693   1.000 18.505 ? 14  LEU A CD2 1 
ATOM   90   N N   . SER A 1 17  ? 10.402  -4.656  9.676   1.000 21.750 ? 15  SER A N   1 
ATOM   91   C CA  . SER A 1 17  ? 11.706  -5.239  9.295   1.000 22.451 ? 15  SER A CA  1 
ATOM   92   C C   . SER A 1 17  ? 11.454  -6.476  8.425   1.000 22.043 ? 15  SER A C   1 
ATOM   93   O O   . SER A 1 17  ? 10.268  -6.795  8.157   1.000 21.326 ? 15  SER A O   1 
ATOM   94   C CB  . SER A 1 17  ? 12.487  -5.543  10.536  1.000 22.940 ? 15  SER A CB  1 
ATOM   95   O OG  . SER A 1 17  ? 11.799  -6.524  11.286  1.000 24.231 ? 15  SER A OG  1 
ATOM   96   N N   . THR A 1 18  ? 12.515  -7.149  7.989   1.000 21.538 ? 16  THR A N   1 
ATOM   97   C CA  . THR A 1 18  ? 12.418  -8.402  7.199   1.000 22.112 ? 16  THR A CA  1 
ATOM   98   C C   . THR A 1 18  ? 11.500  -9.369  7.956   1.000 21.366 ? 16  THR A C   1 
ATOM   99   O O   . THR A 1 18  ? 11.770  -9.623  9.146   1.000 21.262 ? 16  THR A O   1 
ATOM   100  C CB  . THR A 1 18  ? 13.807  -8.993  6.932   1.000 22.030 ? 16  THR A CB  1 
ATOM   101  O OG1 . THR A 1 18  ? 14.510  -7.997  6.196   1.000 22.821 ? 16  THR A OG1 1 
ATOM   102  C CG2 . THR A 1 18  ? 13.768  -10.288 6.149   1.000 22.473 ? 16  THR A CG2 1 
ATOM   103  N N   . GLY A 1 19  ? 10.445  -9.855  7.295   1.000 19.649 ? 17  GLY A N   1 
ATOM   104  C CA  . GLY A 1 19  ? 9.460   -10.770 7.891   1.000 19.054 ? 17  GLY A CA  1 
ATOM   105  C C   . GLY A 1 19  ? 8.181   -10.068 8.311   1.000 18.914 ? 17  GLY A C   1 
ATOM   106  O O   . GLY A 1 19  ? 7.208   -10.782 8.573   1.000 18.499 ? 17  GLY A O   1 
ATOM   107  N N   . SER A 1 20  ? 8.152   -8.733  8.382   1.000 19.060 ? 18  SER A N   1 
ATOM   108  C CA  . SER A 1 20  ? 6.907   -7.969  8.673   1.000 19.461 ? 18  SER A CA  1 
ATOM   109  C C   . SER A 1 20  ? 5.938   -8.158  7.500   1.000 19.762 ? 18  SER A C   1 
ATOM   110  O O   . SER A 1 20  ? 6.401   -8.184  6.333   1.000 19.962 ? 18  SER A O   1 
ATOM   111  C CB  . SER A 1 20  ? 7.154   -6.496  8.924   1.000 19.933 ? 18  SER A CB  1 
ATOM   112  O OG  . SER A 1 20  ? 7.961   -6.279  10.066  1.000 19.768 ? 18  SER A OG  1 
ATOM   113  N N   . THR A 1 21  ? 4.649   -8.322  7.794   1.000 19.579 ? 19  THR A N   1 
ATOM   114  C CA  . THR A 1 21  ? 3.556   -8.285  6.797   1.000 19.609 ? 19  THR A CA  1 
ATOM   115  C C   . THR A 1 21  ? 2.566   -7.207  7.231   1.000 19.538 ? 19  THR A C   1 
ATOM   116  O O   . THR A 1 21  ? 2.265   -7.151  8.444   1.000 18.821 ? 19  THR A O   1 
ATOM   117  C CB  . THR A 1 21  ? 2.925   -9.667  6.619   1.000 20.712 ? 19  THR A CB  1 
ATOM   118  O OG1 . THR A 1 21  ? 3.924   -10.496 6.030   1.000 21.662 ? 19  THR A OG1 1 
ATOM   119  C CG2 . THR A 1 21  ? 1.723   -9.669  5.702   1.000 21.815 ? 19  THR A CG2 1 
ATOM   120  N N   . VAL A 1 22  ? 2.098   -6.397  6.271   1.000 18.443 ? 20  VAL A N   1 
ATOM   121  C CA  . VAL A 1 22  ? 0.939   -5.470  6.414   1.000 18.255 ? 20  VAL A CA  1 
ATOM   122  C C   . VAL A 1 22  ? -0.224  -6.027  5.594   1.000 18.484 ? 20  VAL A C   1 
ATOM   123  O O   . VAL A 1 22  ? -0.088  -6.117  4.357   1.000 18.793 ? 20  VAL A O   1 
ATOM   124  C CB  . VAL A 1 22  ? 1.297   -4.042  5.974   1.000 18.225 ? 20  VAL A CB  1 
ATOM   125  C CG1 . VAL A 1 22  ? 0.124   -3.092  6.177   1.000 18.598 ? 20  VAL A CG1 1 
ATOM   126  C CG2 . VAL A 1 22  ? 2.540   -3.548  6.688   1.000 18.343 ? 20  VAL A CG2 1 
ATOM   127  N N   . THR A 1 23  ? -1.308  -6.399  6.266   1.000 18.160 ? 21  THR A N   1 
ATOM   128  C CA  . THR A 1 23  ? -2.524  -6.968  5.640   1.000 19.622 ? 21  THR A CA  1 
ATOM   129  C C   . THR A 1 23  ? -3.673  -5.954  5.748   1.000 19.769 ? 21  THR A C   1 
ATOM   130  O O   . THR A 1 23  ? -3.952  -5.457  6.866   1.000 18.552 ? 21  THR A O   1 
ATOM   131  C CB  . THR A 1 23  ? -2.878  -8.321  6.258   1.000 20.047 ? 21  THR A CB  1 
ATOM   132  O OG1 . THR A 1 23  ? -1.679  -9.088  6.170   1.000 21.502 ? 21  THR A OG1 1 
ATOM   133  C CG2 . THR A 1 23  ? -4.019  -9.007  5.540   1.000 20.125 ? 21  THR A CG2 1 
ATOM   134  N N   . ILE A 1 24  ? -4.311  -5.683  4.616   1.000 20.096 ? 22  ILE A N   1 
ATOM   135  C CA  . ILE A 1 24  ? -5.482  -4.779  4.482   1.000 22.124 ? 22  ILE A CA  1 
ATOM   136  C C   . ILE A 1 24  ? -6.608  -5.569  3.823   1.000 22.464 ? 22  ILE A C   1 
ATOM   137  O O   . ILE A 1 24  ? -6.365  -6.221  2.789   1.000 24.812 ? 22  ILE A O   1 
ATOM   138  C CB  . ILE A 1 24  ? -5.046  -3.545  3.683   1.000 24.458 ? 22  ILE A CB  1 
ATOM   139  C CG1 . ILE A 1 24  ? -4.098  -2.688  4.529   1.000 25.363 ? 22  ILE A CG1 1 
ATOM   140  C CG2 . ILE A 1 24  ? -6.227  -2.757  3.134   1.000 24.912 ? 22  ILE A CG2 1 
ATOM   141  C CD1 . ILE A 1 24  ? -2.792  -2.372  3.828   1.000 26.070 ? 22  ILE A CD1 1 
ATOM   142  N N   . LYS A 1 25  ? -7.789  -5.538  4.425   1.000 23.233 ? 23  LYS A N   1 
ATOM   143  C CA  . LYS A 1 25  ? -9.038  -5.994  3.775   1.000 24.901 ? 23  LYS A CA  1 
ATOM   144  C C   . LYS A 1 25  ? -9.940  -4.776  3.562   1.000 22.692 ? 23  LYS A C   1 
ATOM   145  O O   . LYS A 1 25  ? -10.194 -4.016  4.521   1.000 21.762 ? 23  LYS A O   1 
ATOM   146  C CB  . LYS A 1 25  ? -9.691  -7.103  4.595   1.000 29.634 ? 23  LYS A CB  1 
ATOM   147  C CG  . LYS A 1 25  ? -10.542 -8.070  3.785   1.000 34.797 ? 23  LYS A CG  1 
ATOM   148  C CD  . LYS A 1 25  ? -11.036 -9.261  4.586   1.000 37.571 ? 23  LYS A CD  1 
ATOM   149  C CE  . LYS A 1 25  ? -9.922  -10.206 4.974   1.000 40.292 ? 23  LYS A CE  1 
ATOM   150  N NZ  . LYS A 1 25  ? -10.460 -11.420 5.634   1.000 44.857 ? 23  LYS A NZ  1 
ATOM   151  N N   . GLY A 1 26  ? -10.365 -4.575  2.324   1.000 21.128 ? 24  GLY A N   1 
ATOM   152  C CA  . GLY A 1 26  ? -11.197 -3.425  1.954   1.000 20.664 ? 24  GLY A CA  1 
ATOM   153  C C   . GLY A 1 26  ? -12.058 -3.738  0.752   1.000 20.363 ? 24  GLY A C   1 
ATOM   154  O O   . GLY A 1 26  ? -12.003 -4.872  0.245   1.000 18.406 ? 24  GLY A O   1 
ATOM   155  N N   . ARG A 1 27  ? -12.803 -2.734  0.309   1.000 21.016 ? 25  ARG A N   1 
ATOM   156  C CA  . ARG A 1 27  ? -13.702 -2.797  -0.861  1.000 22.506 ? 25  ARG A CA  1 
ATOM   157  C C   . ARG A 1 27  ? -13.708 -1.430  -1.535  1.000 20.660 ? 25  ARG A C   1 
ATOM   158  O O   . ARG A 1 27  ? -13.816 -0.416  -0.851  1.000 18.010 ? 25  ARG A O   1 
ATOM   159  C CB  . ARG A 1 27  ? -15.101 -3.194  -0.393  1.000 25.822 ? 25  ARG A CB  1 
ATOM   160  C CG  . ARG A 1 27  ? -16.024 -3.581  -1.534  1.000 30.919 ? 25  ARG A CG  1 
ATOM   161  C CD  . ARG A 1 27  ? -17.487 -3.502  -1.160  1.000 35.818 ? 25  ARG A CD  1 
ATOM   162  N NE  . ARG A 1 27  ? -18.213 -4.623  -1.739  1.000 42.097 ? 25  ARG A NE  1 
ATOM   163  C CZ  . ARG A 1 27  ? -18.221 -5.868  -1.256  1.000 46.247 ? 25  ARG A CZ  1 
ATOM   164  N NH1 . ARG A 1 27  ? -17.546 -6.184  -0.159  1.000 46.927 ? 25  ARG A NH1 1 
ATOM   165  N NH2 . ARG A 1 27  ? -18.924 -6.801  -1.874  1.000 48.627 ? 25  ARG A NH2 1 
ATOM   166  N N   . PRO A 1 28  ? -13.613 -1.352  -2.882  1.000 20.363 ? 26  PRO A N   1 
ATOM   167  C CA  . PRO A 1 28  ? -13.767 -0.079  -3.578  1.000 20.979 ? 26  PRO A CA  1 
ATOM   168  C C   . PRO A 1 28  ? -15.165 0.487   -3.303  1.000 20.654 ? 26  PRO A C   1 
ATOM   169  O O   . PRO A 1 28  ? -16.088 -0.290  -3.206  1.000 22.158 ? 26  PRO A O   1 
ATOM   170  C CB  . PRO A 1 28  ? -13.591 -0.387  -5.070  1.000 21.476 ? 26  PRO A CB  1 
ATOM   171  C CG  . PRO A 1 28  ? -13.116 -1.828  -5.148  1.000 21.723 ? 26  PRO A CG  1 
ATOM   172  C CD  . PRO A 1 28  ? -13.330 -2.467  -3.793  1.000 21.300 ? 26  PRO A CD  1 
ATOM   173  N N   . LEU A 1 29  ? -15.286 1.805   -3.181  1.000 19.278 ? 27  LEU A N   1 
ATOM   174  C CA  . LEU A 1 29  ? -16.581 2.464   -2.873  1.000 19.237 ? 27  LEU A CA  1 
ATOM   175  C C   . LEU A 1 29  ? -17.487 2.457   -4.109  1.000 19.694 ? 27  LEU A C   1 
ATOM   176  O O   . LEU A 1 29  ? -18.700 2.493   -3.907  1.000 19.497 ? 27  LEU A O   1 
ATOM   177  C CB  . LEU A 1 29  ? -16.343 3.893   -2.371  1.000 19.113 ? 27  LEU A CB  1 
ATOM   178  C CG  . LEU A 1 29  ? -15.662 4.006   -1.007  1.000 18.889 ? 27  LEU A CG  1 
ATOM   179  C CD1 . LEU A 1 29  ? -15.315 5.455   -0.686  1.000 18.581 ? 27  LEU A CD1 1 
ATOM   180  C CD2 . LEU A 1 29  ? -16.528 3.413   0.093   1.000 19.081 ? 27  LEU A CD2 1 
ATOM   181  N N   . VAL A 1 30  ? -16.933 2.419   -5.325  1.000 19.419 ? 28  VAL A N   1 
ATOM   182  C CA  . VAL A 1 30  ? -17.722 2.574   -6.582  1.000 20.632 ? 28  VAL A CA  1 
ATOM   183  C C   . VAL A 1 30  ? -17.186 1.594   -7.630  1.000 20.389 ? 28  VAL A C   1 
ATOM   184  O O   . VAL A 1 30  ? -16.072 1.032   -7.443  1.000 20.943 ? 28  VAL A O   1 
ATOM   185  C CB  . VAL A 1 30  ? -17.711 4.032   -7.087  1.000 21.111 ? 28  VAL A CB  1 
ATOM   186  C CG1 . VAL A 1 30  ? -18.310 4.990   -6.063  1.000 22.378 ? 28  VAL A CG1 1 
ATOM   187  C CG2 . VAL A 1 30  ? -16.323 4.501   -7.497  1.000 21.045 ? 28  VAL A CG2 1 
ATOM   188  N N   . CYS A 1 31  ? -17.956 1.386   -8.692  1.000 19.649 ? 29  CYS A N   1 
ATOM   189  C CA  . CYS A 1 31  ? -17.596 0.497   -9.823  1.000 19.862 ? 29  CYS A CA  1 
ATOM   190  C C   . CYS A 1 31  ? -16.265 0.951   -10.454 1.000 19.332 ? 29  CYS A C   1 
ATOM   191  O O   . CYS A 1 31  ? -15.948 2.149   -10.418 1.000 17.356 ? 29  CYS A O   1 
ATOM   192  C CB  . CYS A 1 31  ? -18.725 0.475   -10.846 1.000 21.248 ? 29  CYS A CB  1 
ATOM   193  S SG  . CYS A 1 31  ? -19.005 2.083   -11.630 1.000 24.155 ? 29  CYS A SG  1 
ATOM   194  N N   . PHE A 1 32  ? -15.531 0.020   -11.061 1.000 19.474 ? 30  PHE A N   1 
ATOM   195  C CA  . PHE A 1 32  ? -14.217 0.253   -11.714 1.000 19.642 ? 30  PHE A CA  1 
ATOM   196  C C   . PHE A 1 32  ? -14.350 1.230   -12.887 1.000 19.202 ? 30  PHE A C   1 
ATOM   197  O O   . PHE A 1 32  ? -13.382 1.961   -13.170 1.000 17.465 ? 30  PHE A O   1 
ATOM   198  C CB  . PHE A 1 32  ? -13.621 -1.065  -12.211 1.000 20.165 ? 30  PHE A CB  1 
ATOM   199  C CG  . PHE A 1 32  ? -12.925 -1.902  -11.174 1.000 20.808 ? 30  PHE A CG  1 
ATOM   200  C CD1 . PHE A 1 32  ? -13.168 -1.746  -9.816  1.000 20.958 ? 30  PHE A CD1 1 
ATOM   201  C CD2 . PHE A 1 32  ? -12.005 -2.861  -11.573 1.000 21.276 ? 30  PHE A CD2 1 
ATOM   202  C CE1 . PHE A 1 32  ? -12.515 -2.544  -8.890  1.000 21.493 ? 30  PHE A CE1 1 
ATOM   203  C CE2 . PHE A 1 32  ? -11.340 -3.640  -10.637 1.000 21.549 ? 30  PHE A CE2 1 
ATOM   204  C CZ  . PHE A 1 32  ? -11.605 -3.485  -9.299  1.000 20.152 ? 30  PHE A CZ  1 
ATOM   205  N N   . LEU A 1 33  ? -15.505 1.259   -13.561 1.000 20.475 ? 31  LEU A N   1 
ATOM   206  C CA  . LEU A 1 33  ? -15.771 2.233   -14.659 1.000 20.287 ? 31  LEU A CA  1 
ATOM   207  C C   . LEU A 1 33  ? -15.479 3.662   -14.177 1.000 19.139 ? 31  LEU A C   1 
ATOM   208  O O   . LEU A 1 33  ? -14.965 4.448   -14.968 1.000 20.060 ? 31  LEU A O   1 
ATOM   209  C CB  . LEU A 1 33  ? -17.216 2.081   -15.151 1.000 20.824 ? 31  LEU A CB  1 
ATOM   210  C CG  . LEU A 1 33  ? -17.565 2.851   -16.426 1.000 22.113 ? 31  LEU A CG  1 
ATOM   211  C CD1 . LEU A 1 33  ? -16.806 2.319   -17.634 1.000 22.237 ? 31  LEU A CD1 1 
ATOM   212  C CD2 . LEU A 1 33  ? -19.064 2.810   -16.689 1.000 23.024 ? 31  LEU A CD2 1 
ATOM   213  N N   . ASN A 1 34  ? -15.770 3.976   -12.916 1.000 19.140 ? 32  ASN A N   1 
ATOM   214  C CA  . ASN A 1 34  ? -15.555 5.316   -12.304 1.000 20.348 ? 32  ASN A CA  1 
ATOM   215  C C   . ASN A 1 34  ? -14.126 5.472   -11.745 1.000 20.846 ? 32  ASN A C   1 
ATOM   216  O O   . ASN A 1 34  ? -13.825 6.563   -11.234 1.000 19.734 ? 32  ASN A O   1 
ATOM   217  C CB  . ASN A 1 34  ? -16.615 5.583   -11.230 1.000 19.818 ? 32  ASN A CB  1 
ATOM   218  C CG  . ASN A 1 34  ? -17.999 5.815   -11.812 1.000 20.659 ? 32  ASN A CG  1 
ATOM   219  O OD1 . ASN A 1 34  ? -18.164 5.892   -13.023 1.000 21.590 ? 32  ASN A OD1 1 
ATOM   220  N ND2 . ASN A 1 34  ? -19.002 5.935   -10.961 1.000 21.460 ? 32  ASN A ND2 1 
ATOM   221  N N   . GLU A 1 35  ? -13.266 4.451   -11.844 1.000 20.914 ? 33  GLU A N   1 
ATOM   222  C CA  . GLU A 1 35  ? -11.817 4.534   -11.504 1.000 22.140 ? 33  GLU A CA  1 
ATOM   223  C C   . GLU A 1 35  ? -11.630 5.026   -10.066 1.000 19.952 ? 33  GLU A C   1 
ATOM   224  O O   . GLU A 1 35  ? -10.956 6.028   -9.819  1.000 17.388 ? 33  GLU A O   1 
ATOM   225  C CB  . GLU A 1 35  ? -11.081 5.437   -12.495 1.000 26.233 ? 33  GLU A CB  1 
ATOM   226  C CG  . GLU A 1 35  ? -10.942 4.824   -13.882 1.000 30.969 ? 33  GLU A CG  1 
ATOM   227  C CD  . GLU A 1 35  ? -10.042 5.577   -14.855 1.000 35.461 ? 33  GLU A CD  1 
ATOM   228  O OE1 . GLU A 1 35  ? -9.170  6.363   -14.398 1.000 39.500 ? 33  GLU A OE1 1 
ATOM   229  O OE2 . GLU A 1 35  ? -10.204 5.370   -16.073 1.000 39.290 ? 33  GLU A OE2 1 
ATOM   230  N N   . PRO A 1 36  ? -12.153 4.299   -9.054  1.000 19.333 ? 34  PRO A N   1 
ATOM   231  C CA  . PRO A 1 36  ? -11.802 4.590   -7.664  1.000 19.513 ? 34  PRO A CA  1 
ATOM   232  C C   . PRO A 1 36  ? -10.296 4.326   -7.500  1.000 19.047 ? 34  PRO A C   1 
ATOM   233  O O   . PRO A 1 36  ? -9.743  3.566   -8.288  1.000 18.691 ? 34  PRO A O   1 
ATOM   234  C CB  . PRO A 1 36  ? -12.690 3.641   -6.842  1.000 18.980 ? 34  PRO A CB  1 
ATOM   235  C CG  . PRO A 1 36  ? -12.971 2.497   -7.792  1.000 19.432 ? 34  PRO A CG  1 
ATOM   236  C CD  . PRO A 1 36  ? -13.018 3.116   -9.175  1.000 19.031 ? 34  PRO A CD  1 
ATOM   237  N N   . TYR A 1 37  ? -9.662  5.003   -6.548  1.000 20.212 ? 35  TYR A N   1 
ATOM   238  C CA  . TYR A 1 37  ? -8.254  4.758   -6.148  1.000 20.996 ? 35  TYR A CA  1 
ATOM   239  C C   . TYR A 1 37  ? -8.205  4.063   -4.787  1.000 19.331 ? 35  TYR A C   1 
ATOM   240  O O   . TYR A 1 37  ? -9.120  4.208   -3.958  1.000 17.672 ? 35  TYR A O   1 
ATOM   241  C CB  . TYR A 1 37  ? -7.446  6.054   -6.071  1.000 24.406 ? 35  TYR A CB  1 
ATOM   242  C CG  . TYR A 1 37  ? -7.129  6.717   -7.388  1.000 29.203 ? 35  TYR A CG  1 
ATOM   243  C CD1 . TYR A 1 37  ? -5.839  6.723   -7.905  1.000 33.760 ? 35  TYR A CD1 1 
ATOM   244  C CD2 . TYR A 1 37  ? -8.102  7.392   -8.100  1.000 31.191 ? 35  TYR A CD2 1 
ATOM   245  C CE1 . TYR A 1 37  ? -5.539  7.366   -9.100  1.000 35.528 ? 35  TYR A CE1 1 
ATOM   246  C CE2 . TYR A 1 37  ? -7.826  8.040   -9.295  1.000 32.932 ? 35  TYR A CE2 1 
ATOM   247  C CZ  . TYR A 1 37  ? -6.539  8.021   -9.800  1.000 36.068 ? 35  TYR A CZ  1 
ATOM   248  O OH  . TYR A 1 37  ? -6.246  8.651   -10.975 1.000 38.890 ? 35  TYR A OH  1 
ATOM   249  N N   . LEU A 1 38  ? -7.111  3.346   -4.566  1.000 17.749 ? 36  LEU A N   1 
ATOM   250  C CA  . LEU A 1 38  ? -6.610  2.956   -3.232  1.000 17.152 ? 36  LEU A CA  1 
ATOM   251  C C   . LEU A 1 38  ? -5.158  3.423   -3.143  1.000 16.781 ? 36  LEU A C   1 
ATOM   252  O O   . LEU A 1 38  ? -4.393  3.169   -4.113  1.000 16.391 ? 36  LEU A O   1 
ATOM   253  C CB  . LEU A 1 38  ? -6.719  1.440   -3.082  1.000 17.287 ? 36  LEU A CB  1 
ATOM   254  C CG  . LEU A 1 38  ? -5.888  0.840   -1.956  1.000 17.529 ? 36  LEU A CG  1 
ATOM   255  C CD1 . LEU A 1 38  ? -6.531  1.128   -0.613  1.000 17.823 ? 36  LEU A CD1 1 
ATOM   256  C CD2 . LEU A 1 38  ? -5.689  -0.649  -2.168  1.000 17.989 ? 36  LEU A CD2 1 
ATOM   257  N N   . GLN A 1 39  ? -4.782  4.035   -2.020  1.000 15.401 ? 37  GLN A N   1 
ATOM   258  C CA  . GLN A 1 39  ? -3.365  4.369   -1.747  1.000 15.533 ? 37  GLN A CA  1 
ATOM   259  C C   . GLN A 1 39  ? -2.955  3.800   -0.396  1.000 15.484 ? 37  GLN A C   1 
ATOM   260  O O   . GLN A 1 39  ? -3.727  3.941   0.554   1.000 14.901 ? 37  GLN A O   1 
ATOM   261  C CB  . GLN A 1 39  ? -3.155  5.874   -1.773  1.000 15.444 ? 37  GLN A CB  1 
ATOM   262  C CG  . GLN A 1 39  ? -1.693  6.270   -1.786  1.000 15.673 ? 37  GLN A CG  1 
ATOM   263  C CD  . GLN A 1 39  ? -1.531  7.644   -2.385  1.000 15.882 ? 37  GLN A CD  1 
ATOM   264  O OE1 . GLN A 1 39  ? -2.152  7.953   -3.404  1.000 15.756 ? 37  GLN A OE1 1 
ATOM   265  N NE2 . GLN A 1 39  ? -0.712  8.474   -1.744  1.000 15.009 ? 37  GLN A NE2 1 
ATOM   266  N N   . VAL A 1 40  ? -1.751  3.238   -0.339  1.000 15.803 ? 38  VAL A N   1 
ATOM   267  C CA  . VAL A 1 40  ? -1.072  2.761   0.900   1.000 15.851 ? 38  VAL A CA  1 
ATOM   268  C C   . VAL A 1 40  ? 0.301   3.421   0.914   1.000 15.215 ? 38  VAL A C   1 
ATOM   269  O O   . VAL A 1 40  ? 1.054   3.215   -0.051  1.000 14.002 ? 38  VAL A O   1 
ATOM   270  C CB  . VAL A 1 40  ? -0.950  1.226   0.960   1.000 15.793 ? 38  VAL A CB  1 
ATOM   271  C CG1 . VAL A 1 40  ? -0.341  0.773   2.284   1.000 17.106 ? 38  VAL A CG1 1 
ATOM   272  C CG2 . VAL A 1 40  ? -2.293  0.551   0.751   1.000 16.336 ? 38  VAL A CG2 1 
ATOM   273  N N   . ASP A 1 41  ? 0.588   4.200   1.951   1.000 15.093 ? 39  ASP A N   1 
ATOM   274  C CA  . ASP A 1 41  ? 1.878   4.924   2.086   1.000 15.441 ? 39  ASP A CA  1 
ATOM   275  C C   . ASP A 1 41  ? 2.548   4.481   3.385   1.000 15.423 ? 39  ASP A C   1 
ATOM   276  O O   . ASP A 1 41  ? 1.877   4.497   4.439   1.000 16.391 ? 39  ASP A O   1 
ATOM   277  C CB  . ASP A 1 41  ? 1.672   6.434   2.025   1.000 15.412 ? 39  ASP A CB  1 
ATOM   278  C CG  . ASP A 1 41  ? 1.126   6.911   0.694   1.000 15.708 ? 39  ASP A CG  1 
ATOM   279  O OD1 . ASP A 1 41  ? 1.723   6.550   -0.356  1.000 16.021 ? 39  ASP A OD1 1 
ATOM   280  O OD2 . ASP A 1 41  ? 0.103   7.626   0.715   1.000 15.654 ? 39  ASP A OD2 1 
ATOM   281  N N   . PHE A 1 42  ? 3.811   4.080   3.292   1.000 15.346 ? 40  PHE A N   1 
ATOM   282  C CA  . PHE A 1 42  ? 4.700   3.773   4.433   1.000 15.354 ? 40  PHE A CA  1 
ATOM   283  C C   . PHE A 1 42  ? 5.545   5.018   4.667   1.000 15.850 ? 40  PHE A C   1 
ATOM   284  O O   . PHE A 1 42  ? 6.413   5.328   3.816   1.000 16.453 ? 40  PHE A O   1 
ATOM   285  C CB  . PHE A 1 42  ? 5.557   2.532   4.159   1.000 15.894 ? 40  PHE A CB  1 
ATOM   286  C CG  . PHE A 1 42  ? 4.837   1.210   4.009   1.000 15.985 ? 40  PHE A CG  1 
ATOM   287  C CD1 . PHE A 1 42  ? 3.462   1.081   4.178   1.000 16.424 ? 40  PHE A CD1 1 
ATOM   288  C CD2 . PHE A 1 42  ? 5.566   0.064   3.724   1.000 16.212 ? 40  PHE A CD2 1 
ATOM   289  C CE1 . PHE A 1 42  ? 2.841   -0.155  4.051   1.000 16.447 ? 40  PHE A CE1 1 
ATOM   290  C CE2 . PHE A 1 42  ? 4.944   -1.167  3.595   1.000 16.269 ? 40  PHE A CE2 1 
ATOM   291  C CZ  . PHE A 1 42  ? 3.581   -1.277  3.767   1.000 16.603 ? 40  PHE A CZ  1 
ATOM   292  N N   . HIS A 1 43  ? 5.225   5.752   5.736   1.000 15.621 ? 41  HIS A N   1 
ATOM   293  C CA  . HIS A 1 43  ? 5.825   7.064   6.082   1.000 16.015 ? 41  HIS A CA  1 
ATOM   294  C C   . HIS A 1 43  ? 6.974   6.877   7.079   1.000 16.636 ? 41  HIS A C   1 
ATOM   295  O O   . HIS A 1 43  ? 6.936   5.898   7.866   1.000 16.058 ? 41  HIS A O   1 
ATOM   296  C CB  . HIS A 1 43  ? 4.768   8.007   6.659   1.000 15.764 ? 41  HIS A CB  1 
ATOM   297  C CG  . HIS A 1 43  ? 3.842   8.588   5.643   1.000 15.926 ? 41  HIS A CG  1 
ATOM   298  N ND1 . HIS A 1 43  ? 4.045   9.835   5.089   1.000 16.066 ? 41  HIS A ND1 1 
ATOM   299  C CD2 . HIS A 1 43  ? 2.697   8.113   5.103   1.000 16.347 ? 41  HIS A CD2 1 
ATOM   300  C CE1 . HIS A 1 43  ? 3.067   10.096  4.240   1.000 16.442 ? 41  HIS A CE1 1 
ATOM   301  N NE2 . HIS A 1 43  ? 2.222   9.061   4.239   1.000 16.121 ? 41  HIS A NE2 1 
ATOM   302  N N   . THR A 1 44  ? 7.913   7.825   7.076   1.000 17.735 ? 42  THR A N   1 
ATOM   303  C CA  . THR A 1 44  ? 9.058   7.902   8.018   1.000 18.936 ? 42  THR A CA  1 
ATOM   304  C C   . THR A 1 44  ? 8.646   8.604   9.317   1.000 19.969 ? 42  THR A C   1 
ATOM   305  O O   . THR A 1 44  ? 9.400   8.492   10.299  1.000 19.097 ? 42  THR A O   1 
ATOM   306  C CB  . THR A 1 44  ? 10.232  8.622   7.358   1.000 19.237 ? 42  THR A CB  1 
ATOM   307  O OG1 . THR A 1 44  ? 9.761   9.928   7.017   1.000 20.009 ? 42  THR A OG1 1 
ATOM   308  C CG2 . THR A 1 44  ? 10.755  7.878   6.149   1.000 18.624 ? 42  THR A CG2 1 
ATOM   309  N N   . GLU A 1 45  ? 7.505   9.306   9.333   1.000 21.600 ? 43  GLU A N   1 
ATOM   310  C CA  . GLU A 1 45  ? 6.951   9.904   10.577  1.000 23.549 ? 43  GLU A CA  1 
ATOM   311  C C   . GLU A 1 45  ? 5.436   9.750   10.619  1.000 22.777 ? 43  GLU A C   1 
ATOM   312  O O   . GLU A 1 45  ? 4.835   9.424   9.584   1.000 19.523 ? 43  GLU A O   1 
ATOM   313  C CB  . GLU A 1 45  ? 7.317   11.382  10.686  1.000 26.028 ? 43  GLU A CB  1 
ATOM   314  C CG  . GLU A 1 45  ? 8.781   11.625  10.972  1.000 30.442 ? 43  GLU A CG  1 
ATOM   315  C CD  . GLU A 1 45  ? 9.285   12.882  10.299  1.000 35.576 ? 43  GLU A CD  1 
ATOM   316  O OE1 . GLU A 1 45  ? 8.936   13.988  10.773  1.000 37.517 ? 43  GLU A OE1 1 
ATOM   317  O OE2 . GLU A 1 45  ? 9.998   12.748  9.282   1.000 44.555 ? 43  GLU A OE2 1 
ATOM   318  N N   . MET A 1 46  ? 4.860   10.046  11.786  1.000 24.222 ? 44  MET A N   1 
ATOM   319  C CA  . MET A 1 46  ? 3.401   10.011  12.042  1.000 26.868 ? 44  MET A CA  1 
ATOM   320  C C   . MET A 1 46  ? 2.705   11.130  11.260  1.000 26.903 ? 44  MET A C   1 
ATOM   321  O O   . MET A 1 46  ? 1.530   10.953  10.968  1.000 30.216 ? 44  MET A O   1 
ATOM   322  C CB  . MET A 1 46  ? 3.100   10.128  13.539  1.000 29.217 ? 44  MET A CB  1 
ATOM   323  C CG  . MET A 1 46  ? 3.319   8.819   14.279  1.000 31.452 ? 44  MET A CG  1 
ATOM   324  S SD  . MET A 1 46  ? 2.198   7.484   13.753  1.000 37.393 ? 44  MET A SD  1 
ATOM   325  C CE  . MET A 1 46  ? 0.594   8.271   13.872  1.000 35.749 ? 44  MET A CE  1 
ATOM   326  N N   . LYS A 1 47  ? 3.391   12.208  10.866  1.000 26.882 ? 45  LYS A N   1 
ATOM   327  C CA  . LYS A 1 47  ? 2.731   13.326  10.139  1.000 26.735 ? 45  LYS A CA  1 
ATOM   328  C C   . LYS A 1 47  ? 2.642   12.984  8.642   1.000 23.339 ? 45  LYS A C   1 
ATOM   329  O O   . LYS A 1 47  ? 3.586   12.381  8.092   1.000 19.192 ? 45  LYS A O   1 
ATOM   330  C CB  . LYS A 1 47  ? 3.403   14.662  10.484  1.000 31.130 ? 45  LYS A CB  1 
ATOM   331  C CG  . LYS A 1 47  ? 4.852   14.850  10.057  1.000 34.645 ? 45  LYS A CG  1 
ATOM   332  C CD  . LYS A 1 47  ? 5.483   16.103  10.665  1.000 37.796 ? 45  LYS A CD  1 
ATOM   333  C CE  . LYS A 1 47  ? 6.461   16.803  9.739   1.000 42.282 ? 45  LYS A CE  1 
ATOM   334  N NZ  . LYS A 1 47  ? 7.465   15.866  9.169   1.000 44.443 ? 45  LYS A NZ  1 
ATOM   335  N N   . GLU A 1 48  ? 1.528   13.354  8.000   1.000 23.001 ? 46  GLU A N   1 
ATOM   336  C CA  . GLU A 1 48  ? 1.173   12.915  6.613   1.000 25.179 ? 46  GLU A CA  1 
ATOM   337  C C   . GLU A 1 48  ? 2.114   13.560  5.586   1.000 22.085 ? 46  GLU A C   1 
ATOM   338  O O   . GLU A 1 48  ? 2.180   13.030  4.471   1.000 23.403 ? 46  GLU A O   1 
ATOM   339  C CB  . GLU A 1 48  ? -0.254  13.282  6.165   1.000 27.913 ? 46  GLU A CB  1 
ATOM   340  C CG  . GLU A 1 48  ? -1.208  13.687  7.265   1.000 30.414 ? 46  GLU A CG  1 
ATOM   341  C CD  . GLU A 1 48  ? -2.659  13.728  6.834   1.000 31.934 ? 46  GLU A CD  1 
ATOM   342  O OE1 . GLU A 1 48  ? -3.048  14.737  6.203   1.000 36.269 ? 46  GLU A OE1 1 
ATOM   343  O OE2 . GLU A 1 48  ? -3.380  12.740  7.118   1.000 31.320 ? 46  GLU A OE2 1 
ATOM   344  N N   . GLU A 1 49  ? 2.754   14.685  5.920   1.000 21.215 ? 47  GLU A N   1 
ATOM   345  C CA  . GLU A 1 49  ? 3.663   15.429  5.001   1.000 23.492 ? 47  GLU A CA  1 
ATOM   346  C C   . GLU A 1 49  ? 5.036   14.760  4.991   1.000 21.146 ? 47  GLU A C   1 
ATOM   347  O O   . GLU A 1 49  ? 5.839   15.133  4.120   1.000 20.951 ? 47  GLU A O   1 
ATOM   348  C CB  . GLU A 1 49  ? 3.935   16.891  5.383   1.000 26.324 ? 47  GLU A CB  1 
ATOM   349  C CG  . GLU A 1 49  ? 2.783   17.618  6.036   1.000 30.837 ? 47  GLU A CG  1 
ATOM   350  C CD  . GLU A 1 49  ? 2.808   17.454  7.543   1.000 31.475 ? 47  GLU A CD  1 
ATOM   351  O OE1 . GLU A 1 49  ? 3.646   18.125  8.202   1.000 33.254 ? 47  GLU A OE1 1 
ATOM   352  O OE2 . GLU A 1 49  ? 2.035   16.616  8.033   1.000 29.319 ? 47  GLU A OE2 1 
ATOM   353  N N   . SER A 1 50  ? 5.301   13.851  5.939   1.000 20.161 ? 48  SER A N   1 
ATOM   354  C CA  . SER A 1 50  ? 6.588   13.110  6.046   1.000 18.861 ? 48  SER A CA  1 
ATOM   355  C C   . SER A 1 50  ? 6.863   12.304  4.774   1.000 18.047 ? 48  SER A C   1 
ATOM   356  O O   . SER A 1 50  ? 5.919   11.977  3.994   1.000 16.960 ? 48  SER A O   1 
ATOM   357  C CB  . SER A 1 50  ? 6.645   12.231  7.274   1.000 18.558 ? 48  SER A CB  1 
ATOM   358  O OG  . SER A 1 50  ? 5.791   11.105  7.166   1.000 17.727 ? 48  SER A OG  1 
ATOM   359  N N   . ASP A 1 51  ? 8.141   11.991  4.586   1.000 16.828 ? 49  ASP A N   1 
ATOM   360  C CA  . ASP A 1 51  ? 8.644   11.186  3.451   1.000 16.598 ? 49  ASP A CA  1 
ATOM   361  C C   . ASP A 1 51  ? 7.949   9.821   3.432   1.000 16.492 ? 49  ASP A C   1 
ATOM   362  O O   . ASP A 1 51  ? 7.454   9.366   4.493   1.000 16.376 ? 49  ASP A O   1 
ATOM   363  C CB  . ASP A 1 51  ? 10.161  11.061  3.531   1.000 16.393 ? 49  ASP A CB  1 
ATOM   364  C CG  . ASP A 1 51  ? 10.883  12.344  3.176   1.000 16.292 ? 49  ASP A CG  1 
ATOM   365  O OD1 . ASP A 1 51  ? 10.233  13.292  2.686   1.000 16.929 ? 49  ASP A OD1 1 
ATOM   366  O OD2 . ASP A 1 51  ? 12.096  12.377  3.382   1.000 16.776 ? 49  ASP A OD2 1 
ATOM   367  N N   . ILE A 1 52  ? 7.897   9.234   2.240   1.000 15.509 ? 50  ILE A N   1 
ATOM   368  C CA  . ILE A 1 52  ? 7.221   7.945   1.956   1.000 16.130 ? 50  ILE A CA  1 
ATOM   369  C C   . ILE A 1 52  ? 8.288   6.992   1.433   1.000 16.341 ? 50  ILE A C   1 
ATOM   370  O O   . ILE A 1 52  ? 8.837   7.251   0.363   1.000 17.014 ? 50  ILE A O   1 
ATOM   371  C CB  . ILE A 1 52  ? 6.043   8.128   0.982   1.000 15.499 ? 50  ILE A CB  1 
ATOM   372  C CG1 . ILE A 1 52  ? 4.977   9.058   1.572   1.000 15.375 ? 50  ILE A CG1 1 
ATOM   373  C CG2 . ILE A 1 52  ? 5.465   6.781   0.596   1.000 15.623 ? 50  ILE A CG2 1 
ATOM   374  C CD1 . ILE A 1 52  ? 3.953   9.571   0.568   1.000 15.549 ? 50  ILE A CD1 1 
ATOM   375  N N   . VAL A 1 53  ? 8.574   5.955   2.212   1.000 17.103 ? 51  VAL A N   1 
ATOM   376  C CA  . VAL A 1 53  ? 9.545   4.872   1.897   1.000 17.757 ? 51  VAL A CA  1 
ATOM   377  C C   . VAL A 1 53  ? 8.964   4.067   0.732   1.000 18.515 ? 51  VAL A C   1 
ATOM   378  O O   . VAL A 1 53  ? 9.728   3.662   -0.165  1.000 17.042 ? 51  VAL A O   1 
ATOM   379  C CB  . VAL A 1 53  ? 9.781   4.010   3.156   1.000 18.157 ? 51  VAL A CB  1 
ATOM   380  C CG1 . VAL A 1 53  ? 10.544  2.729   2.871   1.000 18.299 ? 51  VAL A CG1 1 
ATOM   381  C CG2 . VAL A 1 53  ? 10.446  4.826   4.257   1.000 18.408 ? 51  VAL A CG2 1 
ATOM   382  N N   . PHE A 1 54  ? 7.642   3.864   0.763   1.000 18.888 ? 52  PHE A N   1 
ATOM   383  C CA  . PHE A 1 54  ? 6.895   2.982   -0.160  1.000 17.884 ? 52  PHE A CA  1 
ATOM   384  C C   . PHE A 1 54  ? 5.479   3.522   -0.342  1.000 17.262 ? 52  PHE A C   1 
ATOM   385  O O   . PHE A 1 54  ? 4.698   3.566   0.634   1.000 17.891 ? 52  PHE A O   1 
ATOM   386  C CB  . PHE A 1 54  ? 6.838   1.549   0.356   1.000 19.003 ? 52  PHE A CB  1 
ATOM   387  C CG  . PHE A 1 54  ? 6.125   0.606   -0.577  1.000 19.000 ? 52  PHE A CG  1 
ATOM   388  C CD1 . PHE A 1 54  ? 6.439   0.571   -1.925  1.000 19.475 ? 52  PHE A CD1 1 
ATOM   389  C CD2 . PHE A 1 54  ? 5.109   -0.214  -0.116  1.000 19.685 ? 52  PHE A CD2 1 
ATOM   390  C CE1 . PHE A 1 54  ? 5.769   -0.284  -2.790  1.000 20.346 ? 52  PHE A CE1 1 
ATOM   391  C CE2 . PHE A 1 54  ? 4.462   -1.086  -0.977  1.000 20.248 ? 52  PHE A CE2 1 
ATOM   392  C CZ  . PHE A 1 54  ? 4.793   -1.122  -2.311  1.000 19.580 ? 52  PHE A CZ  1 
ATOM   393  N N   . HIS A 1 55  ? 5.204   3.950   -1.570  1.000 16.585 ? 53  HIS A N   1 
ATOM   394  C CA  . HIS A 1 55  ? 3.934   4.531   -2.059  1.000 16.229 ? 53  HIS A CA  1 
ATOM   395  C C   . HIS A 1 55  ? 3.355   3.537   -3.060  1.000 17.194 ? 53  HIS A C   1 
ATOM   396  O O   . HIS A 1 55  ? 4.084   3.174   -4.012  1.000 16.207 ? 53  HIS A O   1 
ATOM   397  C CB  . HIS A 1 55  ? 4.208   5.906   -2.666  1.000 16.432 ? 53  HIS A CB  1 
ATOM   398  C CG  . HIS A 1 55  ? 3.161   6.398   -3.592  1.000 16.116 ? 53  HIS A CG  1 
ATOM   399  N ND1 . HIS A 1 55  ? 1.965   6.911   -3.133  1.000 15.846 ? 53  HIS A ND1 1 
ATOM   400  C CD2 . HIS A 1 55  ? 3.148   6.504   -4.939  1.000 15.974 ? 53  HIS A CD2 1 
ATOM   401  C CE1 . HIS A 1 55  ? 1.249   7.308   -4.171  1.000 16.630 ? 53  HIS A CE1 1 
ATOM   402  N NE2 . HIS A 1 55  ? 1.952   7.060   -5.290  1.000 15.766 ? 53  HIS A NE2 1 
ATOM   403  N N   . PHE A 1 56  ? 2.136   3.071   -2.794  1.000 17.227 ? 54  PHE A N   1 
ATOM   404  C CA  . PHE A 1 56  ? 1.391   2.062   -3.582  1.000 17.620 ? 54  PHE A CA  1 
ATOM   405  C C   . PHE A 1 56  ? 0.015   2.653   -3.897  1.000 18.388 ? 54  PHE A C   1 
ATOM   406  O O   . PHE A 1 56  ? -0.785  2.836   -2.951  1.000 16.826 ? 54  PHE A O   1 
ATOM   407  C CB  . PHE A 1 56  ? 1.287   0.762   -2.780  1.000 17.950 ? 54  PHE A CB  1 
ATOM   408  C CG  . PHE A 1 56  ? 0.548   -0.350  -3.478  1.000 18.067 ? 54  PHE A CG  1 
ATOM   409  C CD1 . PHE A 1 56  ? 1.194   -1.170  -4.386  1.000 19.254 ? 54  PHE A CD1 1 
ATOM   410  C CD2 . PHE A 1 56  ? -0.789  -0.581  -3.218  1.000 18.465 ? 54  PHE A CD2 1 
ATOM   411  C CE1 . PHE A 1 56  ? 0.515   -2.184  -5.044  1.000 19.065 ? 54  PHE A CE1 1 
ATOM   412  C CE2 . PHE A 1 56  ? -1.471  -1.597  -3.870  1.000 18.525 ? 54  PHE A CE2 1 
ATOM   413  C CZ  . PHE A 1 56  ? -0.820  -2.388  -4.788  1.000 19.083 ? 54  PHE A CZ  1 
ATOM   414  N N   . GLN A 1 57  ? -0.236  2.981   -5.164  1.000 18.396 ? 55  GLN A N   1 
ATOM   415  C CA  . GLN A 1 57  ? -1.512  3.591   -5.602  1.000 19.454 ? 55  GLN A CA  1 
ATOM   416  C C   . GLN A 1 57  ? -2.129  2.724   -6.700  1.000 18.814 ? 55  GLN A C   1 
ATOM   417  O O   . GLN A 1 57  ? -1.482  2.543   -7.751  1.000 19.740 ? 55  GLN A O   1 
ATOM   418  C CB  . GLN A 1 57  ? -1.294  5.031   -6.047  1.000 21.420 ? 55  GLN A CB  1 
ATOM   419  C CG  . GLN A 1 57  ? -2.587  5.748   -6.383  1.000 23.189 ? 55  GLN A CG  1 
ATOM   420  C CD  . GLN A 1 57  ? -2.324  7.069   -7.061  1.000 27.165 ? 55  GLN A CD  1 
ATOM   421  O OE1 . GLN A 1 57  ? -2.082  7.131   -8.265  1.000 31.977 ? 55  GLN A OE1 1 
ATOM   422  N NE2 . GLN A 1 57  ? -2.371  8.142   -6.289  1.000 28.218 ? 55  GLN A NE2 1 
ATOM   423  N N   . VAL A 1 58  ? -3.325  2.199   -6.433  1.000 18.510 ? 56  VAL A N   1 
ATOM   424  C CA  . VAL A 1 58  ? -4.191  1.486   -7.413  1.000 19.309 ? 56  VAL A CA  1 
ATOM   425  C C   . VAL A 1 58  ? -5.163  2.514   -7.992  1.000 19.792 ? 56  VAL A C   1 
ATOM   426  O O   . VAL A 1 58  ? -5.895  3.136   -7.207  1.000 17.417 ? 56  VAL A O   1 
ATOM   427  C CB  . VAL A 1 58  ? -4.938  0.311   -6.760  1.000 19.960 ? 56  VAL A CB  1 
ATOM   428  C CG1 . VAL A 1 58  ? -5.698  -0.531  -7.782  1.000 20.633 ? 56  VAL A CG1 1 
ATOM   429  C CG2 . VAL A 1 58  ? -3.995  -0.557  -5.935  1.000 20.460 ? 56  VAL A CG2 1 
ATOM   430  N N   . CYS A 1 59  ? -5.171  2.669   -9.316  1.000 20.364 ? 57  CYS A N   1 
ATOM   431  C CA  . CYS A 1 59  ? -6.347  3.135   -10.095 1.000 21.181 ? 57  CYS A CA  1 
ATOM   432  C C   . CYS A 1 59  ? -7.128  1.899   -10.556 1.000 20.246 ? 57  CYS A C   1 
ATOM   433  O O   . CYS A 1 59  ? -6.701  1.257   -11.538 1.000 19.399 ? 57  CYS A O   1 
ATOM   434  C CB  . CYS A 1 59  ? -5.922  4.024   -11.259 1.000 24.048 ? 57  CYS A CB  1 
ATOM   435  S SG  . CYS A 1 59  ? -7.335  4.689   -12.184 1.000 29.989 ? 57  CYS A SG  1 
ATOM   436  N N   . PHE A 1 60  ? -8.203  1.539   -9.845  1.000 19.276 ? 58  PHE A N   1 
ATOM   437  C CA  . PHE A 1 60  ? -8.888  0.236   -10.033 1.000 20.500 ? 58  PHE A CA  1 
ATOM   438  C C   . PHE A 1 60  ? -9.326  0.136   -11.498 1.000 21.855 ? 58  PHE A C   1 
ATOM   439  O O   . PHE A 1 60  ? -9.864  1.127   -12.032 1.000 21.210 ? 58  PHE A O   1 
ATOM   440  C CB  . PHE A 1 60  ? -10.070 0.064   -9.080  1.000 20.279 ? 58  PHE A CB  1 
ATOM   441  C CG  . PHE A 1 60  ? -9.701  -0.241  -7.653  1.000 21.144 ? 58  PHE A CG  1 
ATOM   442  C CD1 . PHE A 1 60  ? -9.313  -1.520  -7.276  1.000 21.386 ? 58  PHE A CD1 1 
ATOM   443  C CD2 . PHE A 1 60  ? -9.744  0.748   -6.679  1.000 21.084 ? 58  PHE A CD2 1 
ATOM   444  C CE1 . PHE A 1 60  ? -8.956  -1.790  -5.964  1.000 21.949 ? 58  PHE A CE1 1 
ATOM   445  C CE2 . PHE A 1 60  ? -9.400  0.471   -5.367  1.000 21.288 ? 58  PHE A CE2 1 
ATOM   446  C CZ  . PHE A 1 60  ? -9.004  -0.797  -5.011  1.000 21.622 ? 58  PHE A CZ  1 
ATOM   447  N N   . GLY A 1 61  ? -9.025  -1.002  -12.131 1.000 22.941 ? 59  GLY A N   1 
ATOM   448  C CA  . GLY A 1 61  ? -9.377  -1.302  -13.531 1.000 24.319 ? 59  GLY A CA  1 
ATOM   449  C C   . GLY A 1 61  ? -8.358  -0.792  -14.540 1.000 24.905 ? 59  GLY A C   1 
ATOM   450  O O   . GLY A 1 61  ? -8.543  -1.115  -15.718 1.000 24.323 ? 59  GLY A O   1 
ATOM   451  N N   . ARG A 1 62  ? -7.339  -0.020  -14.137 1.000 26.059 ? 60  ARG A N   1 
ATOM   452  C CA  . ARG A 1 62  ? -6.422  0.678   -15.087 1.000 28.563 ? 60  ARG A CA  1 
ATOM   453  C C   . ARG A 1 62  ? -4.972  0.294   -14.782 1.000 26.836 ? 60  ARG A C   1 
ATOM   454  O O   . ARG A 1 62  ? -4.367  -0.404  -15.607 1.000 26.459 ? 60  ARG A O   1 
ATOM   455  C CB  . ARG A 1 62  ? -6.579  2.201   -15.047 1.000 32.537 ? 60  ARG A CB  1 
ATOM   456  C CG  . ARG A 1 62  ? -7.965  2.721   -15.408 1.000 38.509 ? 60  ARG A CG  1 
ATOM   457  C CD  . ARG A 1 62  ? -8.510  2.344   -16.782 1.000 43.750 ? 60  ARG A CD  1 
ATOM   458  N NE  . ARG A 1 62  ? -7.710  2.787   -17.924 1.000 48.640 ? 60  ARG A NE  1 
ATOM   459  C CZ  . ARG A 1 62  ? -7.571  4.047   -18.351 1.000 51.225 ? 60  ARG A CZ  1 
ATOM   460  N NH1 . ARG A 1 62  ? -6.818  4.297   -19.413 1.000 52.431 ? 60  ARG A NH1 1 
ATOM   461  N NH2 . ARG A 1 62  ? -8.161  5.058   -17.730 1.000 52.269 ? 60  ARG A NH2 1 
ATOM   462  N N   . ARG A 1 63  ? -4.413  0.734   -13.650 1.000 25.459 ? 61  ARG A N   1 
ATOM   463  C CA  . ARG A 1 63  ? -2.966  0.528   -13.377 1.000 24.542 ? 61  ARG A CA  1 
ATOM   464  C C   . ARG A 1 63  ? -2.644  0.693   -11.890 1.000 22.294 ? 61  ARG A C   1 
ATOM   465  O O   . ARG A 1 63  ? -3.512  1.160   -11.115 1.000 19.198 ? 61  ARG A O   1 
ATOM   466  C CB  . ARG A 1 63  ? -2.137  1.493   -14.227 1.000 26.263 ? 61  ARG A CB  1 
ATOM   467  C CG  . ARG A 1 63  ? -2.066  2.907   -13.678 1.000 28.911 ? 61  ARG A CG  1 
ATOM   468  C CD  . ARG A 1 63  ? -1.474  3.867   -14.679 1.000 33.446 ? 61  ARG A CD  1 
ATOM   469  N NE  . ARG A 1 63  ? -1.231  5.156   -14.040 1.000 39.381 ? 61  ARG A NE  1 
ATOM   470  C CZ  . ARG A 1 63  ? -0.347  6.076   -14.442 1.000 43.047 ? 61  ARG A CZ  1 
ATOM   471  N NH1 . ARG A 1 63  ? 0.411   5.876   -15.511 1.000 44.425 ? 61  ARG A NH1 1 
ATOM   472  N NH2 . ARG A 1 63  ? -0.224  7.206   -13.763 1.000 41.881 ? 61  ARG A NH2 1 
ATOM   473  N N   . VAL A 1 64  ? -1.417  0.309   -11.536 1.000 21.280 ? 62  VAL A N   1 
ATOM   474  C CA  . VAL A 1 64  ? -0.782  0.560   -10.212 1.000 20.703 ? 62  VAL A CA  1 
ATOM   475  C C   . VAL A 1 64  ? 0.483   1.386   -10.450 1.000 20.017 ? 62  VAL A C   1 
ATOM   476  O O   . VAL A 1 64  ? 1.245   1.060   -11.373 1.000 19.933 ? 62  VAL A O   1 
ATOM   477  C CB  . VAL A 1 64  ? -0.519  -0.762  -9.472  1.000 20.673 ? 62  VAL A CB  1 
ATOM   478  C CG1 . VAL A 1 64  ? 0.289   -0.573  -8.192  1.000 20.991 ? 62  VAL A CG1 1 
ATOM   479  C CG2 . VAL A 1 64  ? -1.821  -1.484  -9.172  1.000 20.957 ? 62  VAL A CG2 1 
ATOM   480  N N   . VAL A 1 65  ? 0.675   2.442   -9.664  1.000 20.467 ? 63  VAL A N   1 
ATOM   481  C CA  . VAL A 1 65  ? 1.958   3.191   -9.593  1.000 20.731 ? 63  VAL A CA  1 
ATOM   482  C C   . VAL A 1 65  ? 2.569   2.979   -8.203  1.000 20.623 ? 63  VAL A C   1 
ATOM   483  O O   . VAL A 1 65  ? 1.818   2.898   -7.198  1.000 19.870 ? 63  VAL A O   1 
ATOM   484  C CB  . VAL A 1 65  ? 1.797   4.679   -9.961  1.000 22.500 ? 63  VAL A CB  1 
ATOM   485  C CG1 . VAL A 1 65  ? 1.245   4.835   -11.373 1.000 22.816 ? 63  VAL A CG1 1 
ATOM   486  C CG2 . VAL A 1 65  ? 0.931   5.440   -8.973  1.000 22.925 ? 63  VAL A CG2 1 
ATOM   487  N N   . MET A 1 66  ? 3.891   2.847   -8.170  1.000 19.970 ? 64  MET A N   1 
ATOM   488  C CA  . MET A 1 66  ? 4.678   2.803   -6.925  1.000 19.639 ? 64  MET A CA  1 
ATOM   489  C C   . MET A 1 66  ? 5.836   3.793   -7.023  1.000 19.872 ? 64  MET A C   1 
ATOM   490  O O   . MET A 1 66  ? 6.392   3.976   -8.117  1.000 19.117 ? 64  MET A O   1 
ATOM   491  C CB  . MET A 1 66  ? 5.187   1.388   -6.665  1.000 19.675 ? 64  MET A CB  1 
ATOM   492  C CG  . MET A 1 66  ? 4.062   0.396   -6.483  1.000 19.871 ? 64  MET A CG  1 
ATOM   493  S SD  . MET A 1 66  ? 4.653   -1.304  -6.424  1.000 21.028 ? 64  MET A SD  1 
ATOM   494  C CE  . MET A 1 66  ? 4.733   -1.680  -8.179  1.000 21.698 ? 64  MET A CE  1 
ATOM   495  N N   . ASN A 1 67  ? 6.161   4.417   -5.897  1.000 18.943 ? 65  ASN A N   1 
ATOM   496  C CA  . ASN A 1 67  ? 7.228   5.433   -5.806  1.000 18.664 ? 65  ASN A CA  1 
ATOM   497  C C   . ASN A 1 67  ? 7.682   5.514   -4.348  1.000 18.217 ? 65  ASN A C   1 
ATOM   498  O O   . ASN A 1 67  ? 7.135   4.788   -3.474  1.000 18.082 ? 65  ASN A O   1 
ATOM   499  C CB  . ASN A 1 67  ? 6.757   6.779   -6.373  1.000 18.832 ? 65  ASN A CB  1 
ATOM   500  C CG  . ASN A 1 67  ? 7.859   7.597   -7.023  1.000 19.220 ? 65  ASN A CG  1 
ATOM   501  O OD1 . ASN A 1 67  ? 9.038   7.402   -6.743  1.000 18.252 ? 65  ASN A OD1 1 
ATOM   502  N ND2 . ASN A 1 67  ? 7.484   8.529   -7.883  1.000 18.498 ? 65  ASN A ND2 1 
ATOM   503  N N   . SER A 1 68  ? 8.680   6.351   -4.127  1.000 17.557 ? 66  SER A N   1 
ATOM   504  C CA  . SER A 1 68  ? 9.086   6.881   -2.816  1.000 17.630 ? 66  SER A CA  1 
ATOM   505  C C   . SER A 1 68  ? 9.017   8.406   -2.899  1.000 18.046 ? 66  SER A C   1 
ATOM   506  O O   . SER A 1 68  ? 9.162   8.957   -4.021  1.000 17.937 ? 66  SER A O   1 
ATOM   507  C CB  . SER A 1 68  ? 10.454  6.360   -2.467  1.000 16.705 ? 66  SER A CB  1 
ATOM   508  O OG  . SER A 1 68  ? 11.398  6.743   -3.451  1.000 17.037 ? 66  SER A OG  1 
ATOM   509  N N   . ARG A 1 69  ? 8.759   9.059   -1.771  1.000 17.930 ? 67  ARG A N   1 
ATOM   510  C CA  . ARG A 1 69  ? 8.915   10.528  -1.631  1.000 18.521 ? 67  ARG A CA  1 
ATOM   511  C C   . ARG A 1 69  ? 10.045  10.810  -0.644  1.000 19.412 ? 67  ARG A C   1 
ATOM   512  O O   . ARG A 1 69  ? 9.904   10.441  0.537   1.000 19.977 ? 67  ARG A O   1 
ATOM   513  C CB  . ARG A 1 69  ? 7.607   11.170  -1.170  1.000 18.378 ? 67  ARG A CB  1 
ATOM   514  C CG  . ARG A 1 69  ? 7.636   12.685  -1.253  1.000 17.643 ? 67  ARG A CG  1 
ATOM   515  C CD  . ARG A 1 69  ? 6.267   13.257  -1.023  1.000 17.964 ? 67  ARG A CD  1 
ATOM   516  N NE  . ARG A 1 69  ? 5.812   13.086  0.345   1.000 17.612 ? 67  ARG A NE  1 
ATOM   517  C CZ  . ARG A 1 69  ? 4.532   13.121  0.724   1.000 18.150 ? 67  ARG A CZ  1 
ATOM   518  N NH1 . ARG A 1 69  ? 3.574   13.302  -0.169  1.000 18.095 ? 67  ARG A NH1 1 
ATOM   519  N NH2 . ARG A 1 69  ? 4.209   12.956  1.995   1.000 17.641 ? 67  ARG A NH2 1 
ATOM   520  N N   . GLU A 1 70  ? 11.122  11.431  -1.115  1.000 20.707 ? 68  GLU A N   1 
ATOM   521  C CA  . GLU A 1 70  ? 12.373  11.608  -0.335  1.000 20.756 ? 68  GLU A CA  1 
ATOM   522  C C   . GLU A 1 70  ? 12.694  13.102  -0.285  1.000 20.453 ? 68  GLU A C   1 
ATOM   523  O O   . GLU A 1 70  ? 12.795  13.728  -1.372  1.000 19.507 ? 68  GLU A O   1 
ATOM   524  C CB  . GLU A 1 70  ? 13.495  10.774  -0.952  1.000 21.034 ? 68  GLU A CB  1 
ATOM   525  C CG  . GLU A 1 70  ? 13.103  9.322   -1.150  1.000 21.714 ? 68  GLU A CG  1 
ATOM   526  C CD  . GLU A 1 70  ? 14.147  8.451   -1.820  1.000 21.847 ? 68  GLU A CD  1 
ATOM   527  O OE1 . GLU A 1 70  ? 15.326  8.782   -1.716  1.000 22.761 ? 68  GLU A OE1 1 
ATOM   528  O OE2 . GLU A 1 70  ? 13.768  7.437   -2.432  1.000 22.165 ? 68  GLU A OE2 1 
ATOM   529  N N   . TYR A 1 71  ? 12.820  13.632  0.937   1.000 21.200 ? 69  TYR A N   1 
ATOM   530  C CA  . TYR A 1 71  ? 12.962  15.072  1.268   1.000 22.044 ? 69  TYR A CA  1 
ATOM   531  C C   . TYR A 1 71  ? 11.910  15.878  0.501   1.000 22.676 ? 69  TYR A C   1 
ATOM   532  O O   . TYR A 1 71  ? 12.236  16.948  -0.007  1.000 25.215 ? 69  TYR A O   1 
ATOM   533  C CB  . TYR A 1 71  ? 14.416  15.492  1.026   1.000 21.710 ? 69  TYR A CB  1 
ATOM   534  C CG  . TYR A 1 71  ? 15.397  14.555  1.681   1.000 21.359 ? 69  TYR A CG  1 
ATOM   535  C CD1 . TYR A 1 71  ? 15.761  14.705  3.009   1.000 21.244 ? 69  TYR A CD1 1 
ATOM   536  C CD2 . TYR A 1 71  ? 15.894  13.458  0.991   1.000 21.861 ? 69  TYR A CD2 1 
ATOM   537  C CE1 . TYR A 1 71  ? 16.624  13.808  3.625   1.000 21.646 ? 69  TYR A CE1 1 
ATOM   538  C CE2 . TYR A 1 71  ? 16.756  12.553  1.590   1.000 21.612 ? 69  TYR A CE2 1 
ATOM   539  C CZ  . TYR A 1 71  ? 17.133  12.736  2.909   1.000 21.607 ? 69  TYR A CZ  1 
ATOM   540  O OH  . TYR A 1 71  ? 17.976  11.829  3.495   1.000 22.626 ? 69  TYR A OH  1 
ATOM   541  N N   . GLY A 1 72  ? 10.673  15.377  0.455   1.000 22.670 ? 70  GLY A N   1 
ATOM   542  C CA  . GLY A 1 72  ? 9.518   16.076  -0.143  1.000 22.745 ? 70  GLY A CA  1 
ATOM   543  C C   . GLY A 1 72  ? 9.372   15.841  -1.643  1.000 22.033 ? 70  GLY A C   1 
ATOM   544  O O   . GLY A 1 72  ? 8.344   16.247  -2.177  1.000 22.947 ? 70  GLY A O   1 
ATOM   545  N N   . ALA A 1 73  ? 10.358  15.248  -2.317  1.000 22.616 ? 71  ALA A N   1 
ATOM   546  C CA  . ALA A 1 73  ? 10.376  15.059  -3.787  1.000 23.085 ? 71  ALA A CA  1 
ATOM   547  C C   . ALA A 1 73  ? 9.999   13.613  -4.131  1.000 23.937 ? 71  ALA A C   1 
ATOM   548  O O   . ALA A 1 73  ? 10.635  12.684  -3.594  1.000 25.077 ? 71  ALA A O   1 
ATOM   549  C CB  . ALA A 1 73  ? 11.732  15.410  -4.357  1.000 22.791 ? 71  ALA A CB  1 
ATOM   550  N N   . TRP A 1 74  ? 9.038   13.444  -5.037  1.000 22.890 ? 72  TRP A N   1 
ATOM   551  C CA  . TRP A 1 74  ? 8.707   12.148  -5.674  1.000 24.069 ? 72  TRP A CA  1 
ATOM   552  C C   . TRP A 1 74  ? 9.903   11.662  -6.485  1.000 24.764 ? 72  TRP A C   1 
ATOM   553  O O   . TRP A 1 74  ? 10.523  12.478  -7.170  1.000 24.734 ? 72  TRP A O   1 
ATOM   554  C CB  . TRP A 1 74  ? 7.445   12.283  -6.526  1.000 24.015 ? 72  TRP A CB  1 
ATOM   555  C CG  . TRP A 1 74  ? 6.220   12.465  -5.687  1.000 23.278 ? 72  TRP A CG  1 
ATOM   556  C CD1 . TRP A 1 74  ? 5.503   13.610  -5.513  1.000 23.341 ? 72  TRP A CD1 1 
ATOM   557  C CD2 . TRP A 1 74  ? 5.580   11.462  -4.878  1.000 23.670 ? 72  TRP A CD2 1 
ATOM   558  N NE1 . TRP A 1 74  ? 4.445   13.380  -4.677  1.000 23.371 ? 72  TRP A NE1 1 
ATOM   559  C CE2 . TRP A 1 74  ? 4.475   12.080  -4.254  1.000 23.296 ? 72  TRP A CE2 1 
ATOM   560  C CE3 . TRP A 1 74  ? 5.828   10.106  -4.623  1.000 22.999 ? 72  TRP A CE3 1 
ATOM   561  C CZ2 . TRP A 1 74  ? 3.614   11.387  -3.400  1.000 22.585 ? 72  TRP A CZ2 1 
ATOM   562  C CZ3 . TRP A 1 74  ? 4.986   9.425   -3.769  1.000 23.087 ? 72  TRP A CZ3 1 
ATOM   563  C CH2 . TRP A 1 74  ? 3.890   10.057  -3.178  1.000 22.160 ? 72  TRP A CH2 1 
ATOM   564  N N   . LYS A 1 75  ? 10.225  10.375  -6.392  1.000 24.916 ? 73  LYS A N   1 
ATOM   565  C CA  . LYS A 1 75  ? 11.408  9.796   -7.071  1.000 26.260 ? 73  LYS A CA  1 
ATOM   566  C C   . LYS A 1 75  ? 10.921  9.119   -8.361  1.000 25.070 ? 73  LYS A C   1 
ATOM   567  O O   . LYS A 1 75  ? 9.935   9.614   -8.922  1.000 21.938 ? 73  LYS A O   1 
ATOM   568  C CB  . LYS A 1 75  ? 12.173  8.960   -6.039  1.000 27.896 ? 73  LYS A CB  1 
ATOM   569  C CG  . LYS A 1 75  ? 13.075  9.797   -5.140  1.000 31.747 ? 73  LYS A CG  1 
ATOM   570  C CD  . LYS A 1 75  ? 14.302  10.340  -5.879  1.000 35.186 ? 73  LYS A CD  1 
ATOM   571  C CE  . LYS A 1 75  ? 14.633  11.779  -5.557  1.000 38.898 ? 73  LYS A CE  1 
ATOM   572  N NZ  . LYS A 1 75  ? 15.483  11.862  -4.349  1.000 44.909 ? 73  LYS A NZ  1 
ATOM   573  N N   . GLN A 1 76  ? 11.598  8.067   -8.826  1.000 26.793 ? 74  GLN A N   1 
ATOM   574  C CA  . GLN A 1 76  ? 11.312  7.376   -10.111 1.000 27.704 ? 74  GLN A CA  1 
ATOM   575  C C   . GLN A 1 76  ? 10.028  6.557   -9.937  1.000 26.044 ? 74  GLN A C   1 
ATOM   576  O O   . GLN A 1 76  ? 10.028  5.593   -9.149  1.000 22.906 ? 74  GLN A O   1 
ATOM   577  C CB  . GLN A 1 76  ? 12.517  6.516   -10.515 1.000 31.136 ? 74  GLN A CB  1 
ATOM   578  C CG  . GLN A 1 76  ? 12.443  5.928   -11.926 1.000 35.250 ? 74  GLN A CG  1 
ATOM   579  C CD  . GLN A 1 76  ? 12.481  6.940   -13.053 1.000 38.961 ? 74  GLN A CD  1 
ATOM   580  O OE1 . GLN A 1 76  ? 12.140  6.631   -14.194 1.000 45.507 ? 74  GLN A OE1 1 
ATOM   581  N NE2 . GLN A 1 76  ? 12.901  8.162   -12.765 1.000 41.958 ? 74  GLN A NE2 1 
ATOM   582  N N   . GLN A 1 77  ? 8.962   6.949   -10.632 1.000 25.504 ? 75  GLN A N   1 
ATOM   583  C CA  . GLN A 1 77  ? 7.676   6.218   -10.623 1.000 26.255 ? 75  GLN A CA  1 
ATOM   584  C C   . GLN A 1 77  ? 7.879   4.864   -11.300 1.000 25.928 ? 75  GLN A C   1 
ATOM   585  O O   . GLN A 1 77  ? 8.559   4.813   -12.331 1.000 27.962 ? 75  GLN A O   1 
ATOM   586  C CB  . GLN A 1 77  ? 6.579   6.997   -11.337 1.000 26.860 ? 75  GLN A CB  1 
ATOM   587  C CG  . GLN A 1 77  ? 5.241   6.288   -11.262 1.000 27.946 ? 75  GLN A CG  1 
ATOM   588  C CD  . GLN A 1 77  ? 4.113   7.187   -11.688 1.000 28.688 ? 75  GLN A CD  1 
ATOM   589  O OE1 . GLN A 1 77  ? 3.419   7.757   -10.859 1.000 29.594 ? 75  GLN A OE1 1 
ATOM   590  N NE2 . GLN A 1 77  ? 3.910   7.295   -12.989 1.000 27.805 ? 75  GLN A NE2 1 
ATOM   591  N N   . VAL A 1 78  ? 7.320   3.815   -10.713 1.000 25.562 ? 76  VAL A N   1 
ATOM   592  C CA  . VAL A 1 78  ? 7.217   2.456   -11.310 1.000 25.681 ? 76  VAL A CA  1 
ATOM   593  C C   . VAL A 1 78  ? 5.733   2.211   -11.573 1.000 26.589 ? 76  VAL A C   1 
ATOM   594  O O   . VAL A 1 78  ? 4.905   2.610   -10.726 1.000 25.062 ? 76  VAL A O   1 
ATOM   595  C CB  . VAL A 1 78  ? 7.831   1.400   -10.375 1.000 26.274 ? 76  VAL A CB  1 
ATOM   596  C CG1 . VAL A 1 78  ? 7.584   -0.020  -10.861 1.000 27.849 ? 76  VAL A CG1 1 
ATOM   597  C CG2 . VAL A 1 78  ? 9.318   1.640   -10.175 1.000 27.119 ? 76  VAL A CG2 1 
ATOM   598  N N   . GLU A 1 79  ? 5.412   1.619   -12.722 1.000 27.398 ? 77  GLU A N   1 
ATOM   599  C CA  . GLU A 1 79  ? 4.020   1.444   -13.200 1.000 27.868 ? 77  GLU A CA  1 
ATOM   600  C C   . GLU A 1 79  ? 3.826   -0.025  -13.566 1.000 25.740 ? 77  GLU A C   1 
ATOM   601  O O   . GLU A 1 79  ? 4.730   -0.594  -14.180 1.000 26.671 ? 77  GLU A O   1 
ATOM   602  C CB  . GLU A 1 79  ? 3.732   2.372   -14.380 1.000 31.216 ? 77  GLU A CB  1 
ATOM   603  C CG  . GLU A 1 79  ? 2.318   2.238   -14.899 1.000 35.068 ? 77  GLU A CG  1 
ATOM   604  C CD  . GLU A 1 79  ? 1.977   3.137   -16.072 1.000 40.006 ? 77  GLU A CD  1 
ATOM   605  O OE1 . GLU A 1 79  ? 2.519   4.259   -16.133 1.000 46.707 ? 77  GLU A OE1 1 
ATOM   606  O OE2 . GLU A 1 79  ? 1.150   2.724   -16.909 1.000 42.074 ? 77  GLU A OE2 1 
ATOM   607  N N   . SER A 1 80  ? 2.694   -0.602  -13.173 1.000 23.621 ? 78  SER A N   1 
ATOM   608  C CA  . SER A 1 80  ? 2.248   -1.969  -13.539 1.000 23.455 ? 78  SER A CA  1 
ATOM   609  C C   . SER A 1 80  ? 0.813   -1.878  -14.050 1.000 22.937 ? 78  SER A C   1 
ATOM   610  O O   . SER A 1 80  ? 0.028   -1.139  -13.440 1.000 22.611 ? 78  SER A O   1 
ATOM   611  C CB  . SER A 1 80  ? 2.357   -2.910  -12.369 1.000 22.150 ? 78  SER A CB  1 
ATOM   612  O OG  . SER A 1 80  ? 1.690   -4.134  -12.641 1.000 22.699 ? 78  SER A OG  1 
ATOM   613  N N   . LYS A 1 81  ? 0.495   -2.604  -15.119 1.000 23.612 ? 79  LYS A N   1 
ATOM   614  C CA  . LYS A 1 81  ? -0.892  -2.780  -15.623 1.000 25.319 ? 79  LYS A CA  1 
ATOM   615  C C   . LYS A 1 81  ? -1.499  -4.064  -15.047 1.000 23.215 ? 79  LYS A C   1 
ATOM   616  O O   . LYS A 1 81  ? -2.648  -4.361  -15.368 1.000 23.027 ? 79  LYS A O   1 
ATOM   617  C CB  . LYS A 1 81  ? -0.893  -2.801  -17.152 1.000 29.175 ? 79  LYS A CB  1 
ATOM   618  C CG  . LYS A 1 81  ? -0.301  -1.562  -17.815 1.000 33.922 ? 79  LYS A CG  1 
ATOM   619  C CD  . LYS A 1 81  ? -1.181  -0.334  -17.706 1.000 36.544 ? 79  LYS A CD  1 
ATOM   620  C CE  . LYS A 1 81  ? -1.541  0.243   -19.059 1.000 40.500 ? 79  LYS A CE  1 
ATOM   621  N NZ  . LYS A 1 81  ? -0.347  0.796   -19.742 1.000 43.403 ? 79  LYS A NZ  1 
ATOM   622  N N   . ASN A 1 82  ? -0.771  -4.797  -14.209 1.000 22.924 ? 80  ASN A N   1 
ATOM   623  C CA  . ASN A 1 82  ? -1.311  -5.964  -13.466 1.000 23.024 ? 80  ASN A CA  1 
ATOM   624  C C   . ASN A 1 82  ? -2.510  -5.503  -12.618 1.000 23.077 ? 80  ASN A C   1 
ATOM   625  O O   . ASN A 1 82  ? -2.366  -4.515  -11.852 1.000 21.896 ? 80  ASN A O   1 
ATOM   626  C CB  . ASN A 1 82  ? -0.219  -6.650  -12.641 1.000 23.912 ? 80  ASN A CB  1 
ATOM   627  C CG  . ASN A 1 82  ? -0.609  -8.042  -12.200 1.000 26.224 ? 80  ASN A CG  1 
ATOM   628  O OD1 . ASN A 1 82  ? -1.521  -8.638  -12.770 1.000 28.633 ? 80  ASN A OD1 1 
ATOM   629  N ND2 . ASN A 1 82  ? 0.053   -8.555  -11.178 1.000 27.086 ? 80  ASN A ND2 1 
ATOM   630  N N   . MET A 1 83  ? -3.670  -6.145  -12.786 1.000 22.117 ? 81  MET A N   1 
ATOM   631  C CA  . MET A 1 83  ? -4.937  -5.727  -12.130 1.000 21.883 ? 81  MET A CA  1 
ATOM   632  C C   . MET A 1 83  ? -5.695  -6.959  -11.650 1.000 21.647 ? 81  MET A C   1 
ATOM   633  O O   . MET A 1 83  ? -6.731  -7.303  -12.205 1.000 21.171 ? 81  MET A O   1 
ATOM   634  C CB  . MET A 1 83  ? -5.803  -4.898  -13.085 1.000 23.029 ? 81  MET A CB  1 
ATOM   635  C CG  . MET A 1 83  ? -7.019  -4.233  -12.430 1.000 22.370 ? 81  MET A CG  1 
ATOM   636  S SD  . MET A 1 83  ? -6.663  -3.252  -10.934 1.000 23.839 ? 81  MET A SD  1 
ATOM   637  C CE  . MET A 1 83  ? -5.425  -2.111  -11.548 1.000 23.061 ? 81  MET A CE  1 
ATOM   638  N N   . PRO A 1 84  ? -5.231  -7.632  -10.572 1.000 21.798 ? 82  PRO A N   1 
ATOM   639  C CA  . PRO A 1 84  ? -5.961  -8.759  -9.988  1.000 21.881 ? 82  PRO A CA  1 
ATOM   640  C C   . PRO A 1 84  ? -7.185  -8.385  -9.130  1.000 22.038 ? 82  PRO A C   1 
ATOM   641  O O   . PRO A 1 84  ? -7.954  -9.258  -8.814  1.000 22.465 ? 82  PRO A O   1 
ATOM   642  C CB  . PRO A 1 84  ? -4.896  -9.463  -9.128  1.000 22.231 ? 82  PRO A CB  1 
ATOM   643  C CG  . PRO A 1 84  ? -3.898  -8.384  -8.767  1.000 22.489 ? 82  PRO A CG  1 
ATOM   644  C CD  . PRO A 1 84  ? -3.973  -7.348  -9.866  1.000 22.007 ? 82  PRO A CD  1 
ATOM   645  N N   . PHE A 1 85  ? -7.369  -7.109  -8.799  1.000 21.573 ? 83  PHE A N   1 
ATOM   646  C CA  . PHE A 1 85  ? -8.559  -6.621  -8.060  1.000 20.615 ? 83  PHE A CA  1 
ATOM   647  C C   . PHE A 1 85  ? -9.791  -6.815  -8.945  1.000 21.246 ? 83  PHE A C   1 
ATOM   648  O O   . PHE A 1 85  ? -9.696  -6.589  -10.161 1.000 22.770 ? 83  PHE A O   1 
ATOM   649  C CB  . PHE A 1 85  ? -8.409  -5.147  -7.684  1.000 19.655 ? 83  PHE A CB  1 
ATOM   650  C CG  . PHE A 1 85  ? -7.216  -4.838  -6.824  1.000 18.536 ? 83  PHE A CG  1 
ATOM   651  C CD1 . PHE A 1 85  ? -7.294  -4.931  -5.440  1.000 17.802 ? 83  PHE A CD1 1 
ATOM   652  C CD2 . PHE A 1 85  ? -6.017  -4.454  -7.398  1.000 18.039 ? 83  PHE A CD2 1 
ATOM   653  C CE1 . PHE A 1 85  ? -6.197  -4.629  -4.651  1.000 17.749 ? 83  PHE A CE1 1 
ATOM   654  C CE2 . PHE A 1 85  ? -4.915  -4.175  -6.606  1.000 17.952 ? 83  PHE A CE2 1 
ATOM   655  C CZ  . PHE A 1 85  ? -5.009  -4.261  -5.236  1.000 18.067 ? 83  PHE A CZ  1 
ATOM   656  N N   . GLN A 1 86  ? -10.899 -7.248  -8.351  1.000 21.857 ? 84  GLN A N   1 
ATOM   657  C CA  . GLN A 1 86  ? -12.138 -7.617  -9.075  1.000 23.460 ? 84  GLN A CA  1 
ATOM   658  C C   . GLN A 1 86  ? -13.163 -6.498  -8.876  1.000 21.545 ? 84  GLN A C   1 
ATOM   659  O O   . GLN A 1 86  ? -13.363 -6.073  -7.724  1.000 19.008 ? 84  GLN A O   1 
ATOM   660  C CB  . GLN A 1 86  ? -12.641 -8.970  -8.569  1.000 26.415 ? 84  GLN A CB  1 
ATOM   661  C CG  . GLN A 1 86  ? -11.707 -10.124 -8.916  1.000 29.496 ? 84  GLN A CG  1 
ATOM   662  C CD  . GLN A 1 86  ? -11.534 -10.253 -10.410 1.000 33.114 ? 84  GLN A CD  1 
ATOM   663  O OE1 . GLN A 1 86  ? -12.498 -10.450 -11.147 1.000 39.503 ? 84  GLN A OE1 1 
ATOM   664  N NE2 . GLN A 1 86  ? -10.304 -10.102 -10.877 1.000 35.140 ? 84  GLN A NE2 1 
ATOM   665  N N   . ASP A 1 87  ? -13.785 -6.053  -9.971  1.000 23.004 ? 85  ASP A N   1 
ATOM   666  C CA  . ASP A 1 87  ? -14.873 -5.040  -9.978  1.000 23.070 ? 85  ASP A CA  1 
ATOM   667  C C   . ASP A 1 87  ? -15.911 -5.440  -8.927  1.000 23.224 ? 85  ASP A C   1 
ATOM   668  O O   . ASP A 1 87  ? -16.404 -6.565  -8.990  1.000 25.509 ? 85  ASP A O   1 
ATOM   669  C CB  . ASP A 1 87  ? -15.477 -4.887  -11.378 1.000 24.182 ? 85  ASP A CB  1 
ATOM   670  C CG  . ASP A 1 87  ? -16.231 -3.585  -11.591 1.000 24.324 ? 85  ASP A CG  1 
ATOM   671  O OD1 . ASP A 1 87  ? -16.450 -2.857  -10.610 1.000 22.845 ? 85  ASP A OD1 1 
ATOM   672  O OD2 . ASP A 1 87  ? -16.567 -3.298  -12.747 1.000 26.657 ? 85  ASP A OD2 1 
ATOM   673  N N   . GLY A 1 88  ? -16.190 -4.558  -7.968  1.000 24.140 ? 86  GLY A N   1 
ATOM   674  C CA  . GLY A 1 88  ? -17.306 -4.702  -7.020  1.000 24.567 ? 86  GLY A CA  1 
ATOM   675  C C   . GLY A 1 88  ? -16.960 -5.555  -5.812  1.000 25.154 ? 86  GLY A C   1 
ATOM   676  O O   . GLY A 1 88  ? -17.819 -5.676  -4.962  1.000 26.958 ? 86  GLY A O   1 
ATOM   677  N N   . GLN A 1 89  ? -15.757 -6.132  -5.719  1.000 27.722 ? 87  GLN A N   1 
ATOM   678  C CA  . GLN A 1 89  ? -15.439 -7.200  -4.725  1.000 28.267 ? 87  GLN A CA  1 
ATOM   679  C C   . GLN A 1 89  ? -14.564 -6.635  -3.606  1.000 25.790 ? 87  GLN A C   1 
ATOM   680  O O   . GLN A 1 89  ? -13.766 -5.714  -3.868  1.000 26.244 ? 87  GLN A O   1 
ATOM   681  C CB  . GLN A 1 89  ? -14.696 -8.375  -5.360  1.000 31.657 ? 87  GLN A CB  1 
ATOM   682  C CG  . GLN A 1 89  ? -15.420 -8.992  -6.548  1.000 36.232 ? 87  GLN A CG  1 
ATOM   683  C CD  . GLN A 1 89  ? -16.559 -9.882  -6.124  1.000 38.974 ? 87  GLN A CD  1 
ATOM   684  O OE1 . GLN A 1 89  ? -17.507 -9.446  -5.479  1.000 39.249 ? 87  GLN A OE1 1 
ATOM   685  N NE2 . GLN A 1 89  ? -16.459 -11.154 -6.471  1.000 45.811 ? 87  GLN A NE2 1 
ATOM   686  N N   . GLU A 1 90  ? -14.697 -7.217  -2.418  1.000 25.449 ? 88  GLU A N   1 
ATOM   687  C CA  . GLU A 1 90  ? -13.716 -7.123  -1.305  1.000 26.692 ? 88  GLU A CA  1 
ATOM   688  C C   . GLU A 1 90  ? -12.360 -7.641  -1.802  1.000 24.677 ? 88  GLU A C   1 
ATOM   689  O O   . GLU A 1 90  ? -12.356 -8.600  -2.576  1.000 24.094 ? 88  GLU A O   1 
ATOM   690  C CB  . GLU A 1 90  ? -14.239 -7.909  -0.103  1.000 28.608 ? 88  GLU A CB  1 
ATOM   691  C CG  . GLU A 1 90  ? -13.355 -7.830  1.123   1.000 30.949 ? 88  GLU A CG  1 
ATOM   692  C CD  . GLU A 1 90  ? -14.033 -8.348  2.380   1.000 32.718 ? 88  GLU A CD  1 
ATOM   693  O OE1 . GLU A 1 90  ? -13.789 -9.505  2.746   1.000 36.967 ? 88  GLU A OE1 1 
ATOM   694  O OE2 . GLU A 1 90  ? -14.812 -7.592  2.977   1.000 35.687 ? 88  GLU A OE2 1 
ATOM   695  N N   . PHE A 1 91  ? -11.259 -7.006  -1.395  1.000 22.738 ? 89  PHE A N   1 
ATOM   696  C CA  . PHE A 1 91  ? -9.880  -7.479  -1.681  1.000 22.197 ? 89  PHE A CA  1 
ATOM   697  C C   . PHE A 1 91  ? -9.181  -7.742  -0.351  1.000 22.895 ? 89  PHE A C   1 
ATOM   698  O O   . PHE A 1 91  ? -9.563  -7.121  0.670   1.000 20.369 ? 89  PHE A O   1 
ATOM   699  C CB  . PHE A 1 91  ? -9.098  -6.489  -2.550  1.000 21.225 ? 89  PHE A CB  1 
ATOM   700  C CG  . PHE A 1 91  ? -9.049  -5.097  -1.986  1.000 20.353 ? 89  PHE A CG  1 
ATOM   701  C CD1 . PHE A 1 91  ? -8.163  -4.780  -0.969  1.000 18.915 ? 89  PHE A CD1 1 
ATOM   702  C CD2 . PHE A 1 91  ? -9.929  -4.122  -2.435  1.000 19.129 ? 89  PHE A CD2 1 
ATOM   703  C CE1 . PHE A 1 91  ? -8.149  -3.510  -0.418  1.000 18.801 ? 89  PHE A CE1 1 
ATOM   704  C CE2 . PHE A 1 91  ? -9.910  -2.850  -1.882  1.000 19.236 ? 89  PHE A CE2 1 
ATOM   705  C CZ  . PHE A 1 91  ? -9.023  -2.547  -0.875  1.000 19.165 ? 89  PHE A CZ  1 
ATOM   706  N N   . GLU A 1 92  ? -8.203  -8.648  -0.372  1.000 23.525 ? 90  GLU A N   1 
ATOM   707  C CA  . GLU A 1 92  ? -7.168  -8.764  0.681   1.000 26.390 ? 90  GLU A CA  1 
ATOM   708  C C   . GLU A 1 92  ? -5.828  -8.373  0.057   1.000 25.689 ? 90  GLU A C   1 
ATOM   709  O O   . GLU A 1 92  ? -5.385  -9.061  -0.879  1.000 25.324 ? 90  GLU A O   1 
ATOM   710  C CB  . GLU A 1 92  ? -7.140  -10.166 1.284   1.000 28.871 ? 90  GLU A CB  1 
ATOM   711  C CG  . GLU A 1 92  ? -6.241  -10.256 2.508   1.000 32.530 ? 90  GLU A CG  1 
ATOM   712  C CD  . GLU A 1 92  ? -6.484  -11.448 3.423   1.000 37.347 ? 90  GLU A CD  1 
ATOM   713  O OE1 . GLU A 1 92  ? -6.810  -12.540 2.906   1.000 41.578 ? 90  GLU A OE1 1 
ATOM   714  O OE2 . GLU A 1 92  ? -6.343  -11.285 4.658   1.000 43.193 ? 90  GLU A OE2 1 
ATOM   715  N N   . LEU A 1 93  ? -5.251  -7.276  0.540   1.000 25.777 ? 91  LEU A N   1 
ATOM   716  C CA  . LEU A 1 93  ? -3.909  -6.779  0.164   1.000 26.517 ? 91  LEU A CA  1 
ATOM   717  C C   . LEU A 1 93  ? -2.950  -7.151  1.292   1.000 26.043 ? 91  LEU A C   1 
ATOM   718  O O   . LEU A 1 93  ? -3.243  -6.810  2.457   1.000 25.504 ? 91  LEU A O   1 
ATOM   719  C CB  . LEU A 1 93  ? -3.993  -5.262  -0.040  1.000 28.910 ? 91  LEU A CB  1 
ATOM   720  C CG  . LEU A 1 93  ? -2.787  -4.602  -0.704  1.000 31.285 ? 91  LEU A CG  1 
ATOM   721  C CD1 . LEU A 1 93  ? -2.637  -5.057  -2.148  1.000 32.748 ? 91  LEU A CD1 1 
ATOM   722  C CD2 . LEU A 1 93  ? -2.911  -3.089  -0.643  1.000 33.328 ? 91  LEU A CD2 1 
ATOM   723  N N   . SER A 1 94  ? -1.877  -7.866  0.967   1.000 24.969 ? 92  SER A N   1 
ATOM   724  C CA  . SER A 1 94  ? -0.787  -8.221  1.908   1.000 25.578 ? 92  SER A CA  1 
ATOM   725  C C   . SER A 1 94  ? 0.535   -7.689  1.348   1.000 23.350 ? 92  SER A C   1 
ATOM   726  O O   . SER A 1 94  ? 0.886   -8.086  0.227   1.000 21.079 ? 92  SER A O   1 
ATOM   727  C CB  . SER A 1 94  ? -0.749  -9.705  2.121   1.000 26.710 ? 92  SER A CB  1 
ATOM   728  O OG  . SER A 1 94  ? 0.022   -10.006 3.265   1.000 31.528 ? 92  SER A OG  1 
ATOM   729  N N   . ILE A 1 95  ? 1.217   -6.802  2.082   1.000 21.874 ? 93  ILE A N   1 
ATOM   730  C CA  . ILE A 1 95  ? 2.567   -6.283  1.717   1.000 20.944 ? 93  ILE A CA  1 
ATOM   731  C C   . ILE A 1 95  ? 3.582   -6.900  2.684   1.000 21.580 ? 93  ILE A C   1 
ATOM   732  O O   . ILE A 1 95  ? 3.528   -6.566  3.877   1.000 20.490 ? 93  ILE A O   1 
ATOM   733  C CB  . ILE A 1 95  ? 2.619   -4.745  1.731   1.000 20.446 ? 93  ILE A CB  1 
ATOM   734  C CG1 . ILE A 1 95  ? 1.521   -4.141  0.851   1.000 21.399 ? 93  ILE A CG1 1 
ATOM   735  C CG2 . ILE A 1 95  ? 4.007   -4.253  1.333   1.000 20.680 ? 93  ILE A CG2 1 
ATOM   736  C CD1 . ILE A 1 95  ? 1.260   -2.670  1.112   1.000 21.515 ? 93  ILE A CD1 1 
ATOM   737  N N   . SER A 1 96  ? 4.474   -7.754  2.174   1.000 20.375 ? 94  SER A N   1 
ATOM   738  C CA  . SER A 1 96  ? 5.534   -8.427  2.967   1.000 21.373 ? 94  SER A CA  1 
ATOM   739  C C   . SER A 1 96  ? 6.870   -7.722  2.745   1.000 20.512 ? 94  SER A C   1 
ATOM   740  O O   . SER A 1 96  ? 7.178   -7.393  1.589   1.000 19.841 ? 94  SER A O   1 
ATOM   741  C CB  . SER A 1 96  ? 5.621   -9.879  2.628   1.000 20.874 ? 94  SER A CB  1 
ATOM   742  O OG  . SER A 1 96  ? 4.478   -10.527 3.122   1.000 24.088 ? 94  SER A OG  1 
ATOM   743  N N   . VAL A 1 97  ? 7.625   -7.514  3.821   1.000 20.541 ? 95  VAL A N   1 
ATOM   744  C CA  . VAL A 1 97  ? 9.031   -7.019  3.785   1.000 20.071 ? 95  VAL A CA  1 
ATOM   745  C C   . VAL A 1 97  ? 9.935   -8.245  3.611   1.000 20.223 ? 95  VAL A C   1 
ATOM   746  O O   . VAL A 1 97  ? 10.079  -9.018  4.569   1.000 18.319 ? 95  VAL A O   1 
ATOM   747  C CB  . VAL A 1 97  ? 9.368   -6.193  5.044   1.000 20.435 ? 95  VAL A CB  1 
ATOM   748  C CG1 . VAL A 1 97  ? 10.765  -5.576  4.981   1.000 19.749 ? 95  VAL A CG1 1 
ATOM   749  C CG2 . VAL A 1 97  ? 8.320   -5.121  5.300   1.000 21.122 ? 95  VAL A CG2 1 
ATOM   750  N N   . LEU A 1 98  ? 10.486  -8.421  2.405   1.000 21.811 ? 96  LEU A N   1 
ATOM   751  C CA  . LEU A 1 98  ? 11.603  -9.359  2.116   1.000 21.967 ? 96  LEU A CA  1 
ATOM   752  C C   . LEU A 1 98  ? 12.924  -8.620  2.313   1.000 21.471 ? 96  LEU A C   1 
ATOM   753  O O   . LEU A 1 98  ? 12.956  -7.394  2.431   1.000 19.405 ? 96  LEU A O   1 
ATOM   754  C CB  . LEU A 1 98  ? 11.464  -9.897  0.687   1.000 23.884 ? 96  LEU A CB  1 
ATOM   755  C CG  . LEU A 1 98  ? 10.078  -10.380 0.260   1.000 25.010 ? 96  LEU A CG  1 
ATOM   756  C CD1 . LEU A 1 98  ? 10.161  -11.071 -1.089  1.000 24.894 ? 96  LEU A CD1 1 
ATOM   757  C CD2 . LEU A 1 98  ? 9.450   -11.301 1.297   1.000 25.569 ? 96  LEU A CD2 1 
ATOM   758  N N   . PRO A 1 99  ? 14.068  -9.336  2.367   1.000 21.962 ? 97  PRO A N   1 
ATOM   759  C CA  . PRO A 1 99  ? 15.362  -8.681  2.557   1.000 21.622 ? 97  PRO A CA  1 
ATOM   760  C C   . PRO A 1 99  ? 15.606  -7.498  1.607   1.000 20.677 ? 97  PRO A C   1 
ATOM   761  O O   . PRO A 1 99  ? 16.132  -6.508  2.049   1.000 19.055 ? 97  PRO A O   1 
ATOM   762  C CB  . PRO A 1 99  ? 16.360  -9.817  2.280   1.000 23.066 ? 97  PRO A CB  1 
ATOM   763  C CG  . PRO A 1 99  ? 15.616  -11.081 2.673   1.000 22.332 ? 97  PRO A CG  1 
ATOM   764  C CD  . PRO A 1 99  ? 14.172  -10.803 2.314   1.000 22.818 ? 97  PRO A CD  1 
ATOM   765  N N   . ASP A 1 100 ? 15.216  -7.619  0.336   1.000 20.097 ? 98  ASP A N   1 
ATOM   766  C CA  . ASP A 1 100 ? 15.665  -6.709  -0.750  1.000 21.258 ? 98  ASP A CA  1 
ATOM   767  C C   . ASP A 1 100 ? 14.491  -5.887  -1.313  1.000 19.863 ? 98  ASP A C   1 
ATOM   768  O O   . ASP A 1 100 ? 14.765  -4.976  -2.116  1.000 17.952 ? 98  ASP A O   1 
ATOM   769  C CB  . ASP A 1 100 ? 16.385  -7.484  -1.857  1.000 22.996 ? 98  ASP A CB  1 
ATOM   770  C CG  . ASP A 1 100 ? 15.567  -8.592  -2.493  1.000 25.938 ? 98  ASP A CG  1 
ATOM   771  O OD1 . ASP A 1 100 ? 15.924  -8.988  -3.616  1.000 32.490 ? 98  ASP A OD1 1 
ATOM   772  O OD2 . ASP A 1 100 ? 14.595  -9.073  -1.852  1.000 26.921 ? 98  ASP A OD2 1 
ATOM   773  N N   . LYS A 1 101 ? 13.246  -6.176  -0.917  1.000 18.588 ? 99  LYS A N   1 
ATOM   774  C CA  . LYS A 1 101 ? 12.034  -5.672  -1.617  1.000 18.493 ? 99  LYS A CA  1 
ATOM   775  C C   . LYS A 1 101 ? 10.785  -5.877  -0.751  1.000 17.518 ? 99  LYS A C   1 
ATOM   776  O O   . LYS A 1 101 ? 10.825  -6.698  0.182   1.000 17.714 ? 99  LYS A O   1 
ATOM   777  C CB  . LYS A 1 101 ? 11.853  -6.392  -2.959  1.000 18.862 ? 99  LYS A CB  1 
ATOM   778  C CG  . LYS A 1 101 ? 11.476  -7.862  -2.857  1.000 19.444 ? 99  LYS A CG  1 
ATOM   779  C CD  . LYS A 1 101 ? 11.272  -8.584  -4.183  1.000 20.604 ? 99  LYS A CD  1 
ATOM   780  C CE  . LYS A 1 101 ? 12.565  -8.896  -4.903  1.000 21.137 ? 99  LYS A CE  1 
ATOM   781  N NZ  . LYS A 1 101 ? 13.302  -9.993  -4.232  1.000 21.735 ? 99  LYS A NZ  1 
ATOM   782  N N   . TYR A 1 102 ? 9.710   -5.167  -1.093  1.000 17.547 ? 100 TYR A N   1 
ATOM   783  C CA  . TYR A 1 102 ? 8.310   -5.453  -0.683  1.000 17.214 ? 100 TYR A CA  1 
ATOM   784  C C   . TYR A 1 102 ? 7.683   -6.401  -1.705  1.000 17.540 ? 100 TYR A C   1 
ATOM   785  O O   . TYR A 1 102 ? 7.841   -6.168  -2.921  1.000 17.480 ? 100 TYR A O   1 
ATOM   786  C CB  . TYR A 1 102 ? 7.466   -4.178  -0.580  1.000 16.762 ? 100 TYR A CB  1 
ATOM   787  C CG  . TYR A 1 102 ? 7.980   -3.183  0.423   1.000 16.715 ? 100 TYR A CG  1 
ATOM   788  C CD1 . TYR A 1 102 ? 7.752   -3.352  1.780   1.000 17.107 ? 100 TYR A CD1 1 
ATOM   789  C CD2 . TYR A 1 102 ? 8.731   -2.094  0.021   1.000 17.122 ? 100 TYR A CD2 1 
ATOM   790  C CE1 . TYR A 1 102 ? 8.238   -2.448  2.711   1.000 17.167 ? 100 TYR A CE1 1 
ATOM   791  C CE2 . TYR A 1 102 ? 9.219   -1.175  0.936   1.000 16.936 ? 100 TYR A CE2 1 
ATOM   792  C CZ  . TYR A 1 102 ? 8.972   -1.353  2.288   1.000 17.277 ? 100 TYR A CZ  1 
ATOM   793  O OH  . TYR A 1 102 ? 9.474   -0.475  3.205   1.000 16.556 ? 100 TYR A OH  1 
ATOM   794  N N   . GLN A 1 103 ? 6.981   -7.418  -1.200  1.000 18.414 ? 101 GLN A N   1 
ATOM   795  C CA  . GLN A 1 103 ? 6.121   -8.360  -1.958  1.000 19.909 ? 101 GLN A CA  1 
ATOM   796  C C   . GLN A 1 103 ? 4.667   -7.959  -1.700  1.000 19.194 ? 101 GLN A C   1 
ATOM   797  O O   . GLN A 1 103 ? 4.280   -7.971  -0.547  1.000 19.215 ? 101 GLN A O   1 
ATOM   798  C CB  . GLN A 1 103 ? 6.470   -9.781  -1.502  1.000 23.007 ? 101 GLN A CB  1 
ATOM   799  C CG  . GLN A 1 103 ? 5.472   -10.877 -1.870  1.000 25.070 ? 101 GLN A CG  1 
ATOM   800  C CD  . GLN A 1 103 ? 5.577   -11.260 -3.323  1.000 27.985 ? 101 GLN A CD  1 
ATOM   801  O OE1 . GLN A 1 103 ? 4.913   -10.672 -4.180  1.000 30.604 ? 101 GLN A OE1 1 
ATOM   802  N NE2 . GLN A 1 103 ? 6.400   -12.262 -3.605  1.000 26.314 ? 101 GLN A NE2 1 
ATOM   803  N N   . VAL A 1 104 ? 3.904   -7.638  -2.743  1.000 18.764 ? 102 VAL A N   1 
ATOM   804  C CA  . VAL A 1 104 ? 2.460   -7.279  -2.658  1.000 19.651 ? 102 VAL A CA  1 
ATOM   805  C C   . VAL A 1 104 ? 1.625   -8.457  -3.176  1.000 20.116 ? 102 VAL A C   1 
ATOM   806  O O   . VAL A 1 104 ? 1.664   -8.738  -4.400  1.000 20.298 ? 102 VAL A O   1 
ATOM   807  C CB  . VAL A 1 104 ? 2.149   -5.971  -3.410  1.000 20.016 ? 102 VAL A CB  1 
ATOM   808  C CG1 . VAL A 1 104 ? 0.718   -5.510  -3.165  1.000 20.384 ? 102 VAL A CG1 1 
ATOM   809  C CG2 . VAL A 1 104 ? 3.124   -4.874  -3.018  1.000 20.259 ? 102 VAL A CG2 1 
ATOM   810  N N   . MET A 1 105 ? 0.908   -9.112  -2.263  1.000 20.179 ? 103 MET A N   1 
ATOM   811  C CA  . MET A 1 105 ? -0.080  -10.181 -2.550  1.000 21.826 ? 103 MET A CA  1 
ATOM   812  C C   . MET A 1 105 ? -1.452  -9.520  -2.677  1.000 20.733 ? 103 MET A C   1 
ATOM   813  O O   . MET A 1 105 ? -1.793  -8.685  -1.813  1.000 19.773 ? 103 MET A O   1 
ATOM   814  C CB  . MET A 1 105 ? -0.137  -11.238 -1.442  1.000 22.629 ? 103 MET A CB  1 
ATOM   815  C CG  . MET A 1 105 ? 1.209   -11.714 -0.951  1.000 24.913 ? 103 MET A CG  1 
ATOM   816  S SD  . MET A 1 105 ? 2.096   -12.637 -2.219  1.000 30.712 ? 103 MET A SD  1 
ATOM   817  C CE  . MET A 1 105 ? 1.216   -14.196 -2.137  1.000 28.333 ? 103 MET A CE  1 
ATOM   818  N N   . VAL A 1 106 ? -2.205  -9.889  -3.707  1.000 20.216 ? 104 VAL A N   1 
ATOM   819  C CA  . VAL A 1 106 ? -3.644  -9.532  -3.843  1.000 21.608 ? 104 VAL A CA  1 
ATOM   820  C C   . VAL A 1 106 ? -4.458  -10.825 -3.920  1.000 22.828 ? 104 VAL A C   1 
ATOM   821  O O   . VAL A 1 106 ? -4.243  -11.607 -4.871  1.000 24.281 ? 104 VAL A O   1 
ATOM   822  C CB  . VAL A 1 106 ? -3.880  -8.625  -5.060  1.000 21.368 ? 104 VAL A CB  1 
ATOM   823  C CG1 . VAL A 1 106 ? -5.351  -8.255  -5.200  1.000 21.231 ? 104 VAL A CG1 1 
ATOM   824  C CG2 . VAL A 1 106 ? -2.994  -7.386  -4.982  1.000 20.762 ? 104 VAL A CG2 1 
ATOM   825  N N   . ASN A 1 107 ? -5.348  -11.034 -2.945  1.000 23.301 ? 105 ASN A N   1 
ATOM   826  C CA  . ASN A 1 107 ? -6.241  -12.217 -2.870  1.000 23.522 ? 105 ASN A CA  1 
ATOM   827  C C   . ASN A 1 107 ? -5.375  -13.480 -2.955  1.000 25.509 ? 105 ASN A C   1 
ATOM   828  O O   . ASN A 1 107 ? -5.739  -14.385 -3.709  1.000 28.218 ? 105 ASN A O   1 
ATOM   829  C CB  . ASN A 1 107 ? -7.325  -12.131 -3.953  1.000 22.437 ? 105 ASN A CB  1 
ATOM   830  C CG  . ASN A 1 107 ? -8.191  -10.894 -3.804  1.000 22.339 ? 105 ASN A CG  1 
ATOM   831  O OD1 . ASN A 1 107 ? -8.422  -10.429 -2.689  1.000 21.663 ? 105 ASN A OD1 1 
ATOM   832  N ND2 . ASN A 1 107 ? -8.676  -10.357 -4.907  1.000 20.830 ? 105 ASN A ND2 1 
ATOM   833  N N   . GLY A 1 108 ? -4.240  -13.497 -2.251  1.000 26.089 ? 106 GLY A N   1 
ATOM   834  C CA  . GLY A 1 108 ? -3.304  -14.634 -2.197  1.000 27.380 ? 106 GLY A CA  1 
ATOM   835  C C   . GLY A 1 108 ? -2.414  -14.792 -3.426  1.000 28.482 ? 106 GLY A C   1 
ATOM   836  O O   . GLY A 1 108 ? -1.697  -15.787 -3.459  1.000 31.937 ? 106 GLY A O   1 
ATOM   837  N N   . GLN A 1 109 ? -2.408  -13.860 -4.384  1.000 30.035 ? 107 GLN A N   1 
ATOM   838  C CA  . GLN A 1 109 ? -1.609  -13.958 -5.644  1.000 29.880 ? 107 GLN A CA  1 
ATOM   839  C C   . GLN A 1 109 ? -0.497  -12.899 -5.627  1.000 25.486 ? 107 GLN A C   1 
ATOM   840  O O   . GLN A 1 109 ? -0.817  -11.706 -5.485  1.000 23.979 ? 107 GLN A O   1 
ATOM   841  C CB  . GLN A 1 109 ? -2.534  -13.765 -6.849  1.000 35.440 ? 107 GLN A CB  1 
ATOM   842  C CG  . GLN A 1 109 ? -1.867  -13.992 -8.202  1.000 41.030 ? 107 GLN A CG  1 
ATOM   843  C CD  . GLN A 1 109 ? -2.468  -13.131 -9.288  1.000 45.845 ? 107 GLN A CD  1 
ATOM   844  O OE1 . GLN A 1 109 ? -1.903  -12.114 -9.693  1.000 56.980 ? 107 GLN A OE1 1 
ATOM   845  N NE2 . GLN A 1 109 ? -3.639  -13.527 -9.759  1.000 47.468 ? 107 GLN A NE2 1 
ATOM   846  N N   . SER A 1 110 ? 0.767   -13.294 -5.801  1.000 22.243 ? 108 SER A N   1 
ATOM   847  C CA  . SER A 1 110 ? 1.901   -12.344 -5.933  1.000 21.212 ? 108 SER A CA  1 
ATOM   848  C C   . SER A 1 110 ? 1.650   -11.477 -7.168  1.000 19.929 ? 108 SER A C   1 
ATOM   849  O O   . SER A 1 110 ? 1.384   -12.055 -8.235  1.000 20.329 ? 108 SER A O   1 
ATOM   850  C CB  . SER A 1 110 ? 3.244   -13.029 -5.989  1.000 20.796 ? 108 SER A CB  1 
ATOM   851  O OG  . SER A 1 110 ? 4.282   -12.075 -6.221  1.000 20.746 ? 108 SER A OG  1 
ATOM   852  N N   . SER A 1 111 ? 1.646   -10.155 -6.998  1.000 17.760 ? 109 SER A N   1 
ATOM   853  C CA  . SER A 1 111 ? 1.088   -9.181  -7.978  1.000 17.369 ? 109 SER A CA  1 
ATOM   854  C C   . SER A 1 111 ? 2.084   -8.054  -8.282  1.000 17.130 ? 109 SER A C   1 
ATOM   855  O O   . SER A 1 111 ? 2.105   -7.598  -9.432  1.000 17.050 ? 109 SER A O   1 
ATOM   856  C CB  . SER A 1 111 ? -0.229  -8.633  -7.509  1.000 17.501 ? 109 SER A CB  1 
ATOM   857  O OG  . SER A 1 111 ? -1.197  -9.662  -7.390  1.000 17.248 ? 109 SER A OG  1 
ATOM   858  N N   . TYR A 1 112 ? 2.825   -7.567  -7.286  1.000 17.430 ? 110 TYR A N   1 
ATOM   859  C CA  . TYR A 1 112 ? 3.778   -6.432  -7.431  1.000 17.956 ? 110 TYR A CA  1 
ATOM   860  C C   . TYR A 1 112 ? 4.961   -6.663  -6.493  1.000 18.219 ? 110 TYR A C   1 
ATOM   861  O O   . TYR A 1 112 ? 4.764   -7.274  -5.422  1.000 17.398 ? 110 TYR A O   1 
ATOM   862  C CB  . TYR A 1 112 ? 3.098   -5.088  -7.152  1.000 18.035 ? 110 TYR A CB  1 
ATOM   863  C CG  . TYR A 1 112 ? 1.711   -4.961  -7.728  1.000 18.371 ? 110 TYR A CG  1 
ATOM   864  C CD1 . TYR A 1 112 ? 0.601   -5.324  -6.987  1.000 18.286 ? 110 TYR A CD1 1 
ATOM   865  C CD2 . TYR A 1 112 ? 1.509   -4.554  -9.040  1.000 18.844 ? 110 TYR A CD2 1 
ATOM   866  C CE1 . TYR A 1 112 ? -0.678  -5.231  -7.509  1.000 18.674 ? 110 TYR A CE1 1 
ATOM   867  C CE2 . TYR A 1 112 ? 0.236   -4.470  -9.585  1.000 19.049 ? 110 TYR A CE2 1 
ATOM   868  C CZ  . TYR A 1 112 ? -0.862  -4.816  -8.814  1.000 18.927 ? 110 TYR A CZ  1 
ATOM   869  O OH  . TYR A 1 112 ? -2.124  -4.742  -9.321  1.000 19.002 ? 110 TYR A OH  1 
ATOM   870  N N   . THR A 1 113 ? 6.156   -6.244  -6.919  1.000 18.574 ? 111 THR A N   1 
ATOM   871  C CA  . THR A 1 113 ? 7.339   -6.094  -6.043  1.000 19.710 ? 111 THR A CA  1 
ATOM   872  C C   . THR A 1 113 ? 7.983   -4.719  -6.268  1.000 19.414 ? 111 THR A C   1 
ATOM   873  O O   . THR A 1 113 ? 7.826   -4.114  -7.337  1.000 19.389 ? 111 THR A O   1 
ATOM   874  C CB  . THR A 1 113 ? 8.333   -7.258  -6.188  1.000 20.892 ? 111 THR A CB  1 
ATOM   875  O OG1 . THR A 1 113 ? 8.621   -7.472  -7.567  1.000 25.805 ? 111 THR A OG1 1 
ATOM   876  C CG2 . THR A 1 113 ? 7.830   -8.552  -5.587  1.000 20.976 ? 111 THR A CG2 1 
ATOM   877  N N   . PHE A 1 114 ? 8.692   -4.261  -5.244  1.000 18.662 ? 112 PHE A N   1 
ATOM   878  C CA  . PHE A 1 114 ? 9.303   -2.918  -5.156  1.000 18.543 ? 112 PHE A CA  1 
ATOM   879  C C   . PHE A 1 114 ? 10.554  -3.060  -4.298  1.000 18.154 ? 112 PHE A C   1 
ATOM   880  O O   . PHE A 1 114 ? 10.407  -3.322  -3.087  1.000 15.559 ? 112 PHE A O   1 
ATOM   881  C CB  . PHE A 1 114 ? 8.301   -1.934  -4.567  1.000 18.601 ? 112 PHE A CB  1 
ATOM   882  C CG  . PHE A 1 114 ? 8.765   -0.501  -4.555  1.000 19.096 ? 112 PHE A CG  1 
ATOM   883  C CD1 . PHE A 1 114 ? 8.564   0.311   -5.659  1.000 18.733 ? 112 PHE A CD1 1 
ATOM   884  C CD2 . PHE A 1 114 ? 9.377   0.039   -3.434  1.000 18.383 ? 112 PHE A CD2 1 
ATOM   885  C CE1 . PHE A 1 114 ? 8.962   1.639   -5.639  1.000 18.499 ? 112 PHE A CE1 1 
ATOM   886  C CE2 . PHE A 1 114 ? 9.767   1.372   -3.414  1.000 18.214 ? 112 PHE A CE2 1 
ATOM   887  C CZ  . PHE A 1 114 ? 9.556   2.165   -4.517  1.000 18.109 ? 112 PHE A CZ  1 
ATOM   888  N N   . ASP A 1 115 ? 11.730  -2.984  -4.924  1.000 17.894 ? 113 ASP A N   1 
ATOM   889  C CA  . ASP A 1 115 ? 13.030  -3.034  -4.210  1.000 18.945 ? 113 ASP A CA  1 
ATOM   890  C C   . ASP A 1 115 ? 13.085  -1.889  -3.196  1.000 18.006 ? 113 ASP A C   1 
ATOM   891  O O   . ASP A 1 115 ? 12.650  -0.778  -3.538  1.000 18.619 ? 113 ASP A O   1 
ATOM   892  C CB  . ASP A 1 115 ? 14.225  -2.955  -5.159  1.000 20.743 ? 113 ASP A CB  1 
ATOM   893  C CG  . ASP A 1 115 ? 14.382  -4.187  -6.034  1.000 22.494 ? 113 ASP A CG  1 
ATOM   894  O OD1 . ASP A 1 115 ? 13.680  -5.182  -5.784  1.000 23.420 ? 113 ASP A OD1 1 
ATOM   895  O OD2 . ASP A 1 115 ? 15.185  -4.120  -6.974  1.000 26.029 ? 113 ASP A OD2 1 
ATOM   896  N N   . HIS A 1 116 ? 13.638  -2.165  -2.015  1.000 17.398 ? 114 HIS A N   1 
ATOM   897  C CA  . HIS A 1 116 ? 13.919  -1.169  -0.951  1.000 17.184 ? 114 HIS A CA  1 
ATOM   898  C C   . HIS A 1 116 ? 14.794  -0.046  -1.525  1.000 17.916 ? 114 HIS A C   1 
ATOM   899  O O   . HIS A 1 116 ? 15.892  -0.337  -1.978  1.000 17.231 ? 114 HIS A O   1 
ATOM   900  C CB  . HIS A 1 116 ? 14.562  -1.859  0.256   1.000 16.413 ? 114 HIS A CB  1 
ATOM   901  C CG  . HIS A 1 116 ? 13.655  -2.838  0.922   1.000 16.340 ? 114 HIS A CG  1 
ATOM   902  N ND1 . HIS A 1 116 ? 12.309  -2.585  1.120   1.000 15.731 ? 114 HIS A ND1 1 
ATOM   903  C CD2 . HIS A 1 116 ? 13.896  -4.060  1.451   1.000 16.298 ? 114 HIS A CD2 1 
ATOM   904  C CE1 . HIS A 1 116 ? 11.754  -3.617  1.716   1.000 16.306 ? 114 HIS A CE1 1 
ATOM   905  N NE2 . HIS A 1 116 ? 12.708  -4.542  1.933   1.000 16.558 ? 114 HIS A NE2 1 
ATOM   906  N N   . ARG A 1 117 ? 14.307  1.193   -1.512  1.000 17.813 ? 115 ARG A N   1 
ATOM   907  C CA  . ARG A 1 117 ? 15.139  2.402   -1.746  1.000 17.976 ? 115 ARG A CA  1 
ATOM   908  C C   . ARG A 1 117 ? 15.645  2.947   -0.406  1.000 18.399 ? 115 ARG A C   1 
ATOM   909  O O   . ARG A 1 117 ? 16.716  3.536   -0.380  1.000 17.199 ? 115 ARG A O   1 
ATOM   910  C CB  . ARG A 1 117 ? 14.308  3.448   -2.486  1.000 18.331 ? 115 ARG A CB  1 
ATOM   911  C CG  . ARG A 1 117 ? 13.834  2.987   -3.855  1.000 18.041 ? 115 ARG A CG  1 
ATOM   912  C CD  . ARG A 1 117 ? 12.829  3.966   -4.421  1.000 18.926 ? 115 ARG A CD  1 
ATOM   913  N NE  . ARG A 1 117 ? 12.344  3.507   -5.705  1.000 19.663 ? 115 ARG A NE  1 
ATOM   914  C CZ  . ARG A 1 117 ? 11.547  4.192   -6.513  1.000 19.601 ? 115 ARG A CZ  1 
ATOM   915  N NH1 . ARG A 1 117 ? 11.121  5.403   -6.186  1.000 20.075 ? 115 ARG A NH1 1 
ATOM   916  N NH2 . ARG A 1 117 ? 11.175  3.642   -7.656  1.000 19.808 ? 115 ARG A NH2 1 
ATOM   917  N N   . ILE A 1 118 ? 14.865  2.775   0.659   1.000 19.728 ? 116 ILE A N   1 
ATOM   918  C CA  . ILE A 1 118 ? 15.217  3.158   2.051   1.000 20.205 ? 116 ILE A CA  1 
ATOM   919  C C   . ILE A 1 118 ? 15.011  1.911   2.897   1.000 21.298 ? 116 ILE A C   1 
ATOM   920  O O   . ILE A 1 118 ? 14.064  1.166   2.600   1.000 21.778 ? 116 ILE A O   1 
ATOM   921  C CB  . ILE A 1 118 ? 14.355  4.340   2.539   1.000 20.373 ? 116 ILE A CB  1 
ATOM   922  C CG1 . ILE A 1 118 ? 14.504  5.560   1.627   1.000 21.021 ? 116 ILE A CG1 1 
ATOM   923  C CG2 . ILE A 1 118 ? 14.659  4.687   3.991   1.000 20.366 ? 116 ILE A CG2 1 
ATOM   924  C CD1 . ILE A 1 118 ? 13.312  6.482   1.642   1.000 21.511 ? 116 ILE A CD1 1 
ATOM   925  N N   . LYS A 1 119 ? 15.851  1.696   3.907   1.000 22.284 ? 117 LYS A N   1 
ATOM   926  C CA  . LYS A 1 119 ? 15.666  0.561   4.845   1.000 23.733 ? 117 LYS A CA  1 
ATOM   927  C C   . LYS A 1 119 ? 14.223  0.593   5.358   1.000 22.649 ? 117 LYS A C   1 
ATOM   928  O O   . LYS A 1 119 ? 13.714  1.647   5.759   1.000 18.564 ? 117 LYS A O   1 
ATOM   929  C CB  . LYS A 1 119 ? 16.702  0.610   5.973   1.000 27.631 ? 117 LYS A CB  1 
ATOM   930  C CG  . LYS A 1 119 ? 16.659  1.870   6.831   1.000 30.288 ? 117 LYS A CG  1 
ATOM   931  C CD  . LYS A 1 119 ? 17.572  1.832   8.039   1.000 34.150 ? 117 LYS A CD  1 
ATOM   932  C CE  . LYS A 1 119 ? 17.375  3.041   8.930   1.000 37.324 ? 117 LYS A CE  1 
ATOM   933  N NZ  . LYS A 1 119 ? 18.146  2.915   10.188  1.000 40.082 ? 117 LYS A NZ  1 
ATOM   934  N N   . PRO A 1 120 ? 13.506  -0.556  5.370   1.000 21.933 ? 118 PRO A N   1 
ATOM   935  C CA  . PRO A 1 120 ? 12.154  -0.593  5.933   1.000 21.624 ? 118 PRO A CA  1 
ATOM   936  C C   . PRO A 1 120 ? 12.100  -0.213  7.425   1.000 20.356 ? 118 PRO A C   1 
ATOM   937  O O   . PRO A 1 120 ? 11.042  0.159   7.875   1.000 19.989 ? 118 PRO A O   1 
ATOM   938  C CB  . PRO A 1 120 ? 11.674  -2.031  5.674   1.000 22.042 ? 118 PRO A CB  1 
ATOM   939  C CG  . PRO A 1 120 ? 12.941  -2.832  5.413   1.000 22.104 ? 118 PRO A CG  1 
ATOM   940  C CD  . PRO A 1 120 ? 13.934  -1.856  4.827   1.000 22.102 ? 118 PRO A CD  1 
ATOM   941  N N   . GLU A 1 121 ? 13.234  -0.227  8.135   1.000 19.647 ? 119 GLU A N   1 
ATOM   942  C CA  . GLU A 1 121 ? 13.321  0.214   9.556   1.000 20.042 ? 119 GLU A CA  1 
ATOM   943  C C   . GLU A 1 121 ? 13.062  1.721   9.671   1.000 19.741 ? 119 GLU A C   1 
ATOM   944  O O   . GLU A 1 121 ? 12.806  2.160   10.793  1.000 18.686 ? 119 GLU A O   1 
ATOM   945  C CB  . GLU A 1 121 ? 14.676  -0.117  10.193  1.000 20.995 ? 119 GLU A CB  1 
ATOM   946  C CG  . GLU A 1 121 ? 14.850  -1.592  10.489  1.000 21.752 ? 119 GLU A CG  1 
ATOM   947  C CD  . GLU A 1 121 ? 15.165  -2.453  9.279   1.000 22.329 ? 119 GLU A CD  1 
ATOM   948  O OE1 . GLU A 1 121 ? 15.372  -1.894  8.179   1.000 20.922 ? 119 GLU A OE1 1 
ATOM   949  O OE2 . GLU A 1 121 ? 15.210  -3.681  9.441   1.000 25.734 ? 119 GLU A OE2 1 
ATOM   950  N N   . ALA A 1 122 ? 13.127  2.484   8.575   1.000 18.997 ? 120 ALA A N   1 
ATOM   951  C CA  . ALA A 1 122 ? 12.816  3.932   8.575   1.000 18.796 ? 120 ALA A CA  1 
ATOM   952  C C   . ALA A 1 122 ? 11.304  4.179   8.728   1.000 18.561 ? 120 ALA A C   1 
ATOM   953  O O   . ALA A 1 122 ? 10.952  5.313   9.045   1.000 18.647 ? 120 ALA A O   1 
ATOM   954  C CB  . ALA A 1 122 ? 13.355  4.575   7.330   1.000 19.179 ? 120 ALA A CB  1 
ATOM   955  N N   . VAL A 1 123 ? 10.439  3.181   8.512   1.000 17.735 ? 121 VAL A N   1 
ATOM   956  C CA  . VAL A 1 123 ? 8.955   3.364   8.555   1.000 17.386 ? 121 VAL A CA  1 
ATOM   957  C C   . VAL A 1 123 ? 8.500   3.543   10.010  1.000 18.127 ? 121 VAL A C   1 
ATOM   958  O O   . VAL A 1 123 ? 8.913   2.734   10.854  1.000 17.054 ? 121 VAL A O   1 
ATOM   959  C CB  . VAL A 1 123 ? 8.215   2.198   7.876   1.000 17.325 ? 121 VAL A CB  1 
ATOM   960  C CG1 . VAL A 1 123 ? 6.704   2.332   8.041   1.000 16.751 ? 121 VAL A CG1 1 
ATOM   961  C CG2 . VAL A 1 123 ? 8.604   2.086   6.400   1.000 17.007 ? 121 VAL A CG2 1 
ATOM   962  N N   . LYS A 1 124 ? 7.656   4.544   10.274  1.000 18.087 ? 122 LYS A N   1 
ATOM   963  C CA  . LYS A 1 124 ? 7.030   4.765   11.608  1.000 19.697 ? 122 LYS A CA  1 
ATOM   964  C C   . LYS A 1 124 ? 5.493   4.772   11.533  1.000 18.892 ? 122 LYS A C   1 
ATOM   965  O O   . LYS A 1 124 ? 4.855   4.784   12.604  1.000 18.165 ? 122 LYS A O   1 
ATOM   966  C CB  . LYS A 1 124 ? 7.593   6.051   12.207  1.000 21.882 ? 122 LYS A CB  1 
ATOM   967  C CG  . LYS A 1 124 ? 9.005   5.870   12.729  1.000 24.781 ? 122 LYS A CG  1 
ATOM   968  C CD  . LYS A 1 124 ? 9.519   7.030   13.521  1.000 28.897 ? 122 LYS A CD  1 
ATOM   969  C CE  . LYS A 1 124 ? 10.840  6.691   14.175  1.000 33.160 ? 122 LYS A CE  1 
ATOM   970  N NZ  . LYS A 1 124 ? 11.590  7.917   14.526  1.000 38.175 ? 122 LYS A NZ  1 
ATOM   971  N N   . MET A 1 125 ? 4.909   4.717   10.336  1.000 17.854 ? 123 MET A N   1 
ATOM   972  C CA  . MET A 1 125 ? 3.462   4.968   10.124  1.000 17.701 ? 123 MET A CA  1 
ATOM   973  C C   . MET A 1 125 ? 3.058   4.413   8.754   1.000 17.370 ? 123 MET A C   1 
ATOM   974  O O   . MET A 1 125 ? 3.834   4.565   7.790   1.000 16.819 ? 123 MET A O   1 
ATOM   975  C CB  . MET A 1 125 ? 3.165   6.469   10.207  1.000 18.844 ? 123 MET A CB  1 
ATOM   976  C CG  . MET A 1 125 ? 1.690   6.817   10.056  1.000 19.492 ? 123 MET A CG  1 
ATOM   977  S SD  . MET A 1 125 ? 1.274   7.256   8.342   1.000 20.105 ? 123 MET A SD  1 
ATOM   978  C CE  . MET A 1 125 ? 1.544   9.026   8.329   1.000 19.961 ? 123 MET A CE  1 
ATOM   979  N N   . VAL A 1 126 ? 1.885   3.788   8.691   1.000 17.469 ? 124 VAL A N   1 
ATOM   980  C CA  . VAL A 1 126 ? 1.194   3.385   7.431   1.000 17.492 ? 124 VAL A CA  1 
ATOM   981  C C   . VAL A 1 126 ? -0.093  4.203   7.326   1.000 17.783 ? 124 VAL A C   1 
ATOM   982  O O   . VAL A 1 126 ? -0.808  4.322   8.337   1.000 19.351 ? 124 VAL A O   1 
ATOM   983  C CB  . VAL A 1 126 ? 0.921   1.870   7.406   1.000 17.038 ? 124 VAL A CB  1 
ATOM   984  C CG1 . VAL A 1 126 ? 0.258   1.427   6.105   1.000 16.761 ? 124 VAL A CG1 1 
ATOM   985  C CG2 . VAL A 1 126 ? 2.208   1.084   7.634   1.000 17.349 ? 124 VAL A CG2 1 
ATOM   986  N N   . GLN A 1 127 ? -0.352  4.776   6.157   1.000 17.821 ? 125 GLN A N   1 
ATOM   987  C CA  . GLN A 1 127 ? -1.642  5.430   5.846   1.000 19.224 ? 125 GLN A CA  1 
ATOM   988  C C   . GLN A 1 127 ? -2.337  4.664   4.719   1.000 17.616 ? 125 GLN A C   1 
ATOM   989  O O   . GLN A 1 127 ? -1.692  4.408   3.688   1.000 18.102 ? 125 GLN A O   1 
ATOM   990  C CB  . GLN A 1 127 ? -1.450  6.894   5.466   1.000 20.442 ? 125 GLN A CB  1 
ATOM   991  C CG  . GLN A 1 127 ? -2.783  7.606   5.268   1.000 21.802 ? 125 GLN A CG  1 
ATOM   992  C CD  . GLN A 1 127 ? -2.633  9.100   5.405   1.000 22.709 ? 125 GLN A CD  1 
ATOM   993  O OE1 . GLN A 1 127 ? -1.973  9.749   4.598   1.000 24.579 ? 125 GLN A OE1 1 
ATOM   994  N NE2 . GLN A 1 127 ? -3.220  9.650   6.453   1.000 23.051 ? 125 GLN A NE2 1 
ATOM   995  N N   . VAL A 1 128 ? -3.603  4.315   4.927   1.000 16.656 ? 126 VAL A N   1 
ATOM   996  C CA  . VAL A 1 128 ? -4.476  3.695   3.894   1.000 16.961 ? 126 VAL A CA  1 
ATOM   997  C C   . VAL A 1 128 ? -5.626  4.663   3.609   1.000 16.818 ? 126 VAL A C   1 
ATOM   998  O O   . VAL A 1 128 ? -6.350  5.030   4.560   1.000 17.535 ? 126 VAL A O   1 
ATOM   999  C CB  . VAL A 1 128 ? -4.984  2.304   4.324   1.000 16.469 ? 126 VAL A CB  1 
ATOM   1000 C CG1 . VAL A 1 128 ? -5.778  1.627   3.214   1.000 16.377 ? 126 VAL A CG1 1 
ATOM   1001 C CG2 . VAL A 1 128 ? -3.843  1.405   4.777   1.000 16.913 ? 126 VAL A CG2 1 
ATOM   1002 N N   . TRP A 1 129 ? -5.795  5.065   2.352   1.000 16.588 ? 127 TRP A N   1 
ATOM   1003 C CA  . TRP A 1 129 ? -6.772  6.126   2.009   1.000 16.542 ? 127 TRP A CA  1 
ATOM   1004 C C   . TRP A 1 129 ? -7.210  6.059   0.548   1.000 16.708 ? 127 TRP A C   1 
ATOM   1005 O O   . TRP A 1 129 ? -6.799  5.101   -0.144  1.000 16.540 ? 127 TRP A O   1 
ATOM   1006 C CB  . TRP A 1 129 ? -6.192  7.485   2.412   1.000 15.979 ? 127 TRP A CB  1 
ATOM   1007 C CG  . TRP A 1 129 ? -4.995  7.965   1.655   1.000 15.414 ? 127 TRP A CG  1 
ATOM   1008 C CD1 . TRP A 1 129 ? -3.730  7.444   1.642   1.000 15.724 ? 127 TRP A CD1 1 
ATOM   1009 C CD2 . TRP A 1 129 ? -4.934  9.175   0.892   1.000 15.575 ? 127 TRP A CD2 1 
ATOM   1010 N NE1 . TRP A 1 129 ? -2.900  8.229   0.885   1.000 15.296 ? 127 TRP A NE1 1 
ATOM   1011 C CE2 . TRP A 1 129 ? -3.613  9.296   0.408   1.000 15.653 ? 127 TRP A CE2 1 
ATOM   1012 C CE3 . TRP A 1 129 ? -5.873  10.158  0.561   1.000 15.660 ? 127 TRP A CE3 1 
ATOM   1013 C CZ2 . TRP A 1 129 ? -3.220  10.365  -0.397  1.000 15.536 ? 127 TRP A CZ2 1 
ATOM   1014 C CZ3 . TRP A 1 129 ? -5.482  11.209  -0.230  1.000 15.735 ? 127 TRP A CZ3 1 
ATOM   1015 C CH2 . TRP A 1 129 ? -4.179  11.301  -0.715  1.000 15.651 ? 127 TRP A CH2 1 
ATOM   1016 N N   . ARG A 1 130 ? -8.063  7.025   0.162   1.000 16.614 ? 128 ARG A N   1 
ATOM   1017 C CA  . ARG A 1 130 ? -8.763  7.183   -1.144  1.000 16.787 ? 128 ARG A CA  1 
ATOM   1018 C C   . ARG A 1 130 ? -10.053 6.347   -1.106  1.000 16.512 ? 128 ARG A C   1 
ATOM   1019 O O   . ARG A 1 130 ? -10.639 6.247   -0.025  1.000 16.135 ? 128 ARG A O   1 
ATOM   1020 C CB  . ARG A 1 130 ? -7.810  6.910   -2.308  1.000 17.659 ? 128 ARG A CB  1 
ATOM   1021 C CG  . ARG A 1 130 ? -6.489  7.665   -2.187  1.000 18.317 ? 128 ARG A CG  1 
ATOM   1022 C CD  . ARG A 1 130 ? -6.147  8.335   -3.487  1.000 18.013 ? 128 ARG A CD  1 
ATOM   1023 N NE  . ARG A 1 130 ? -4.825  8.931   -3.548  1.000 17.924 ? 128 ARG A NE  1 
ATOM   1024 C CZ  . ARG A 1 130 ? -4.565  10.223  -3.758  1.000 18.757 ? 128 ARG A CZ  1 
ATOM   1025 N NH1 . ARG A 1 130 ? -5.543  11.120  -3.836  1.000 17.707 ? 128 ARG A NH1 1 
ATOM   1026 N NH2 . ARG A 1 130 ? -3.301  10.622  -3.848  1.000 18.707 ? 128 ARG A NH2 1 
ATOM   1027 N N   . ASP A 1 131 ? -10.526 5.834   -2.239  1.000 16.392 ? 129 ASP A N   1 
ATOM   1028 C CA  . ASP A 1 131 ? -11.964 5.532   -2.474  1.000 16.777 ? 129 ASP A CA  1 
ATOM   1029 C C   . ASP A 1 131 ? -12.244 4.078   -2.092  1.000 17.252 ? 129 ASP A C   1 
ATOM   1030 O O   . ASP A 1 131 ? -12.741 3.309   -2.942  1.000 18.496 ? 129 ASP A O   1 
ATOM   1031 C CB  . ASP A 1 131 ? -12.330 5.850   -3.919  1.000 16.512 ? 129 ASP A CB  1 
ATOM   1032 C CG  . ASP A 1 131 ? -11.803 7.204   -4.348  1.000 17.321 ? 129 ASP A CG  1 
ATOM   1033 O OD1 . ASP A 1 131 ? -12.321 8.214   -3.816  1.000 18.108 ? 129 ASP A OD1 1 
ATOM   1034 O OD2 . ASP A 1 131 ? -10.875 7.240   -5.196  1.000 16.910 ? 129 ASP A OD2 1 
ATOM   1035 N N   . ILE A 1 132 ? -11.970 3.706   -0.845  1.000 17.354 ? 130 ILE A N   1 
ATOM   1036 C CA  . ILE A 1 132 ? -12.258 2.338   -0.340  1.000 18.894 ? 130 ILE A CA  1 
ATOM   1037 C C   . ILE A 1 132 ? -12.989 2.445   0.999   1.000 19.190 ? 130 ILE A C   1 
ATOM   1038 O O   . ILE A 1 132 ? -12.849 3.468   1.661   1.000 18.755 ? 130 ILE A O   1 
ATOM   1039 C CB  . ILE A 1 132 ? -10.971 1.502   -0.227  1.000 19.362 ? 130 ILE A CB  1 
ATOM   1040 C CG1 . ILE A 1 132 ? -9.962  2.128   0.738   1.000 20.249 ? 130 ILE A CG1 1 
ATOM   1041 C CG2 . ILE A 1 132 ? -10.363 1.259   -1.598  1.000 19.811 ? 130 ILE A CG2 1 
ATOM   1042 C CD1 . ILE A 1 132 ? -9.442  1.146   1.737   1.000 22.415 ? 130 ILE A CD1 1 
ATOM   1043 N N   . SER A 1 133 ? -13.742 1.410   1.355   1.000 20.054 ? 131 SER A N   1 
ATOM   1044 C CA  . SER A 1 133 ? -14.036 1.030   2.762   1.000 21.039 ? 131 SER A CA  1 
ATOM   1045 C C   . SER A 1 133 ? -12.965 0.046   3.224   1.000 21.136 ? 131 SER A C   1 
ATOM   1046 O O   . SER A 1 133 ? -12.461 -0.725  2.386   1.000 20.732 ? 131 SER A O   1 
ATOM   1047 C CB  . SER A 1 133 ? -15.403 0.442   2.913   1.000 20.316 ? 131 SER A CB  1 
ATOM   1048 O OG  . SER A 1 133 ? -15.614 -0.556  1.935   1.000 20.777 ? 131 SER A OG  1 
ATOM   1049 N N   . LEU A 1 134 ? -12.654 0.086   4.511   1.000 21.493 ? 132 LEU A N   1 
ATOM   1050 C CA  . LEU A 1 134 ? -11.576 -0.694  5.163   1.000 24.002 ? 132 LEU A CA  1 
ATOM   1051 C C   . LEU A 1 134 ? -12.204 -1.541  6.278   1.000 24.590 ? 132 LEU A C   1 
ATOM   1052 O O   . LEU A 1 134 ? -12.805 -0.940  7.195   1.000 24.051 ? 132 LEU A O   1 
ATOM   1053 C CB  . LEU A 1 134 ? -10.595 0.359   5.686   1.000 25.174 ? 132 LEU A CB  1 
ATOM   1054 C CG  . LEU A 1 134 ? -9.249  -0.110  6.223   1.000 26.881 ? 132 LEU A CG  1 
ATOM   1055 C CD1 . LEU A 1 134 ? -8.571  -1.095  5.285   1.000 28.124 ? 132 LEU A CD1 1 
ATOM   1056 C CD2 . LEU A 1 134 ? -8.358  1.101   6.456   1.000 26.321 ? 132 LEU A CD2 1 
ATOM   1057 N N   . THR A 1 135 ? -12.125 -2.875  6.198   1.000 25.368 ? 133 THR A N   1 
ATOM   1058 C CA  . THR A 1 135 ? -12.654 -3.787  7.258   1.000 28.063 ? 133 THR A CA  1 
ATOM   1059 C C   . THR A 1 135 ? -11.523 -4.230  8.194   1.000 27.818 ? 133 THR A C   1 
ATOM   1060 O O   . THR A 1 135 ? -11.810 -4.375  9.382   1.000 29.688 ? 133 THR A O   1 
ATOM   1061 C CB  . THR A 1 135 ? -13.433 -4.977  6.680   1.000 27.984 ? 133 THR A CB  1 
ATOM   1062 O OG1 . THR A 1 135 ? -12.665 -5.588  5.646   1.000 31.523 ? 133 THR A OG1 1 
ATOM   1063 C CG2 . THR A 1 135 ? -14.774 -4.564  6.118   1.000 29.888 ? 133 THR A CG2 1 
ATOM   1064 N N   . LYS A 1 136 ? -10.307 -4.460  7.693   1.000 28.192 ? 134 LYS A N   1 
ATOM   1065 C CA  . LYS A 1 136 ? -9.171  -4.975  8.511   1.000 28.616 ? 134 LYS A CA  1 
ATOM   1066 C C   . LYS A 1 136 ? -7.892  -4.212  8.138   1.000 25.723 ? 134 LYS A C   1 
ATOM   1067 O O   . LYS A 1 136 ? -7.666  -3.939  6.937   1.000 22.511 ? 134 LYS A O   1 
ATOM   1068 C CB  . LYS A 1 136 ? -8.944  -6.487  8.340   1.000 33.144 ? 134 LYS A CB  1 
ATOM   1069 C CG  . LYS A 1 136 ? -10.169 -7.363  8.082   1.000 38.582 ? 134 LYS A CG  1 
ATOM   1070 C CD  . LYS A 1 136 ? -10.770 -8.027  9.313   1.000 42.808 ? 134 LYS A CD  1 
ATOM   1071 C CE  . LYS A 1 136 ? -11.954 -8.908  8.961   1.000 46.735 ? 134 LYS A CE  1 
ATOM   1072 N NZ  . LYS A 1 136 ? -12.167 -9.988  9.955   1.000 50.035 ? 134 LYS A NZ  1 
ATOM   1073 N N   . PHE A 1 137 ? -7.084  -3.886  9.139   1.000 21.680 ? 135 PHE A N   1 
ATOM   1074 C CA  . PHE A 1 137 ? -5.663  -3.486  8.980   1.000 21.754 ? 135 PHE A CA  1 
ATOM   1075 C C   . PHE A 1 137 ? -4.853  -4.186  10.081  1.000 21.360 ? 135 PHE A C   1 
ATOM   1076 O O   . PHE A 1 137 ? -5.212  -4.017  11.257  1.000 20.257 ? 135 PHE A O   1 
ATOM   1077 C CB  . PHE A 1 137 ? -5.522  -1.959  9.029   1.000 20.881 ? 135 PHE A CB  1 
ATOM   1078 C CG  . PHE A 1 137 ? -4.101  -1.484  8.888   1.000 20.430 ? 135 PHE A CG  1 
ATOM   1079 C CD1 . PHE A 1 137 ? -3.229  -1.531  9.961   1.000 20.180 ? 135 PHE A CD1 1 
ATOM   1080 C CD2 . PHE A 1 137 ? -3.618  -1.049  7.663   1.000 20.805 ? 135 PHE A CD2 1 
ATOM   1081 C CE1 . PHE A 1 137 ? -1.911  -1.127  9.825   1.000 19.638 ? 135 PHE A CE1 1 
ATOM   1082 C CE2 . PHE A 1 137 ? -2.298  -0.638  7.531   1.000 21.524 ? 135 PHE A CE2 1 
ATOM   1083 C CZ  . PHE A 1 137 ? -1.448  -0.678  8.612   1.000 19.970 ? 135 PHE A CZ  1 
ATOM   1084 N N   . ASN A 1 138 ? -3.826  -4.960  9.716   1.000 21.429 ? 136 ASN A N   1 
ATOM   1085 C CA  . ASN A 1 138 ? -2.923  -5.641  10.682  1.000 22.844 ? 136 ASN A CA  1 
ATOM   1086 C C   . ASN A 1 138 ? -1.477  -5.523  10.204  1.000 22.693 ? 136 ASN A C   1 
ATOM   1087 O O   . ASN A 1 138 ? -1.229  -5.739  9.003   1.000 22.246 ? 136 ASN A O   1 
ATOM   1088 C CB  . ASN A 1 138 ? -3.314  -7.106  10.901  1.000 24.420 ? 136 ASN A CB  1 
ATOM   1089 C CG  . ASN A 1 138 ? -4.496  -7.240  11.839  1.000 26.455 ? 136 ASN A CG  1 
ATOM   1090 O OD1 . ASN A 1 138 ? -4.353  -7.137  13.063  1.000 28.309 ? 136 ASN A OD1 1 
ATOM   1091 N ND2 . ASN A 1 138 ? -5.676  -7.418  11.279  1.000 24.542 ? 136 ASN A ND2 1 
ATOM   1092 N N   . VAL A 1 139 ? -0.574  -5.198  11.128  1.000 22.737 ? 137 VAL A N   1 
ATOM   1093 C CA  . VAL A 1 139 ? 0.897   -5.397  10.988  1.000 23.883 ? 137 VAL A CA  1 
ATOM   1094 C C   . VAL A 1 139 ? 1.260   -6.621  11.825  1.000 25.430 ? 137 VAL A C   1 
ATOM   1095 O O   . VAL A 1 139 ? 0.948   -6.627  13.033  1.000 23.869 ? 137 VAL A O   1 
ATOM   1096 C CB  . VAL A 1 139 ? 1.683   -4.146  11.408  1.000 23.624 ? 137 VAL A CB  1 
ATOM   1097 C CG1 . VAL A 1 139 ? 3.185   -4.333  11.272  1.000 23.905 ? 137 VAL A CG1 1 
ATOM   1098 C CG2 . VAL A 1 139 ? 1.226   -2.928  10.634  1.000 24.395 ? 137 VAL A CG2 1 
ATOM   1099 N N   . SER A 1 140 ? 1.837   -7.628  11.175  1.000 27.249 ? 138 SER A N   1 
ATOM   1100 C CA  . SER A 1 140 ? 2.230   -8.939  11.749  1.000 32.066 ? 138 SER A CA  1 
ATOM   1101 C C   . SER A 1 140 ? 3.646   -9.277  11.281  1.000 33.338 ? 138 SER A C   1 
ATOM   1102 O O   . SER A 1 140 ? 4.232   -8.455  10.537  1.000 32.232 ? 138 SER A O   1 
ATOM   1103 C CB  . SER A 1 140 ? 1.240   -10.021 11.360  1.000 34.443 ? 138 SER A CB  1 
ATOM   1104 O OG  . SER A 1 140 ? 1.337   -10.315 9.970   1.000 39.105 ? 138 SER A OG  1 
ATOM   1105 N N   . TYR A 1 141 ? 4.169   -10.425 11.710  1.000 36.680 ? 139 TYR A N   1 
ATOM   1106 C CA  . TYR A 1 141 ? 5.609   -10.780 11.625  1.000 41.470 ? 139 TYR A CA  1 
ATOM   1107 C C   . TYR A 1 141 ? 5.752   -12.302 11.702  1.000 44.303 ? 139 TYR A C   1 
ATOM   1108 O O   . TYR A 1 141 ? 5.078   -12.891 12.560  1.000 44.614 ? 139 TYR A O   1 
ATOM   1109 C CB  . TYR A 1 141 ? 6.399   -10.086 12.742  1.000 44.782 ? 139 TYR A CB  1 
ATOM   1110 C CG  . TYR A 1 141 ? 7.883   -10.346 12.683  1.000 47.929 ? 139 TYR A CG  1 
ATOM   1111 C CD1 . TYR A 1 141 ? 8.746   -9.435  12.087  1.000 48.298 ? 139 TYR A CD1 1 
ATOM   1112 C CD2 . TYR A 1 141 ? 8.422   -11.525 13.183  1.000 48.498 ? 139 TYR A CD2 1 
ATOM   1113 C CE1 . TYR A 1 141 ? 10.106  -9.688  11.995  1.000 49.884 ? 139 TYR A CE1 1 
ATOM   1114 C CE2 . TYR A 1 141 ? 9.781   -11.789 13.107  1.000 49.125 ? 139 TYR A CE2 1 
ATOM   1115 C CZ  . TYR A 1 141 ? 10.624  -10.865 12.513  1.000 49.233 ? 139 TYR A CZ  1 
ATOM   1116 O OH  . TYR A 1 141 ? 11.959  -11.120 12.443  1.000 53.401 ? 139 TYR A OH  1 
ATOM   1117 N N   . LEU A 1 142 ? 6.606   -12.895 10.856  1.000 48.864 ? 140 LEU A N   1 
ATOM   1118 C CA  . LEU A 1 142 ? 7.041   -14.320 10.947  1.000 52.613 ? 140 LEU A CA  1 
ATOM   1119 C C   . LEU A 1 142 ? 8.577   -14.395 10.949  1.000 53.777 ? 140 LEU A C   1 
ATOM   1120 O O   . LEU A 1 142 ? 9.268   -14.244 9.941   1.000 53.806 ? 140 LEU A O   1 
ATOM   1121 C CB  . LEU A 1 142 ? 6.420   -15.119 9.791   1.000 54.704 ? 140 LEU A CB  1 
ATOM   1122 C CG  . LEU A 1 142 ? 5.630   -16.363 10.207  1.000 55.745 ? 140 LEU A CG  1 
ATOM   1123 C CD1 . LEU A 1 142 ? 4.825   -16.913 9.037   1.000 55.062 ? 140 LEU A CD1 1 
ATOM   1124 C CD2 . LEU A 1 142 ? 6.555   -17.429 10.780  1.000 54.473 ? 140 LEU A CD2 1 
HETATM 1125 C C2  . BGC B 2 .   ? 4.376   10.347  -8.472  1.000 44.287 ? 201 BGC A C2  1 
HETATM 1126 C C3  . BGC B 2 .   ? 3.422   9.200   -8.292  1.000 42.476 ? 201 BGC A C3  1 
HETATM 1127 C C4  . BGC B 2 .   ? 2.438   9.485   -7.191  1.000 41.855 ? 201 BGC A C4  1 
HETATM 1128 C C5  . BGC B 2 .   ? 1.794   10.871  -7.326  1.000 42.646 ? 201 BGC A C5  1 
HETATM 1129 C C6  . BGC B 2 .   ? 1.159   11.244  -5.984  1.000 42.437 ? 201 BGC A C6  1 
HETATM 1130 C C1  . BGC B 2 .   ? 3.538   11.564  -8.868  1.000 44.882 ? 201 BGC A C1  1 
HETATM 1131 O O1  . BGC B 2 .   ? 4.393   12.655  -9.218  1.000 45.056 ? 201 BGC A O1  1 
HETATM 1132 O O2  . BGC B 2 .   ? 5.377   9.958   -9.425  1.000 43.704 ? 201 BGC A O2  1 
HETATM 1133 O O3  . BGC B 2 .   ? 4.155   8.015   -8.006  1.000 43.806 ? 201 BGC A O3  1 
HETATM 1134 O O4  . BGC B 2 .   ? 1.428   8.472   -7.301  1.000 40.487 ? 201 BGC A O4  1 
HETATM 1135 O O5  . BGC B 2 .   ? 2.704   11.917  -7.757  1.000 44.616 ? 201 BGC A O5  1 
HETATM 1136 O O6  . BGC B 2 .   ? -0.119  10.633  -5.789  1.000 38.070 ? 201 BGC A O6  1 
HETATM 1137 C C2  . BGC C 2 .   ? 4.867   -10.681 -9.401  1.000 38.166 ? 202 BGC A C2  1 
HETATM 1138 C C3  . BGC C 2 .   ? 4.843   -10.492 -10.908 1.000 36.221 ? 202 BGC A C3  1 
HETATM 1139 C C4  . BGC C 2 .   ? 5.123   -9.043  -11.299 1.000 36.835 ? 202 BGC A C4  1 
HETATM 1140 C C5  . BGC C 2 .   ? 6.160   -8.326  -10.429 1.000 38.170 ? 202 BGC A C5  1 
HETATM 1141 C C6  . BGC C 2 .   ? 5.926   -6.819  -10.577 1.000 39.402 ? 202 BGC A C6  1 
HETATM 1142 C C1  . BGC C 2 .   ? 6.225   -10.178 -8.943  1.000 39.203 ? 202 BGC A C1  1 
HETATM 1143 O O1  . BGC C 2 .   ? 6.534   -10.664 -7.638  1.000 44.396 ? 202 BGC A O1  1 
HETATM 1144 O O2  . BGC C 2 .   ? 4.697   -12.047 -9.034  1.000 37.311 ? 202 BGC A O2  1 
HETATM 1145 O O3  . BGC C 2 .   ? 3.582   -10.892 -11.409 1.000 37.434 ? 202 BGC A O3  1 
HETATM 1146 O O4  . BGC C 2 .   ? 5.630   -9.005  -12.642 1.000 37.611 ? 202 BGC A O4  1 
HETATM 1147 O O5  . BGC C 2 .   ? 6.166   -8.750  -9.058  1.000 38.889 ? 202 BGC A O5  1 
HETATM 1148 O O6  . BGC C 2 .   ? 6.988   -6.098  -9.959  1.000 42.298 ? 202 BGC A O6  1 
HETATM 1149 C C2  . BGC D 2 .   ? 10.793  -5.065  -10.750 1.000 58.039 ? 203 BGC A C2  1 
HETATM 1150 C C3  . BGC D 2 .   ? 10.780  -5.658  -9.354  1.000 56.598 ? 203 BGC A C3  1 
HETATM 1151 C C4  . BGC D 2 .   ? 11.637  -4.734  -8.501  1.000 55.547 ? 203 BGC A C4  1 
HETATM 1152 C C5  . BGC D 2 .   ? 11.212  -3.248  -8.621  1.000 57.125 ? 203 BGC A C5  1 
HETATM 1153 C C6  . BGC D 2 .   ? 12.387  -2.284  -8.473  1.000 59.564 ? 203 BGC A C6  1 
HETATM 1154 C C1  . BGC D 2 .   ? 10.019  -3.761  -10.741 1.000 59.120 ? 203 BGC A C1  1 
HETATM 1155 O O1  . BGC D 2 .   ? 10.057  -3.238  -12.063 1.000 61.173 ? 203 BGC A O1  1 
HETATM 1156 O O2  . BGC D 2 .   ? 10.147  -5.913  -11.675 1.000 61.359 ? 203 BGC A O2  1 
HETATM 1157 O O3  . BGC D 2 .   ? 11.254  -7.017  -9.319  1.000 53.163 ? 203 BGC A O3  1 
HETATM 1158 O O4  . BGC D 2 .   ? 11.541  -5.219  -7.148  1.000 50.166 ? 203 BGC A O4  1 
HETATM 1159 O O5  . BGC D 2 .   ? 10.594  -2.809  -9.852  1.000 59.778 ? 203 BGC A O5  1 
HETATM 1160 O O6  . BGC D 2 .   ? 11.887  -1.003  -8.068  1.000 61.181 ? 203 BGC A O6  1 
HETATM 1161 O O   . HOH E 3 .   ? -2.775  11.359  2.891   1.000 29.124 ? 301 HOH A O   1 
HETATM 1162 O O   . HOH E 3 .   ? 11.838  11.736  7.944   1.000 31.305 ? 302 HOH A O   1 
HETATM 1163 O O   . HOH E 3 .   ? 11.778  0.163   2.071   1.000 17.845 ? 303 HOH A O   1 
HETATM 1164 O O   . HOH E 3 .   ? 14.825  14.528  -2.763  1.000 26.025 ? 304 HOH A O   1 
HETATM 1165 O O   . HOH E 3 .   ? 12.555  0.349   -5.964  1.000 17.397 ? 305 HOH A O   1 
HETATM 1166 O O   . HOH E 3 .   ? 12.012  7.422   10.171  1.000 32.588 ? 306 HOH A O   1 
HETATM 1167 O O   . HOH E 3 .   ? 0.021   9.213   2.792   1.000 17.753 ? 307 HOH A O   1 
HETATM 1168 O O   . HOH E 3 .   ? -11.358 9.228   -1.573  0.500 31.290 ? 308 HOH A O   1 
HETATM 1169 O O   . HOH E 3 .   ? -17.436 -0.958  -13.615 1.000 23.794 ? 309 HOH A O   1 
HETATM 1170 O O   . HOH E 3 .   ? -11.079 1.574   -14.440 1.000 25.585 ? 310 HOH A O   1 
HETATM 1171 O O   . HOH E 3 .   ? -0.492  -8.766  8.803   1.000 28.610 ? 311 HOH A O   1 
HETATM 1172 O O   . HOH E 3 .   ? 10.087  0.330   10.511  1.000 16.251 ? 312 HOH A O   1 
HETATM 1173 O O   . HOH E 3 .   ? -0.131  10.902  -3.109  1.000 22.269 ? 313 HOH A O   1 
HETATM 1174 O O   . HOH E 3 .   ? -14.094 2.093   6.021   1.000 20.015 ? 314 HOH A O   1 
HETATM 1175 O O   . HOH E 3 .   ? -15.854 -1.684  -7.161  1.000 23.778 ? 315 HOH A O   1 
HETATM 1176 O O   . HOH E 3 .   ? 7.600   14.269  2.137   1.000 17.921 ? 316 HOH A O   1 
HETATM 1177 O O   . HOH E 3 .   ? 11.968  1.864   -0.069  1.000 18.429 ? 317 HOH A O   1 
HETATM 1178 O O   . HOH E 3 .   ? 1.198   -16.016 -6.461  1.000 28.416 ? 318 HOH A O   1 
HETATM 1179 O O   . HOH E 3 .   ? -9.347  9.509   -4.446  0.500 24.405 ? 319 HOH A O   1 
HETATM 1180 O O   . HOH E 3 .   ? 8.120   15.785  -6.350  1.000 19.457 ? 320 HOH A O   1 
HETATM 1181 O O   . HOH E 3 .   ? -9.159  9.368   1.339   1.000 15.210 ? 321 HOH A O   1 
HETATM 1182 O O   . HOH E 3 .   ? -3.339  -11.478 -0.447  1.000 29.563 ? 322 HOH A O   1 
HETATM 1183 O O   . HOH E 3 .   ? -10.716 -7.984  -5.584  1.000 23.090 ? 323 HOH A O   1 
HETATM 1184 O O   . HOH E 3 .   ? -1.449  -4.217  13.705  1.000 27.990 ? 324 HOH A O   1 
HETATM 1185 O O   . HOH E 3 .   ? 9.982   13.285  6.425   1.000 20.148 ? 325 HOH A O   1 
HETATM 1186 O O   . HOH E 3 .   ? 18.266  3.323   4.095   1.000 26.982 ? 326 HOH A O   1 
HETATM 1187 O O   . HOH E 3 .   ? -6.838  6.600   11.604  1.000 29.896 ? 327 HOH A O   1 
HETATM 1188 O O   . HOH E 3 .   ? -1.327  3.971   15.853  1.000 27.294 ? 328 HOH A O   1 
HETATM 1189 O O   . HOH E 3 .   ? 15.337  6.419   -4.918  1.000 33.940 ? 329 HOH A O   1 
HETATM 1190 O O   . HOH E 3 .   ? 14.105  6.574   -7.672  1.000 26.869 ? 330 HOH A O   1 
# 
loop_
_pdbx_poly_seq_scheme.asym_id 
_pdbx_poly_seq_scheme.entity_id 
_pdbx_poly_seq_scheme.seq_id 
_pdbx_poly_seq_scheme.mon_id 
_pdbx_poly_seq_scheme.ndb_seq_num 
_pdbx_poly_seq_scheme.pdb_seq_num 
_pdbx_poly_seq_scheme.auth_seq_num 
_pdbx_poly_seq_scheme.pdb_mon_id 
_pdbx_poly_seq_scheme.auth_mon_id 
_pdbx_poly_seq_scheme.pdb_strand_id 
_pdbx_poly_seq_scheme.pdb_ins_code 
_pdbx_poly_seq_scheme.hetero 
A 1 1   GLY 1   -1  ?   ?   ?   A . n 
A 1 2   SER 2   0   ?   ?   ?   A . n 
A 1 3   MET 3   1   ?   ?   ?   A . n 
A 1 4   SER 4   2   ?   ?   ?   A . n 
A 1 5   LEU 5   3   3   LEU LEU A . n 
A 1 6   LEU 6   4   4   LEU LEU A . n 
A 1 7   PRO 7   5   5   PRO PRO A . n 
A 1 8   VAL 8   6   6   VAL VAL A . n 
A 1 9   PRO 9   7   7   PRO PRO A . n 
A 1 10  TYR 10  8   8   TYR TYR A . n 
A 1 11  THR 11  9   9   THR THR A . n 
A 1 12  GLU 12  10  10  GLU GLU A . n 
A 1 13  ALA 13  11  11  ALA ALA A . n 
A 1 14  ALA 14  12  12  ALA ALA A . n 
A 1 15  SER 15  13  13  SER SER A . n 
A 1 16  LEU 16  14  14  LEU LEU A . n 
A 1 17  SER 17  15  15  SER SER A . n 
A 1 18  THR 18  16  16  THR THR A . n 
A 1 19  GLY 19  17  17  GLY GLY A . n 
A 1 20  SER 20  18  18  SER SER A . n 
A 1 21  THR 21  19  19  THR THR A . n 
A 1 22  VAL 22  20  20  VAL VAL A . n 
A 1 23  THR 23  21  21  THR THR A . n 
A 1 24  ILE 24  22  22  ILE ILE A . n 
A 1 25  LYS 25  23  23  LYS LYS A . n 
A 1 26  GLY 26  24  24  GLY GLY A . n 
A 1 27  ARG 27  25  25  ARG ARG A . n 
A 1 28  PRO 28  26  26  PRO PRO A . n 
A 1 29  LEU 29  27  27  LEU LEU A . n 
A 1 30  VAL 30  28  28  VAL VAL A . n 
A 1 31  CYS 31  29  29  CYS CYS A . n 
A 1 32  PHE 32  30  30  PHE PHE A . n 
A 1 33  LEU 33  31  31  LEU LEU A . n 
A 1 34  ASN 34  32  32  ASN ASN A . n 
A 1 35  GLU 35  33  33  GLU GLU A . n 
A 1 36  PRO 36  34  34  PRO PRO A . n 
A 1 37  TYR 37  35  35  TYR TYR A . n 
A 1 38  LEU 38  36  36  LEU LEU A . n 
A 1 39  GLN 39  37  37  GLN GLN A . n 
A 1 40  VAL 40  38  38  VAL VAL A . n 
A 1 41  ASP 41  39  39  ASP ASP A . n 
A 1 42  PHE 42  40  40  PHE PHE A . n 
A 1 43  HIS 43  41  41  HIS HIS A . n 
A 1 44  THR 44  42  42  THR THR A . n 
A 1 45  GLU 45  43  43  GLU GLU A . n 
A 1 46  MET 46  44  44  MET MET A . n 
A 1 47  LYS 47  45  45  LYS LYS A . n 
A 1 48  GLU 48  46  46  GLU GLU A . n 
A 1 49  GLU 49  47  47  GLU GLU A . n 
A 1 50  SER 50  48  48  SER SER A . n 
A 1 51  ASP 51  49  49  ASP ASP A . n 
A 1 52  ILE 52  50  50  ILE ILE A . n 
A 1 53  VAL 53  51  51  VAL VAL A . n 
A 1 54  PHE 54  52  52  PHE PHE A . n 
A 1 55  HIS 55  53  53  HIS HIS A . n 
A 1 56  PHE 56  54  54  PHE PHE A . n 
A 1 57  GLN 57  55  55  GLN GLN A . n 
A 1 58  VAL 58  56  56  VAL VAL A . n 
A 1 59  CYS 59  57  57  CYS CYS A . n 
A 1 60  PHE 60  58  58  PHE PHE A . n 
A 1 61  GLY 61  59  59  GLY GLY A . n 
A 1 62  ARG 62  60  60  ARG ARG A . n 
A 1 63  ARG 63  61  61  ARG ARG A . n 
A 1 64  VAL 64  62  62  VAL VAL A . n 
A 1 65  VAL 65  63  63  VAL VAL A . n 
A 1 66  MET 66  64  64  MET MET A . n 
A 1 67  ASN 67  65  65  ASN ASN A . n 
A 1 68  SER 68  66  66  SER SER A . n 
A 1 69  ARG 69  67  67  ARG ARG A . n 
A 1 70  GLU 70  68  68  GLU GLU A . n 
A 1 71  TYR 71  69  69  TYR TYR A . n 
A 1 72  GLY 72  70  70  GLY GLY A . n 
A 1 73  ALA 73  71  71  ALA ALA A . n 
A 1 74  TRP 74  72  72  TRP TRP A . n 
A 1 75  LYS 75  73  73  LYS LYS A . n 
A 1 76  GLN 76  74  74  GLN GLN A . n 
A 1 77  GLN 77  75  75  GLN GLN A . n 
A 1 78  VAL 78  76  76  VAL VAL A . n 
A 1 79  GLU 79  77  77  GLU GLU A . n 
A 1 80  SER 80  78  78  SER SER A . n 
A 1 81  LYS 81  79  79  LYS LYS A . n 
A 1 82  ASN 82  80  80  ASN ASN A . n 
A 1 83  MET 83  81  81  MET MET A . n 
A 1 84  PRO 84  82  82  PRO PRO A . n 
A 1 85  PHE 85  83  83  PHE PHE A . n 
A 1 86  GLN 86  84  84  GLN GLN A . n 
A 1 87  ASP 87  85  85  ASP ASP A . n 
A 1 88  GLY 88  86  86  GLY GLY A . n 
A 1 89  GLN 89  87  87  GLN GLN A . n 
A 1 90  GLU 90  88  88  GLU GLU A . n 
A 1 91  PHE 91  89  89  PHE PHE A . n 
A 1 92  GLU 92  90  90  GLU GLU A . n 
A 1 93  LEU 93  91  91  LEU LEU A . n 
A 1 94  SER 94  92  92  SER SER A . n 
A 1 95  ILE 95  93  93  ILE ILE A . n 
A 1 96  SER 96  94  94  SER SER A . n 
A 1 97  VAL 97  95  95  VAL VAL A . n 
A 1 98  LEU 98  96  96  LEU LEU A . n 
A 1 99  PRO 99  97  97  PRO PRO A . n 
A 1 100 ASP 100 98  98  ASP ASP A . n 
A 1 101 LYS 101 99  99  LYS LYS A . n 
A 1 102 TYR 102 100 100 TYR TYR A . n 
A 1 103 GLN 103 101 101 GLN GLN A . n 
A 1 104 VAL 104 102 102 VAL VAL A . n 
A 1 105 MET 105 103 103 MET MET A . n 
A 1 106 VAL 106 104 104 VAL VAL A . n 
A 1 107 ASN 107 105 105 ASN ASN A . n 
A 1 108 GLY 108 106 106 GLY GLY A . n 
A 1 109 GLN 109 107 107 GLN GLN A . n 
A 1 110 SER 110 108 108 SER SER A . n 
A 1 111 SER 111 109 109 SER SER A . n 
A 1 112 TYR 112 110 110 TYR TYR A . n 
A 1 113 THR 113 111 111 THR THR A . n 
A 1 114 PHE 114 112 112 PHE PHE A . n 
A 1 115 ASP 115 113 113 ASP ASP A . n 
A 1 116 HIS 116 114 114 HIS HIS A . n 
A 1 117 ARG 117 115 115 ARG ARG A . n 
A 1 118 ILE 118 116 116 ILE ILE A . n 
A 1 119 LYS 119 117 117 LYS LYS A . n 
A 1 120 PRO 120 118 118 PRO PRO A . n 
A 1 121 GLU 121 119 119 GLU GLU A . n 
A 1 122 ALA 122 120 120 ALA ALA A . n 
A 1 123 VAL 123 121 121 VAL VAL A . n 
A 1 124 LYS 124 122 122 LYS LYS A . n 
A 1 125 MET 125 123 123 MET MET A . n 
A 1 126 VAL 126 124 124 VAL VAL A . n 
A 1 127 GLN 127 125 125 GLN GLN A . n 
A 1 128 VAL 128 126 126 VAL VAL A . n 
A 1 129 TRP 129 127 127 TRP TRP A . n 
A 1 130 ARG 130 128 128 ARG ARG A . n 
A 1 131 ASP 131 129 129 ASP ASP A . n 
A 1 132 ILE 132 130 130 ILE ILE A . n 
A 1 133 SER 133 131 131 SER SER A . n 
A 1 134 LEU 134 132 132 LEU LEU A . n 
A 1 135 THR 135 133 133 THR THR A . n 
A 1 136 LYS 136 134 134 LYS LYS A . n 
A 1 137 PHE 137 135 135 PHE PHE A . n 
A 1 138 ASN 138 136 136 ASN ASN A . n 
A 1 139 VAL 139 137 137 VAL VAL A . n 
A 1 140 SER 140 138 138 SER SER A . n 
A 1 141 TYR 141 139 139 TYR TYR A . n 
A 1 142 LEU 142 140 140 LEU LEU A . n 
A 1 143 LYS 143 141 ?   ?   ?   A . n 
A 1 144 ARG 144 142 ?   ?   ?   A . n 
# 
loop_
_pdbx_nonpoly_scheme.asym_id 
_pdbx_nonpoly_scheme.entity_id 
_pdbx_nonpoly_scheme.mon_id 
_pdbx_nonpoly_scheme.ndb_seq_num 
_pdbx_nonpoly_scheme.pdb_seq_num 
_pdbx_nonpoly_scheme.auth_seq_num 
_pdbx_nonpoly_scheme.pdb_mon_id 
_pdbx_nonpoly_scheme.auth_mon_id 
_pdbx_nonpoly_scheme.pdb_strand_id 
_pdbx_nonpoly_scheme.pdb_ins_code 
B 2 BGC 1  201 201 BGC BGC A . 
C 2 BGC 1  202 202 BGC BGC A . 
D 2 BGC 1  203 203 BGC BGC A . 
E 3 HOH 1  301 28  HOH HOH A . 
E 3 HOH 2  302 16  HOH HOH A . 
E 3 HOH 3  303 1   HOH HOH A . 
E 3 HOH 4  304 24  HOH HOH A . 
E 3 HOH 5  305 30  HOH HOH A . 
E 3 HOH 6  306 26  HOH HOH A . 
E 3 HOH 7  307 8   HOH HOH A . 
E 3 HOH 8  308 14  HOH HOH A . 
E 3 HOH 9  309 3   HOH HOH A . 
E 3 HOH 10 310 20  HOH HOH A . 
E 3 HOH 11 311 11  HOH HOH A . 
E 3 HOH 12 312 5   HOH HOH A . 
E 3 HOH 13 313 7   HOH HOH A . 
E 3 HOH 14 314 6   HOH HOH A . 
E 3 HOH 15 315 10  HOH HOH A . 
E 3 HOH 16 316 4   HOH HOH A . 
E 3 HOH 17 317 12  HOH HOH A . 
E 3 HOH 18 318 21  HOH HOH A . 
E 3 HOH 19 319 2   HOH HOH A . 
E 3 HOH 20 320 15  HOH HOH A . 
E 3 HOH 21 321 9   HOH HOH A . 
E 3 HOH 22 322 18  HOH HOH A . 
E 3 HOH 23 323 23  HOH HOH A . 
E 3 HOH 24 324 19  HOH HOH A . 
E 3 HOH 25 325 17  HOH HOH A . 
E 3 HOH 26 326 13  HOH HOH A . 
E 3 HOH 27 327 22  HOH HOH A . 
E 3 HOH 28 328 29  HOH HOH A . 
E 3 HOH 29 329 27  HOH HOH A . 
E 3 HOH 30 330 25  HOH HOH A . 
# 
_pdbx_struct_assembly.id                   1 
_pdbx_struct_assembly.details              author_defined_assembly 
_pdbx_struct_assembly.method_details       ? 
_pdbx_struct_assembly.oligomeric_details   dimeric 
_pdbx_struct_assembly.oligomeric_count     2 
# 
loop_
_pdbx_struct_assembly_gen.assembly_id 
_pdbx_struct_assembly_gen.oper_expression 
_pdbx_struct_assembly_gen.asym_id_list 
1 1 A,B,C,D,E 
1 2 A,B,C,D,E 
# 
loop_
_pdbx_struct_oper_list.id 
_pdbx_struct_oper_list.type 
_pdbx_struct_oper_list.name 
_pdbx_struct_oper_list.symmetry_operation 
_pdbx_struct_oper_list.matrix[1][1] 
_pdbx_struct_oper_list.matrix[1][2] 
_pdbx_struct_oper_list.matrix[1][3] 
_pdbx_struct_oper_list.vector[1] 
_pdbx_struct_oper_list.matrix[2][1] 
_pdbx_struct_oper_list.matrix[2][2] 
_pdbx_struct_oper_list.matrix[2][3] 
_pdbx_struct_oper_list.vector[2] 
_pdbx_struct_oper_list.matrix[3][1] 
_pdbx_struct_oper_list.matrix[3][2] 
_pdbx_struct_oper_list.matrix[3][3] 
_pdbx_struct_oper_list.vector[3] 
1 'identity operation'         1_555  x,y,z         1.0000000000  0.0000000000 0.0000000000  0.0000000000   0.0000000000 1.0000000000  0.0000000000  0.0000000000  0.0000000000  0.0000000000  1.0000000000 0.0000000000   
2 'crystal symmetry operation' 11_555 -x+y,y,-z+1/2 -0.3464370927 0.0911233898 -0.9336369041 -17.6025496348 0.0911233898 -0.9872950682 -0.1301728703 19.1696973548 -0.9336369041 -0.1301728703 0.3337321608 -10.4511354134 
# 
loop_
_pdbx_struct_special_symmetry.id 
_pdbx_struct_special_symmetry.PDB_model_num 
_pdbx_struct_special_symmetry.auth_asym_id 
_pdbx_struct_special_symmetry.auth_comp_id 
_pdbx_struct_special_symmetry.auth_seq_id 
_pdbx_struct_special_symmetry.PDB_ins_code 
_pdbx_struct_special_symmetry.label_asym_id 
_pdbx_struct_special_symmetry.label_comp_id 
_pdbx_struct_special_symmetry.label_seq_id 
1 1 A HOH 308 ? E HOH . 
2 1 A HOH 319 ? E HOH . 
# 
loop_
_pdbx_audit_revision_history.ordinal 
_pdbx_audit_revision_history.data_content_type 
_pdbx_audit_revision_history.major_revision 
_pdbx_audit_revision_history.minor_revision 
_pdbx_audit_revision_history.revision_date 
1 'Structure model' 1 0 2020-03-04 
2 'Structure model' 1 1 2020-07-29 
3 'Structure model' 1 2 2023-11-22 
# 
loop_
_pdbx_audit_revision_details.ordinal 
_pdbx_audit_revision_details.revision_ordinal 
_pdbx_audit_revision_details.data_content_type 
_pdbx_audit_revision_details.provider 
_pdbx_audit_revision_details.type 
_pdbx_audit_revision_details.description 
_pdbx_audit_revision_details.details 
1 1 'Structure model' repository 'Initial release' ?                          ? 
2 2 'Structure model' repository Remediation       'Carbohydrate remediation' ? 
# 
loop_
_pdbx_audit_revision_group.ordinal 
_pdbx_audit_revision_group.revision_ordinal 
_pdbx_audit_revision_group.data_content_type 
_pdbx_audit_revision_group.group 
1 2 'Structure model' 'Data collection'        
2 2 'Structure model' 'Derived calculations'   
3 2 'Structure model' 'Structure summary'      
4 3 'Structure model' 'Data collection'        
5 3 'Structure model' 'Database references'    
6 3 'Structure model' 'Derived calculations'   
7 3 'Structure model' 'Refinement description' 
8 3 'Structure model' 'Structure summary'      
# 
loop_
_pdbx_audit_revision_category.ordinal 
_pdbx_audit_revision_category.revision_ordinal 
_pdbx_audit_revision_category.data_content_type 
_pdbx_audit_revision_category.category 
1  2 'Structure model' chem_comp                     
2  2 'Structure model' entity                        
3  2 'Structure model' pdbx_chem_comp_identifier     
4  2 'Structure model' pdbx_entity_nonpoly           
5  3 'Structure model' atom_type                     
6  3 'Structure model' chem_comp                     
7  3 'Structure model' chem_comp_atom                
8  3 'Structure model' chem_comp_bond                
9  3 'Structure model' database_2                    
10 3 'Structure model' pdbx_initial_refinement_model 
# 
loop_
_pdbx_audit_revision_item.ordinal 
_pdbx_audit_revision_item.revision_ordinal 
_pdbx_audit_revision_item.data_content_type 
_pdbx_audit_revision_item.item 
1 2 'Structure model' '_chem_comp.name'                     
2 2 'Structure model' '_entity.pdbx_description'            
3 2 'Structure model' '_pdbx_entity_nonpoly.name'           
4 3 'Structure model' '_atom_type.pdbx_N_electrons'         
5 3 'Structure model' '_atom_type.pdbx_scat_Z'              
6 3 'Structure model' '_chem_comp.pdbx_synonyms'            
7 3 'Structure model' '_database_2.pdbx_DOI'                
8 3 'Structure model' '_database_2.pdbx_database_accession' 
# 
loop_
_software.citation_id 
_software.classification 
_software.compiler_name 
_software.compiler_version 
_software.contact_author 
_software.contact_author_email 
_software.date 
_software.description 
_software.dependencies 
_software.hardware 
_software.language 
_software.location 
_software.mods 
_software.name 
_software.os 
_software.os_version 
_software.type 
_software.version 
_software.pdbx_ordinal 
? refinement       ? ? ? ? ? ? ? ? ? ? ? REFMAC ? ? ? 5.8.0253 1 
? 'data reduction' ? ? ? ? ? ? ? ? ? ? ? XDS    ? ? ? .        2 
? 'data scaling'   ? ? ? ? ? ? ? ? ? ? ? XDS    ? ? ? .        3 
? phasing          ? ? ? ? ? ? ? ? ? ? ? MOLREP ? ? ? .        4 
# 
_pdbx_entry_details.entry_id                 6L64 
_pdbx_entry_details.has_ligand_of_interest   Y 
_pdbx_entry_details.compound_details         ? 
_pdbx_entry_details.source_details           ? 
_pdbx_entry_details.nonpolymer_details       ? 
_pdbx_entry_details.sequence_details         ? 
# 
loop_
_pdbx_validate_torsion.id 
_pdbx_validate_torsion.PDB_model_num 
_pdbx_validate_torsion.auth_comp_id 
_pdbx_validate_torsion.auth_asym_id 
_pdbx_validate_torsion.auth_seq_id 
_pdbx_validate_torsion.PDB_ins_code 
_pdbx_validate_torsion.label_alt_id 
_pdbx_validate_torsion.phi 
_pdbx_validate_torsion.psi 
1 1 ARG A 60  ? ? -124.89 -69.36  
2 1 LYS A 73  ? ? -99.08  -150.40 
3 1 SER A 109 ? ? -130.06 -38.56  
4 1 ARG A 128 ? ? 85.15   -150.15 
5 1 ASP A 129 ? ? -92.60  58.02   
# 
loop_
_pdbx_unobs_or_zero_occ_residues.id 
_pdbx_unobs_or_zero_occ_residues.PDB_model_num 
_pdbx_unobs_or_zero_occ_residues.polymer_flag 
_pdbx_unobs_or_zero_occ_residues.occupancy_flag 
_pdbx_unobs_or_zero_occ_residues.auth_asym_id 
_pdbx_unobs_or_zero_occ_residues.auth_comp_id 
_pdbx_unobs_or_zero_occ_residues.auth_seq_id 
_pdbx_unobs_or_zero_occ_residues.PDB_ins_code 
_pdbx_unobs_or_zero_occ_residues.label_asym_id 
_pdbx_unobs_or_zero_occ_residues.label_comp_id 
_pdbx_unobs_or_zero_occ_residues.label_seq_id 
1 1 Y 1 A GLY -1  ? A GLY 1   
2 1 Y 1 A SER 0   ? A SER 2   
3 1 Y 1 A MET 1   ? A MET 3   
4 1 Y 1 A SER 2   ? A SER 4   
5 1 Y 1 A LYS 141 ? A LYS 143 
6 1 Y 1 A ARG 142 ? A ARG 144 
# 
loop_
_chem_comp_atom.comp_id 
_chem_comp_atom.atom_id 
_chem_comp_atom.type_symbol 
_chem_comp_atom.pdbx_aromatic_flag 
_chem_comp_atom.pdbx_stereo_config 
_chem_comp_atom.pdbx_ordinal 
ALA N    N N N 1   
ALA CA   C N S 2   
ALA C    C N N 3   
ALA O    O N N 4   
ALA CB   C N N 5   
ALA OXT  O N N 6   
ALA H    H N N 7   
ALA H2   H N N 8   
ALA HA   H N N 9   
ALA HB1  H N N 10  
ALA HB2  H N N 11  
ALA HB3  H N N 12  
ALA HXT  H N N 13  
ARG N    N N N 14  
ARG CA   C N S 15  
ARG C    C N N 16  
ARG O    O N N 17  
ARG CB   C N N 18  
ARG CG   C N N 19  
ARG CD   C N N 20  
ARG NE   N N N 21  
ARG CZ   C N N 22  
ARG NH1  N N N 23  
ARG NH2  N N N 24  
ARG OXT  O N N 25  
ARG H    H N N 26  
ARG H2   H N N 27  
ARG HA   H N N 28  
ARG HB2  H N N 29  
ARG HB3  H N N 30  
ARG HG2  H N N 31  
ARG HG3  H N N 32  
ARG HD2  H N N 33  
ARG HD3  H N N 34  
ARG HE   H N N 35  
ARG HH11 H N N 36  
ARG HH12 H N N 37  
ARG HH21 H N N 38  
ARG HH22 H N N 39  
ARG HXT  H N N 40  
ASN N    N N N 41  
ASN CA   C N S 42  
ASN C    C N N 43  
ASN O    O N N 44  
ASN CB   C N N 45  
ASN CG   C N N 46  
ASN OD1  O N N 47  
ASN ND2  N N N 48  
ASN OXT  O N N 49  
ASN H    H N N 50  
ASN H2   H N N 51  
ASN HA   H N N 52  
ASN HB2  H N N 53  
ASN HB3  H N N 54  
ASN HD21 H N N 55  
ASN HD22 H N N 56  
ASN HXT  H N N 57  
ASP N    N N N 58  
ASP CA   C N S 59  
ASP C    C N N 60  
ASP O    O N N 61  
ASP CB   C N N 62  
ASP CG   C N N 63  
ASP OD1  O N N 64  
ASP OD2  O N N 65  
ASP OXT  O N N 66  
ASP H    H N N 67  
ASP H2   H N N 68  
ASP HA   H N N 69  
ASP HB2  H N N 70  
ASP HB3  H N N 71  
ASP HD2  H N N 72  
ASP HXT  H N N 73  
BGC C2   C N R 74  
BGC C3   C N S 75  
BGC C4   C N S 76  
BGC C5   C N R 77  
BGC C6   C N N 78  
BGC C1   C N R 79  
BGC O1   O N N 80  
BGC O2   O N N 81  
BGC O3   O N N 82  
BGC O4   O N N 83  
BGC O5   O N N 84  
BGC O6   O N N 85  
BGC H2   H N N 86  
BGC H3   H N N 87  
BGC H4   H N N 88  
BGC H5   H N N 89  
BGC H61  H N N 90  
BGC H62  H N N 91  
BGC H1   H N N 92  
BGC HO1  H N N 93  
BGC HO2  H N N 94  
BGC HO3  H N N 95  
BGC HO4  H N N 96  
BGC HO6  H N N 97  
CYS N    N N N 98  
CYS CA   C N R 99  
CYS C    C N N 100 
CYS O    O N N 101 
CYS CB   C N N 102 
CYS SG   S N N 103 
CYS OXT  O N N 104 
CYS H    H N N 105 
CYS H2   H N N 106 
CYS HA   H N N 107 
CYS HB2  H N N 108 
CYS HB3  H N N 109 
CYS HG   H N N 110 
CYS HXT  H N N 111 
GLN N    N N N 112 
GLN CA   C N S 113 
GLN C    C N N 114 
GLN O    O N N 115 
GLN CB   C N N 116 
GLN CG   C N N 117 
GLN CD   C N N 118 
GLN OE1  O N N 119 
GLN NE2  N N N 120 
GLN OXT  O N N 121 
GLN H    H N N 122 
GLN H2   H N N 123 
GLN HA   H N N 124 
GLN HB2  H N N 125 
GLN HB3  H N N 126 
GLN HG2  H N N 127 
GLN HG3  H N N 128 
GLN HE21 H N N 129 
GLN HE22 H N N 130 
GLN HXT  H N N 131 
GLU N    N N N 132 
GLU CA   C N S 133 
GLU C    C N N 134 
GLU O    O N N 135 
GLU CB   C N N 136 
GLU CG   C N N 137 
GLU CD   C N N 138 
GLU OE1  O N N 139 
GLU OE2  O N N 140 
GLU OXT  O N N 141 
GLU H    H N N 142 
GLU H2   H N N 143 
GLU HA   H N N 144 
GLU HB2  H N N 145 
GLU HB3  H N N 146 
GLU HG2  H N N 147 
GLU HG3  H N N 148 
GLU HE2  H N N 149 
GLU HXT  H N N 150 
GLY N    N N N 151 
GLY CA   C N N 152 
GLY C    C N N 153 
GLY O    O N N 154 
GLY OXT  O N N 155 
GLY H    H N N 156 
GLY H2   H N N 157 
GLY HA2  H N N 158 
GLY HA3  H N N 159 
GLY HXT  H N N 160 
HIS N    N N N 161 
HIS CA   C N S 162 
HIS C    C N N 163 
HIS O    O N N 164 
HIS CB   C N N 165 
HIS CG   C Y N 166 
HIS ND1  N Y N 167 
HIS CD2  C Y N 168 
HIS CE1  C Y N 169 
HIS NE2  N Y N 170 
HIS OXT  O N N 171 
HIS H    H N N 172 
HIS H2   H N N 173 
HIS HA   H N N 174 
HIS HB2  H N N 175 
HIS HB3  H N N 176 
HIS HD1  H N N 177 
HIS HD2  H N N 178 
HIS HE1  H N N 179 
HIS HE2  H N N 180 
HIS HXT  H N N 181 
HOH O    O N N 182 
HOH H1   H N N 183 
HOH H2   H N N 184 
ILE N    N N N 185 
ILE CA   C N S 186 
ILE C    C N N 187 
ILE O    O N N 188 
ILE CB   C N S 189 
ILE CG1  C N N 190 
ILE CG2  C N N 191 
ILE CD1  C N N 192 
ILE OXT  O N N 193 
ILE H    H N N 194 
ILE H2   H N N 195 
ILE HA   H N N 196 
ILE HB   H N N 197 
ILE HG12 H N N 198 
ILE HG13 H N N 199 
ILE HG21 H N N 200 
ILE HG22 H N N 201 
ILE HG23 H N N 202 
ILE HD11 H N N 203 
ILE HD12 H N N 204 
ILE HD13 H N N 205 
ILE HXT  H N N 206 
LEU N    N N N 207 
LEU CA   C N S 208 
LEU C    C N N 209 
LEU O    O N N 210 
LEU CB   C N N 211 
LEU CG   C N N 212 
LEU CD1  C N N 213 
LEU CD2  C N N 214 
LEU OXT  O N N 215 
LEU H    H N N 216 
LEU H2   H N N 217 
LEU HA   H N N 218 
LEU HB2  H N N 219 
LEU HB3  H N N 220 
LEU HG   H N N 221 
LEU HD11 H N N 222 
LEU HD12 H N N 223 
LEU HD13 H N N 224 
LEU HD21 H N N 225 
LEU HD22 H N N 226 
LEU HD23 H N N 227 
LEU HXT  H N N 228 
LYS N    N N N 229 
LYS CA   C N S 230 
LYS C    C N N 231 
LYS O    O N N 232 
LYS CB   C N N 233 
LYS CG   C N N 234 
LYS CD   C N N 235 
LYS CE   C N N 236 
LYS NZ   N N N 237 
LYS OXT  O N N 238 
LYS H    H N N 239 
LYS H2   H N N 240 
LYS HA   H N N 241 
LYS HB2  H N N 242 
LYS HB3  H N N 243 
LYS HG2  H N N 244 
LYS HG3  H N N 245 
LYS HD2  H N N 246 
LYS HD3  H N N 247 
LYS HE2  H N N 248 
LYS HE3  H N N 249 
LYS HZ1  H N N 250 
LYS HZ2  H N N 251 
LYS HZ3  H N N 252 
LYS HXT  H N N 253 
MET N    N N N 254 
MET CA   C N S 255 
MET C    C N N 256 
MET O    O N N 257 
MET CB   C N N 258 
MET CG   C N N 259 
MET SD   S N N 260 
MET CE   C N N 261 
MET OXT  O N N 262 
MET H    H N N 263 
MET H2   H N N 264 
MET HA   H N N 265 
MET HB2  H N N 266 
MET HB3  H N N 267 
MET HG2  H N N 268 
MET HG3  H N N 269 
MET HE1  H N N 270 
MET HE2  H N N 271 
MET HE3  H N N 272 
MET HXT  H N N 273 
PHE N    N N N 274 
PHE CA   C N S 275 
PHE C    C N N 276 
PHE O    O N N 277 
PHE CB   C N N 278 
PHE CG   C Y N 279 
PHE CD1  C Y N 280 
PHE CD2  C Y N 281 
PHE CE1  C Y N 282 
PHE CE2  C Y N 283 
PHE CZ   C Y N 284 
PHE OXT  O N N 285 
PHE H    H N N 286 
PHE H2   H N N 287 
PHE HA   H N N 288 
PHE HB2  H N N 289 
PHE HB3  H N N 290 
PHE HD1  H N N 291 
PHE HD2  H N N 292 
PHE HE1  H N N 293 
PHE HE2  H N N 294 
PHE HZ   H N N 295 
PHE HXT  H N N 296 
PRO N    N N N 297 
PRO CA   C N S 298 
PRO C    C N N 299 
PRO O    O N N 300 
PRO CB   C N N 301 
PRO CG   C N N 302 
PRO CD   C N N 303 
PRO OXT  O N N 304 
PRO H    H N N 305 
PRO HA   H N N 306 
PRO HB2  H N N 307 
PRO HB3  H N N 308 
PRO HG2  H N N 309 
PRO HG3  H N N 310 
PRO HD2  H N N 311 
PRO HD3  H N N 312 
PRO HXT  H N N 313 
SER N    N N N 314 
SER CA   C N S 315 
SER C    C N N 316 
SER O    O N N 317 
SER CB   C N N 318 
SER OG   O N N 319 
SER OXT  O N N 320 
SER H    H N N 321 
SER H2   H N N 322 
SER HA   H N N 323 
SER HB2  H N N 324 
SER HB3  H N N 325 
SER HG   H N N 326 
SER HXT  H N N 327 
THR N    N N N 328 
THR CA   C N S 329 
THR C    C N N 330 
THR O    O N N 331 
THR CB   C N R 332 
THR OG1  O N N 333 
THR CG2  C N N 334 
THR OXT  O N N 335 
THR H    H N N 336 
THR H2   H N N 337 
THR HA   H N N 338 
THR HB   H N N 339 
THR HG1  H N N 340 
THR HG21 H N N 341 
THR HG22 H N N 342 
THR HG23 H N N 343 
THR HXT  H N N 344 
TRP N    N N N 345 
TRP CA   C N S 346 
TRP C    C N N 347 
TRP O    O N N 348 
TRP CB   C N N 349 
TRP CG   C Y N 350 
TRP CD1  C Y N 351 
TRP CD2  C Y N 352 
TRP NE1  N Y N 353 
TRP CE2  C Y N 354 
TRP CE3  C Y N 355 
TRP CZ2  C Y N 356 
TRP CZ3  C Y N 357 
TRP CH2  C Y N 358 
TRP OXT  O N N 359 
TRP H    H N N 360 
TRP H2   H N N 361 
TRP HA   H N N 362 
TRP HB2  H N N 363 
TRP HB3  H N N 364 
TRP HD1  H N N 365 
TRP HE1  H N N 366 
TRP HE3  H N N 367 
TRP HZ2  H N N 368 
TRP HZ3  H N N 369 
TRP HH2  H N N 370 
TRP HXT  H N N 371 
TYR N    N N N 372 
TYR CA   C N S 373 
TYR C    C N N 374 
TYR O    O N N 375 
TYR CB   C N N 376 
TYR CG   C Y N 377 
TYR CD1  C Y N 378 
TYR CD2  C Y N 379 
TYR CE1  C Y N 380 
TYR CE2  C Y N 381 
TYR CZ   C Y N 382 
TYR OH   O N N 383 
TYR OXT  O N N 384 
TYR H    H N N 385 
TYR H2   H N N 386 
TYR HA   H N N 387 
TYR HB2  H N N 388 
TYR HB3  H N N 389 
TYR HD1  H N N 390 
TYR HD2  H N N 391 
TYR HE1  H N N 392 
TYR HE2  H N N 393 
TYR HH   H N N 394 
TYR HXT  H N N 395 
VAL N    N N N 396 
VAL CA   C N S 397 
VAL C    C N N 398 
VAL O    O N N 399 
VAL CB   C N N 400 
VAL CG1  C N N 401 
VAL CG2  C N N 402 
VAL OXT  O N N 403 
VAL H    H N N 404 
VAL H2   H N N 405 
VAL HA   H N N 406 
VAL HB   H N N 407 
VAL HG11 H N N 408 
VAL HG12 H N N 409 
VAL HG13 H N N 410 
VAL HG21 H N N 411 
VAL HG22 H N N 412 
VAL HG23 H N N 413 
VAL HXT  H N N 414 
# 
loop_
_chem_comp_bond.comp_id 
_chem_comp_bond.atom_id_1 
_chem_comp_bond.atom_id_2 
_chem_comp_bond.value_order 
_chem_comp_bond.pdbx_aromatic_flag 
_chem_comp_bond.pdbx_stereo_config 
_chem_comp_bond.pdbx_ordinal 
ALA N   CA   sing N N 1   
ALA N   H    sing N N 2   
ALA N   H2   sing N N 3   
ALA CA  C    sing N N 4   
ALA CA  CB   sing N N 5   
ALA CA  HA   sing N N 6   
ALA C   O    doub N N 7   
ALA C   OXT  sing N N 8   
ALA CB  HB1  sing N N 9   
ALA CB  HB2  sing N N 10  
ALA CB  HB3  sing N N 11  
ALA OXT HXT  sing N N 12  
ARG N   CA   sing N N 13  
ARG N   H    sing N N 14  
ARG N   H2   sing N N 15  
ARG CA  C    sing N N 16  
ARG CA  CB   sing N N 17  
ARG CA  HA   sing N N 18  
ARG C   O    doub N N 19  
ARG C   OXT  sing N N 20  
ARG CB  CG   sing N N 21  
ARG CB  HB2  sing N N 22  
ARG CB  HB3  sing N N 23  
ARG CG  CD   sing N N 24  
ARG CG  HG2  sing N N 25  
ARG CG  HG3  sing N N 26  
ARG CD  NE   sing N N 27  
ARG CD  HD2  sing N N 28  
ARG CD  HD3  sing N N 29  
ARG NE  CZ   sing N N 30  
ARG NE  HE   sing N N 31  
ARG CZ  NH1  sing N N 32  
ARG CZ  NH2  doub N N 33  
ARG NH1 HH11 sing N N 34  
ARG NH1 HH12 sing N N 35  
ARG NH2 HH21 sing N N 36  
ARG NH2 HH22 sing N N 37  
ARG OXT HXT  sing N N 38  
ASN N   CA   sing N N 39  
ASN N   H    sing N N 40  
ASN N   H2   sing N N 41  
ASN CA  C    sing N N 42  
ASN CA  CB   sing N N 43  
ASN CA  HA   sing N N 44  
ASN C   O    doub N N 45  
ASN C   OXT  sing N N 46  
ASN CB  CG   sing N N 47  
ASN CB  HB2  sing N N 48  
ASN CB  HB3  sing N N 49  
ASN CG  OD1  doub N N 50  
ASN CG  ND2  sing N N 51  
ASN ND2 HD21 sing N N 52  
ASN ND2 HD22 sing N N 53  
ASN OXT HXT  sing N N 54  
ASP N   CA   sing N N 55  
ASP N   H    sing N N 56  
ASP N   H2   sing N N 57  
ASP CA  C    sing N N 58  
ASP CA  CB   sing N N 59  
ASP CA  HA   sing N N 60  
ASP C   O    doub N N 61  
ASP C   OXT  sing N N 62  
ASP CB  CG   sing N N 63  
ASP CB  HB2  sing N N 64  
ASP CB  HB3  sing N N 65  
ASP CG  OD1  doub N N 66  
ASP CG  OD2  sing N N 67  
ASP OD2 HD2  sing N N 68  
ASP OXT HXT  sing N N 69  
BGC C2  C3   sing N N 70  
BGC C2  C1   sing N N 71  
BGC C2  O2   sing N N 72  
BGC C2  H2   sing N N 73  
BGC C3  C4   sing N N 74  
BGC C3  O3   sing N N 75  
BGC C3  H3   sing N N 76  
BGC C4  C5   sing N N 77  
BGC C4  O4   sing N N 78  
BGC C4  H4   sing N N 79  
BGC C5  C6   sing N N 80  
BGC C5  O5   sing N N 81  
BGC C5  H5   sing N N 82  
BGC C6  O6   sing N N 83  
BGC C6  H61  sing N N 84  
BGC C6  H62  sing N N 85  
BGC C1  O1   sing N N 86  
BGC C1  O5   sing N N 87  
BGC C1  H1   sing N N 88  
BGC O1  HO1  sing N N 89  
BGC O2  HO2  sing N N 90  
BGC O3  HO3  sing N N 91  
BGC O4  HO4  sing N N 92  
BGC O6  HO6  sing N N 93  
CYS N   CA   sing N N 94  
CYS N   H    sing N N 95  
CYS N   H2   sing N N 96  
CYS CA  C    sing N N 97  
CYS CA  CB   sing N N 98  
CYS CA  HA   sing N N 99  
CYS C   O    doub N N 100 
CYS C   OXT  sing N N 101 
CYS CB  SG   sing N N 102 
CYS CB  HB2  sing N N 103 
CYS CB  HB3  sing N N 104 
CYS SG  HG   sing N N 105 
CYS OXT HXT  sing N N 106 
GLN N   CA   sing N N 107 
GLN N   H    sing N N 108 
GLN N   H2   sing N N 109 
GLN CA  C    sing N N 110 
GLN CA  CB   sing N N 111 
GLN CA  HA   sing N N 112 
GLN C   O    doub N N 113 
GLN C   OXT  sing N N 114 
GLN CB  CG   sing N N 115 
GLN CB  HB2  sing N N 116 
GLN CB  HB3  sing N N 117 
GLN CG  CD   sing N N 118 
GLN CG  HG2  sing N N 119 
GLN CG  HG3  sing N N 120 
GLN CD  OE1  doub N N 121 
GLN CD  NE2  sing N N 122 
GLN NE2 HE21 sing N N 123 
GLN NE2 HE22 sing N N 124 
GLN OXT HXT  sing N N 125 
GLU N   CA   sing N N 126 
GLU N   H    sing N N 127 
GLU N   H2   sing N N 128 
GLU CA  C    sing N N 129 
GLU CA  CB   sing N N 130 
GLU CA  HA   sing N N 131 
GLU C   O    doub N N 132 
GLU C   OXT  sing N N 133 
GLU CB  CG   sing N N 134 
GLU CB  HB2  sing N N 135 
GLU CB  HB3  sing N N 136 
GLU CG  CD   sing N N 137 
GLU CG  HG2  sing N N 138 
GLU CG  HG3  sing N N 139 
GLU CD  OE1  doub N N 140 
GLU CD  OE2  sing N N 141 
GLU OE2 HE2  sing N N 142 
GLU OXT HXT  sing N N 143 
GLY N   CA   sing N N 144 
GLY N   H    sing N N 145 
GLY N   H2   sing N N 146 
GLY CA  C    sing N N 147 
GLY CA  HA2  sing N N 148 
GLY CA  HA3  sing N N 149 
GLY C   O    doub N N 150 
GLY C   OXT  sing N N 151 
GLY OXT HXT  sing N N 152 
HIS N   CA   sing N N 153 
HIS N   H    sing N N 154 
HIS N   H2   sing N N 155 
HIS CA  C    sing N N 156 
HIS CA  CB   sing N N 157 
HIS CA  HA   sing N N 158 
HIS C   O    doub N N 159 
HIS C   OXT  sing N N 160 
HIS CB  CG   sing N N 161 
HIS CB  HB2  sing N N 162 
HIS CB  HB3  sing N N 163 
HIS CG  ND1  sing Y N 164 
HIS CG  CD2  doub Y N 165 
HIS ND1 CE1  doub Y N 166 
HIS ND1 HD1  sing N N 167 
HIS CD2 NE2  sing Y N 168 
HIS CD2 HD2  sing N N 169 
HIS CE1 NE2  sing Y N 170 
HIS CE1 HE1  sing N N 171 
HIS NE2 HE2  sing N N 172 
HIS OXT HXT  sing N N 173 
HOH O   H1   sing N N 174 
HOH O   H2   sing N N 175 
ILE N   CA   sing N N 176 
ILE N   H    sing N N 177 
ILE N   H2   sing N N 178 
ILE CA  C    sing N N 179 
ILE CA  CB   sing N N 180 
ILE CA  HA   sing N N 181 
ILE C   O    doub N N 182 
ILE C   OXT  sing N N 183 
ILE CB  CG1  sing N N 184 
ILE CB  CG2  sing N N 185 
ILE CB  HB   sing N N 186 
ILE CG1 CD1  sing N N 187 
ILE CG1 HG12 sing N N 188 
ILE CG1 HG13 sing N N 189 
ILE CG2 HG21 sing N N 190 
ILE CG2 HG22 sing N N 191 
ILE CG2 HG23 sing N N 192 
ILE CD1 HD11 sing N N 193 
ILE CD1 HD12 sing N N 194 
ILE CD1 HD13 sing N N 195 
ILE OXT HXT  sing N N 196 
LEU N   CA   sing N N 197 
LEU N   H    sing N N 198 
LEU N   H2   sing N N 199 
LEU CA  C    sing N N 200 
LEU CA  CB   sing N N 201 
LEU CA  HA   sing N N 202 
LEU C   O    doub N N 203 
LEU C   OXT  sing N N 204 
LEU CB  CG   sing N N 205 
LEU CB  HB2  sing N N 206 
LEU CB  HB3  sing N N 207 
LEU CG  CD1  sing N N 208 
LEU CG  CD2  sing N N 209 
LEU CG  HG   sing N N 210 
LEU CD1 HD11 sing N N 211 
LEU CD1 HD12 sing N N 212 
LEU CD1 HD13 sing N N 213 
LEU CD2 HD21 sing N N 214 
LEU CD2 HD22 sing N N 215 
LEU CD2 HD23 sing N N 216 
LEU OXT HXT  sing N N 217 
LYS N   CA   sing N N 218 
LYS N   H    sing N N 219 
LYS N   H2   sing N N 220 
LYS CA  C    sing N N 221 
LYS CA  CB   sing N N 222 
LYS CA  HA   sing N N 223 
LYS C   O    doub N N 224 
LYS C   OXT  sing N N 225 
LYS CB  CG   sing N N 226 
LYS CB  HB2  sing N N 227 
LYS CB  HB3  sing N N 228 
LYS CG  CD   sing N N 229 
LYS CG  HG2  sing N N 230 
LYS CG  HG3  sing N N 231 
LYS CD  CE   sing N N 232 
LYS CD  HD2  sing N N 233 
LYS CD  HD3  sing N N 234 
LYS CE  NZ   sing N N 235 
LYS CE  HE2  sing N N 236 
LYS CE  HE3  sing N N 237 
LYS NZ  HZ1  sing N N 238 
LYS NZ  HZ2  sing N N 239 
LYS NZ  HZ3  sing N N 240 
LYS OXT HXT  sing N N 241 
MET N   CA   sing N N 242 
MET N   H    sing N N 243 
MET N   H2   sing N N 244 
MET CA  C    sing N N 245 
MET CA  CB   sing N N 246 
MET CA  HA   sing N N 247 
MET C   O    doub N N 248 
MET C   OXT  sing N N 249 
MET CB  CG   sing N N 250 
MET CB  HB2  sing N N 251 
MET CB  HB3  sing N N 252 
MET CG  SD   sing N N 253 
MET CG  HG2  sing N N 254 
MET CG  HG3  sing N N 255 
MET SD  CE   sing N N 256 
MET CE  HE1  sing N N 257 
MET CE  HE2  sing N N 258 
MET CE  HE3  sing N N 259 
MET OXT HXT  sing N N 260 
PHE N   CA   sing N N 261 
PHE N   H    sing N N 262 
PHE N   H2   sing N N 263 
PHE CA  C    sing N N 264 
PHE CA  CB   sing N N 265 
PHE CA  HA   sing N N 266 
PHE C   O    doub N N 267 
PHE C   OXT  sing N N 268 
PHE CB  CG   sing N N 269 
PHE CB  HB2  sing N N 270 
PHE CB  HB3  sing N N 271 
PHE CG  CD1  doub Y N 272 
PHE CG  CD2  sing Y N 273 
PHE CD1 CE1  sing Y N 274 
PHE CD1 HD1  sing N N 275 
PHE CD2 CE2  doub Y N 276 
PHE CD2 HD2  sing N N 277 
PHE CE1 CZ   doub Y N 278 
PHE CE1 HE1  sing N N 279 
PHE CE2 CZ   sing Y N 280 
PHE CE2 HE2  sing N N 281 
PHE CZ  HZ   sing N N 282 
PHE OXT HXT  sing N N 283 
PRO N   CA   sing N N 284 
PRO N   CD   sing N N 285 
PRO N   H    sing N N 286 
PRO CA  C    sing N N 287 
PRO CA  CB   sing N N 288 
PRO CA  HA   sing N N 289 
PRO C   O    doub N N 290 
PRO C   OXT  sing N N 291 
PRO CB  CG   sing N N 292 
PRO CB  HB2  sing N N 293 
PRO CB  HB3  sing N N 294 
PRO CG  CD   sing N N 295 
PRO CG  HG2  sing N N 296 
PRO CG  HG3  sing N N 297 
PRO CD  HD2  sing N N 298 
PRO CD  HD3  sing N N 299 
PRO OXT HXT  sing N N 300 
SER N   CA   sing N N 301 
SER N   H    sing N N 302 
SER N   H2   sing N N 303 
SER CA  C    sing N N 304 
SER CA  CB   sing N N 305 
SER CA  HA   sing N N 306 
SER C   O    doub N N 307 
SER C   OXT  sing N N 308 
SER CB  OG   sing N N 309 
SER CB  HB2  sing N N 310 
SER CB  HB3  sing N N 311 
SER OG  HG   sing N N 312 
SER OXT HXT  sing N N 313 
THR N   CA   sing N N 314 
THR N   H    sing N N 315 
THR N   H2   sing N N 316 
THR CA  C    sing N N 317 
THR CA  CB   sing N N 318 
THR CA  HA   sing N N 319 
THR C   O    doub N N 320 
THR C   OXT  sing N N 321 
THR CB  OG1  sing N N 322 
THR CB  CG2  sing N N 323 
THR CB  HB   sing N N 324 
THR OG1 HG1  sing N N 325 
THR CG2 HG21 sing N N 326 
THR CG2 HG22 sing N N 327 
THR CG2 HG23 sing N N 328 
THR OXT HXT  sing N N 329 
TRP N   CA   sing N N 330 
TRP N   H    sing N N 331 
TRP N   H2   sing N N 332 
TRP CA  C    sing N N 333 
TRP CA  CB   sing N N 334 
TRP CA  HA   sing N N 335 
TRP C   O    doub N N 336 
TRP C   OXT  sing N N 337 
TRP CB  CG   sing N N 338 
TRP CB  HB2  sing N N 339 
TRP CB  HB3  sing N N 340 
TRP CG  CD1  doub Y N 341 
TRP CG  CD2  sing Y N 342 
TRP CD1 NE1  sing Y N 343 
TRP CD1 HD1  sing N N 344 
TRP CD2 CE2  doub Y N 345 
TRP CD2 CE3  sing Y N 346 
TRP NE1 CE2  sing Y N 347 
TRP NE1 HE1  sing N N 348 
TRP CE2 CZ2  sing Y N 349 
TRP CE3 CZ3  doub Y N 350 
TRP CE3 HE3  sing N N 351 
TRP CZ2 CH2  doub Y N 352 
TRP CZ2 HZ2  sing N N 353 
TRP CZ3 CH2  sing Y N 354 
TRP CZ3 HZ3  sing N N 355 
TRP CH2 HH2  sing N N 356 
TRP OXT HXT  sing N N 357 
TYR N   CA   sing N N 358 
TYR N   H    sing N N 359 
TYR N   H2   sing N N 360 
TYR CA  C    sing N N 361 
TYR CA  CB   sing N N 362 
TYR CA  HA   sing N N 363 
TYR C   O    doub N N 364 
TYR C   OXT  sing N N 365 
TYR CB  CG   sing N N 366 
TYR CB  HB2  sing N N 367 
TYR CB  HB3  sing N N 368 
TYR CG  CD1  doub Y N 369 
TYR CG  CD2  sing Y N 370 
TYR CD1 CE1  sing Y N 371 
TYR CD1 HD1  sing N N 372 
TYR CD2 CE2  doub Y N 373 
TYR CD2 HD2  sing N N 374 
TYR CE1 CZ   doub Y N 375 
TYR CE1 HE1  sing N N 376 
TYR CE2 CZ   sing Y N 377 
TYR CE2 HE2  sing N N 378 
TYR CZ  OH   sing N N 379 
TYR OH  HH   sing N N 380 
TYR OXT HXT  sing N N 381 
VAL N   CA   sing N N 382 
VAL N   H    sing N N 383 
VAL N   H2   sing N N 384 
VAL CA  C    sing N N 385 
VAL CA  CB   sing N N 386 
VAL CA  HA   sing N N 387 
VAL C   O    doub N N 388 
VAL C   OXT  sing N N 389 
VAL CB  CG1  sing N N 390 
VAL CB  CG2  sing N N 391 
VAL CB  HB   sing N N 392 
VAL CG1 HG11 sing N N 393 
VAL CG1 HG12 sing N N 394 
VAL CG1 HG13 sing N N 395 
VAL CG2 HG21 sing N N 396 
VAL CG2 HG22 sing N N 397 
VAL CG2 HG23 sing N N 398 
VAL OXT HXT  sing N N 399 
# 
loop_
_pdbx_chem_comp_identifier.comp_id 
_pdbx_chem_comp_identifier.type 
_pdbx_chem_comp_identifier.program 
_pdbx_chem_comp_identifier.program_version 
_pdbx_chem_comp_identifier.identifier 
BGC 'CONDENSED IUPAC CARBOHYDRATE SYMBOL' GMML     1.0 DGlcpb            
BGC 'COMMON NAME'                         GMML     1.0 b-D-glucopyranose 
BGC 'IUPAC CARBOHYDRATE SYMBOL'           PDB-CARE 1.0 b-D-Glcp          
BGC 'SNFG CARBOHYDRATE SYMBOL'            GMML     1.0 Glc               
# 
_pdbx_entity_instance_feature.ordinal        1 
_pdbx_entity_instance_feature.comp_id        BGC 
_pdbx_entity_instance_feature.asym_id        ? 
_pdbx_entity_instance_feature.seq_num        ? 
_pdbx_entity_instance_feature.auth_comp_id   BGC 
_pdbx_entity_instance_feature.auth_asym_id   ? 
_pdbx_entity_instance_feature.auth_seq_num   ? 
_pdbx_entity_instance_feature.feature_type   'SUBJECT OF INVESTIGATION' 
_pdbx_entity_instance_feature.details        ? 
# 
loop_
_pdbx_entity_nonpoly.entity_id 
_pdbx_entity_nonpoly.name 
_pdbx_entity_nonpoly.comp_id 
2 beta-D-glucopyranose BGC 
3 water                HOH 
# 
_pdbx_initial_refinement_model.id               1 
_pdbx_initial_refinement_model.entity_id_list   ? 
_pdbx_initial_refinement_model.type             'experimental model' 
_pdbx_initial_refinement_model.source_name      PDB 
_pdbx_initial_refinement_model.accession_code   1QKQ 
_pdbx_initial_refinement_model.details          ? 
# 
_pdbx_struct_assembly_auth_evidence.id                     1 
_pdbx_struct_assembly_auth_evidence.assembly_id            1 
_pdbx_struct_assembly_auth_evidence.experimental_support   'light scattering' 
_pdbx_struct_assembly_auth_evidence.details                ? 
# 
